data_2EYX
# 
_entry.id   2EYX 
# 
_audit_conform.dict_name       mmcif_pdbx.dic 
_audit_conform.dict_version    5.392 
_audit_conform.dict_location   http://mmcif.pdb.org/dictionaries/ascii/mmcif_pdbx.dic 
# 
loop_
_database_2.database_id 
_database_2.database_code 
_database_2.pdbx_database_accession 
_database_2.pdbx_DOI 
PDB   2EYX         pdb_00002eyx 10.2210/pdb2eyx/pdb 
RCSB  RCSB035264   ?            ?                   
WWPDB D_1000035264 ?            ?                   
# 
loop_
_pdbx_audit_revision_history.ordinal 
_pdbx_audit_revision_history.data_content_type 
_pdbx_audit_revision_history.major_revision 
_pdbx_audit_revision_history.minor_revision 
_pdbx_audit_revision_history.revision_date 
1 'Structure model' 1 0 2006-11-10 
2 'Structure model' 1 1 2008-05-01 
3 'Structure model' 1 2 2011-07-13 
4 'Structure model' 1 3 2022-03-09 
5 'Structure model' 1 4 2024-05-29 
# 
_pdbx_audit_revision_details.ordinal             1 
_pdbx_audit_revision_details.revision_ordinal    1 
_pdbx_audit_revision_details.data_content_type   'Structure model' 
_pdbx_audit_revision_details.provider            repository 
_pdbx_audit_revision_details.type                'Initial release' 
_pdbx_audit_revision_details.description         ? 
_pdbx_audit_revision_details.details             ? 
# 
loop_
_pdbx_audit_revision_group.ordinal 
_pdbx_audit_revision_group.revision_ordinal 
_pdbx_audit_revision_group.data_content_type 
_pdbx_audit_revision_group.group 
1 2 'Structure model' 'Version format compliance' 
2 3 'Structure model' 'Version format compliance' 
3 4 'Structure model' 'Data collection'           
4 4 'Structure model' 'Database references'       
5 4 'Structure model' 'Derived calculations'      
6 5 'Structure model' 'Data collection'           
# 
loop_
_pdbx_audit_revision_category.ordinal 
_pdbx_audit_revision_category.revision_ordinal 
_pdbx_audit_revision_category.data_content_type 
_pdbx_audit_revision_category.category 
1 4 'Structure model' database_2            
2 4 'Structure model' pdbx_nmr_software     
3 4 'Structure model' pdbx_struct_assembly  
4 4 'Structure model' pdbx_struct_oper_list 
5 5 'Structure model' chem_comp_atom        
6 5 'Structure model' chem_comp_bond        
# 
loop_
_pdbx_audit_revision_item.ordinal 
_pdbx_audit_revision_item.revision_ordinal 
_pdbx_audit_revision_item.data_content_type 
_pdbx_audit_revision_item.item 
1 4 'Structure model' '_database_2.pdbx_DOI'                
2 4 'Structure model' '_database_2.pdbx_database_accession' 
3 4 'Structure model' '_pdbx_nmr_software.name'             
# 
_pdbx_database_status.status_code                     REL 
_pdbx_database_status.entry_id                        2EYX 
_pdbx_database_status.recvd_initial_deposition_date   2005-11-10 
_pdbx_database_status.deposit_site                    RCSB 
_pdbx_database_status.process_site                    PDBJ 
_pdbx_database_status.status_code_sf                  ? 
_pdbx_database_status.status_code_mr                  REL 
_pdbx_database_status.SG_entry                        ? 
_pdbx_database_status.pdb_format_compatible           Y 
_pdbx_database_status.status_code_cs                  ? 
_pdbx_database_status.status_code_nmr_data            ? 
_pdbx_database_status.methods_development_category    ? 
# 
loop_
_pdbx_database_related.db_name 
_pdbx_database_related.db_id 
_pdbx_database_related.details 
_pdbx_database_related.content_type 
PDB 2EYV . unspecified 
PDB 2EYW . unspecified 
PDB 2EYY . unspecified 
PDB 2EYZ . unspecified 
# 
loop_
_audit_author.name 
_audit_author.pdbx_ordinal 
'Kobashigawa, Y.' 1 
'Tanaka, S.'      2 
'Inagaki, F.'     3 
# 
_citation.id                        primary 
_citation.title                     
'Structural basis for the transforming activity of human cancer-related signaling adaptor protein CRK.' 
_citation.journal_abbrev            Nat.Struct.Mol.Biol. 
_citation.journal_volume            14 
_citation.page_first                503 
_citation.page_last                 510 
_citation.year                      2007 
_citation.journal_id_ASTM           ? 
_citation.country                   US 
_citation.journal_id_ISSN           1545-9993 
_citation.journal_id_CSD            ? 
_citation.book_publisher            ? 
_citation.pdbx_database_id_PubMed   17515907 
_citation.pdbx_database_id_DOI      10.1038/nsmb1241 
# 
loop_
_citation_author.citation_id 
_citation_author.name 
_citation_author.ordinal 
_citation_author.identifier_ORCID 
primary 'Kobashigawa, Y.' 1 ? 
primary 'Sakai, M.'       2 ? 
primary 'Naito, M.'       3 ? 
primary 'Yokochi, M.'     4 ? 
primary 'Kumeta, H.'      5 ? 
primary 'Makino, Y.'      6 ? 
primary 'Ogura, K.'       7 ? 
primary 'Tanaka, S.'      8 ? 
primary 'Inagaki, F.'     9 ? 
# 
_entity.id                         1 
_entity.type                       polymer 
_entity.src_method                 man 
_entity.pdbx_description           'v-crk sarcoma virus CT10 oncogene homolog isoform a' 
_entity.formula_weight             7571.612 
_entity.pdbx_number_of_molecules   1 
_entity.pdbx_ec                    ? 
_entity.pdbx_mutation              ? 
_entity.pdbx_fragment              'C-terminal SH3 domain' 
_entity.details                    ? 
# 
_entity_name_com.entity_id   1 
_entity_name_com.name        'CT10-Regulated Kinase' 
# 
_entity_poly.entity_id                      1 
_entity_poly.type                           'polypeptide(L)' 
_entity_poly.nstd_linkage                   no 
_entity_poly.nstd_monomer                   no 
_entity_poly.pdbx_seq_one_letter_code       NLQNGPIYARVIQKRVPNAYDKTALALEVGELVKVTKINVSGQWEGECNGKRGHFPFTHVRLLDQQN 
_entity_poly.pdbx_seq_one_letter_code_can   NLQNGPIYARVIQKRVPNAYDKTALALEVGELVKVTKINVSGQWEGECNGKRGHFPFTHVRLLDQQN 
_entity_poly.pdbx_strand_id                 A 
_entity_poly.pdbx_target_identifier         ? 
# 
loop_
_entity_poly_seq.entity_id 
_entity_poly_seq.num 
_entity_poly_seq.mon_id 
_entity_poly_seq.hetero 
1 1  ASN n 
1 2  LEU n 
1 3  GLN n 
1 4  ASN n 
1 5  GLY n 
1 6  PRO n 
1 7  ILE n 
1 8  TYR n 
1 9  ALA n 
1 10 ARG n 
1 11 VAL n 
1 12 ILE n 
1 13 GLN n 
1 14 LYS n 
1 15 ARG n 
1 16 VAL n 
1 17 PRO n 
1 18 ASN n 
1 19 ALA n 
1 20 TYR n 
1 21 ASP n 
1 22 LYS n 
1 23 THR n 
1 24 ALA n 
1 25 LEU n 
1 26 ALA n 
1 27 LEU n 
1 28 GLU n 
1 29 VAL n 
1 30 GLY n 
1 31 GLU n 
1 32 LEU n 
1 33 VAL n 
1 34 LYS n 
1 35 VAL n 
1 36 THR n 
1 37 LYS n 
1 38 ILE n 
1 39 ASN n 
1 40 VAL n 
1 41 SER n 
1 42 GLY n 
1 43 GLN n 
1 44 TRP n 
1 45 GLU n 
1 46 GLY n 
1 47 GLU n 
1 48 CYS n 
1 49 ASN n 
1 50 GLY n 
1 51 LYS n 
1 52 ARG n 
1 53 GLY n 
1 54 HIS n 
1 55 PHE n 
1 56 PRO n 
1 57 PHE n 
1 58 THR n 
1 59 HIS n 
1 60 VAL n 
1 61 ARG n 
1 62 LEU n 
1 63 LEU n 
1 64 ASP n 
1 65 GLN n 
1 66 GLN n 
1 67 ASN n 
# 
_entity_src_gen.entity_id                          1 
_entity_src_gen.pdbx_src_id                        1 
_entity_src_gen.pdbx_alt_source_flag               sample 
_entity_src_gen.pdbx_seq_type                      ? 
_entity_src_gen.pdbx_beg_seq_num                   ? 
_entity_src_gen.pdbx_end_seq_num                   ? 
_entity_src_gen.gene_src_common_name               human 
_entity_src_gen.gene_src_genus                     ? 
_entity_src_gen.pdbx_gene_src_gene                 ? 
_entity_src_gen.gene_src_species                   ? 
_entity_src_gen.gene_src_strain                    ? 
_entity_src_gen.gene_src_tissue                    ? 
_entity_src_gen.gene_src_tissue_fraction           ? 
_entity_src_gen.gene_src_details                   ? 
_entity_src_gen.pdbx_gene_src_fragment             ? 
_entity_src_gen.pdbx_gene_src_scientific_name      'Homo sapiens' 
_entity_src_gen.pdbx_gene_src_ncbi_taxonomy_id     9606 
_entity_src_gen.pdbx_gene_src_variant              ? 
_entity_src_gen.pdbx_gene_src_cell_line            ? 
_entity_src_gen.pdbx_gene_src_atcc                 ? 
_entity_src_gen.pdbx_gene_src_organ                ? 
_entity_src_gen.pdbx_gene_src_organelle            ? 
_entity_src_gen.pdbx_gene_src_cell                 ? 
_entity_src_gen.pdbx_gene_src_cellular_location    ? 
_entity_src_gen.host_org_common_name               ? 
_entity_src_gen.pdbx_host_org_scientific_name      'Escherichia coli' 
_entity_src_gen.pdbx_host_org_ncbi_taxonomy_id     562 
_entity_src_gen.host_org_genus                     ? 
_entity_src_gen.pdbx_host_org_gene                 ? 
_entity_src_gen.pdbx_host_org_organ                ? 
_entity_src_gen.host_org_species                   ? 
_entity_src_gen.pdbx_host_org_tissue               ? 
_entity_src_gen.pdbx_host_org_tissue_fraction      ? 
_entity_src_gen.pdbx_host_org_strain               ? 
_entity_src_gen.pdbx_host_org_variant              ? 
_entity_src_gen.pdbx_host_org_cell_line            ? 
_entity_src_gen.pdbx_host_org_atcc                 ? 
_entity_src_gen.pdbx_host_org_culture_collection   ? 
_entity_src_gen.pdbx_host_org_cell                 ? 
_entity_src_gen.pdbx_host_org_organelle            ? 
_entity_src_gen.pdbx_host_org_cellular_location    ? 
_entity_src_gen.pdbx_host_org_vector_type          plasmid 
_entity_src_gen.pdbx_host_org_vector               ? 
_entity_src_gen.host_org_details                   ? 
_entity_src_gen.expression_system_id               ? 
_entity_src_gen.plasmid_name                       pET22 
_entity_src_gen.plasmid_details                    ? 
_entity_src_gen.pdbx_description                   ? 
# 
loop_
_chem_comp.id 
_chem_comp.type 
_chem_comp.mon_nstd_flag 
_chem_comp.name 
_chem_comp.pdbx_synonyms 
_chem_comp.formula 
_chem_comp.formula_weight 
ALA 'L-peptide linking' y ALANINE         ? 'C3 H7 N O2'     89.093  
ARG 'L-peptide linking' y ARGININE        ? 'C6 H15 N4 O2 1' 175.209 
ASN 'L-peptide linking' y ASPARAGINE      ? 'C4 H8 N2 O3'    132.118 
ASP 'L-peptide linking' y 'ASPARTIC ACID' ? 'C4 H7 N O4'     133.103 
CYS 'L-peptide linking' y CYSTEINE        ? 'C3 H7 N O2 S'   121.158 
GLN 'L-peptide linking' y GLUTAMINE       ? 'C5 H10 N2 O3'   146.144 
GLU 'L-peptide linking' y 'GLUTAMIC ACID' ? 'C5 H9 N O4'     147.129 
GLY 'peptide linking'   y GLYCINE         ? 'C2 H5 N O2'     75.067  
HIS 'L-peptide linking' y HISTIDINE       ? 'C6 H10 N3 O2 1' 156.162 
ILE 'L-peptide linking' y ISOLEUCINE      ? 'C6 H13 N O2'    131.173 
LEU 'L-peptide linking' y LEUCINE         ? 'C6 H13 N O2'    131.173 
LYS 'L-peptide linking' y LYSINE          ? 'C6 H15 N2 O2 1' 147.195 
PHE 'L-peptide linking' y PHENYLALANINE   ? 'C9 H11 N O2'    165.189 
PRO 'L-peptide linking' y PROLINE         ? 'C5 H9 N O2'     115.130 
SER 'L-peptide linking' y SERINE          ? 'C3 H7 N O3'     105.093 
THR 'L-peptide linking' y THREONINE       ? 'C4 H9 N O3'     119.119 
TRP 'L-peptide linking' y TRYPTOPHAN      ? 'C11 H12 N2 O2'  204.225 
TYR 'L-peptide linking' y TYROSINE        ? 'C9 H11 N O3'    181.189 
VAL 'L-peptide linking' y VALINE          ? 'C5 H11 N O2'    117.146 
# 
loop_
_pdbx_poly_seq_scheme.asym_id 
_pdbx_poly_seq_scheme.entity_id 
_pdbx_poly_seq_scheme.seq_id 
_pdbx_poly_seq_scheme.mon_id 
_pdbx_poly_seq_scheme.ndb_seq_num 
_pdbx_poly_seq_scheme.pdb_seq_num 
_pdbx_poly_seq_scheme.auth_seq_num 
_pdbx_poly_seq_scheme.pdb_mon_id 
_pdbx_poly_seq_scheme.auth_mon_id 
_pdbx_poly_seq_scheme.pdb_strand_id 
_pdbx_poly_seq_scheme.pdb_ins_code 
_pdbx_poly_seq_scheme.hetero 
A 1 1  ASN 1  232 232 ASN ASN A . n 
A 1 2  LEU 2  233 233 LEU LEU A . n 
A 1 3  GLN 3  234 234 GLN GLN A . n 
A 1 4  ASN 4  235 235 ASN ASN A . n 
A 1 5  GLY 5  236 236 GLY GLY A . n 
A 1 6  PRO 6  237 237 PRO PRO A . n 
A 1 7  ILE 7  238 238 ILE ILE A . n 
A 1 8  TYR 8  239 239 TYR TYR A . n 
A 1 9  ALA 9  240 240 ALA ALA A . n 
A 1 10 ARG 10 241 241 ARG ARG A . n 
A 1 11 VAL 11 242 242 VAL VAL A . n 
A 1 12 ILE 12 243 243 ILE ILE A . n 
A 1 13 GLN 13 244 244 GLN GLN A . n 
A 1 14 LYS 14 245 245 LYS LYS A . n 
A 1 15 ARG 15 246 246 ARG ARG A . n 
A 1 16 VAL 16 247 247 VAL VAL A . n 
A 1 17 PRO 17 248 248 PRO PRO A . n 
A 1 18 ASN 18 249 249 ASN ASN A . n 
A 1 19 ALA 19 250 250 ALA ALA A . n 
A 1 20 TYR 20 251 251 TYR TYR A . n 
A 1 21 ASP 21 252 252 ASP ASP A . n 
A 1 22 LYS 22 253 253 LYS LYS A . n 
A 1 23 THR 23 254 254 THR THR A . n 
A 1 24 ALA 24 255 255 ALA ALA A . n 
A 1 25 LEU 25 256 256 LEU LEU A . n 
A 1 26 ALA 26 257 257 ALA ALA A . n 
A 1 27 LEU 27 258 258 LEU LEU A . n 
A 1 28 GLU 28 259 259 GLU GLU A . n 
A 1 29 VAL 29 260 260 VAL VAL A . n 
A 1 30 GLY 30 261 261 GLY GLY A . n 
A 1 31 GLU 31 262 262 GLU GLU A . n 
A 1 32 LEU 32 263 263 LEU LEU A . n 
A 1 33 VAL 33 264 264 VAL VAL A . n 
A 1 34 LYS 34 265 265 LYS LYS A . n 
A 1 35 VAL 35 266 266 VAL VAL A . n 
A 1 36 THR 36 267 267 THR THR A . n 
A 1 37 LYS 37 268 268 LYS LYS A . n 
A 1 38 ILE 38 269 269 ILE ILE A . n 
A 1 39 ASN 39 270 270 ASN ASN A . n 
A 1 40 VAL 40 271 271 VAL VAL A . n 
A 1 41 SER 41 272 272 SER SER A . n 
A 1 42 GLY 42 273 273 GLY GLY A . n 
A 1 43 GLN 43 274 274 GLN GLN A . n 
A 1 44 TRP 44 275 275 TRP TRP A . n 
A 1 45 GLU 45 276 276 GLU GLU A . n 
A 1 46 GLY 46 277 277 GLY GLY A . n 
A 1 47 GLU 47 278 278 GLU GLU A . n 
A 1 48 CYS 48 279 279 CYS CYS A . n 
A 1 49 ASN 49 280 280 ASN ASN A . n 
A 1 50 GLY 50 281 281 GLY GLY A . n 
A 1 51 LYS 51 282 282 LYS LYS A . n 
A 1 52 ARG 52 283 283 ARG ARG A . n 
A 1 53 GLY 53 284 284 GLY GLY A . n 
A 1 54 HIS 54 285 285 HIS HIS A . n 
A 1 55 PHE 55 286 286 PHE PHE A . n 
A 1 56 PRO 56 287 287 PRO PRO A . n 
A 1 57 PHE 57 288 288 PHE PHE A . n 
A 1 58 THR 58 289 289 THR THR A . n 
A 1 59 HIS 59 290 290 HIS HIS A . n 
A 1 60 VAL 60 291 291 VAL VAL A . n 
A 1 61 ARG 61 292 292 ARG ARG A . n 
A 1 62 LEU 62 293 293 LEU LEU A . n 
A 1 63 LEU 63 294 294 LEU LEU A . n 
A 1 64 ASP 64 295 295 ASP ASP A . n 
A 1 65 GLN 65 296 296 GLN GLN A . n 
A 1 66 GLN 66 297 297 GLN GLN A . n 
A 1 67 ASN 67 298 298 ASN ASN A . n 
# 
_exptl.entry_id          2EYX 
_exptl.method            'SOLUTION NMR' 
_exptl.crystals_number   ? 
# 
_struct.entry_id                  2EYX 
_struct.title                     'C-Terminal SH3 domain of CT10-Regulated Kinase' 
_struct.pdbx_model_details        ? 
_struct.pdbx_CASP_flag            ? 
_struct.pdbx_model_type_details   ? 
# 
_struct_keywords.entry_id        2EYX 
_struct_keywords.pdbx_keywords   'SIGNALING PROTEIN' 
_struct_keywords.text            'SH3, SIGNALING PROTEIN' 
# 
_struct_asym.id                            A 
_struct_asym.pdbx_blank_PDB_chainid_flag   N 
_struct_asym.pdbx_modified                 N 
_struct_asym.entity_id                     1 
_struct_asym.details                       ? 
# 
_struct_ref.id                         1 
_struct_ref.db_name                    UNP 
_struct_ref.db_code                    Q96HJ0_HUMAN 
_struct_ref.pdbx_db_accession          Q96HJ0 
_struct_ref.entity_id                  1 
_struct_ref.pdbx_align_begin           232 
_struct_ref.pdbx_seq_one_letter_code   ? 
_struct_ref.pdbx_db_isoform            ? 
# 
_struct_ref_seq.align_id                      1 
_struct_ref_seq.ref_id                        1 
_struct_ref_seq.pdbx_PDB_id_code              2EYX 
_struct_ref_seq.pdbx_strand_id                A 
_struct_ref_seq.seq_align_beg                 1 
_struct_ref_seq.pdbx_seq_align_beg_ins_code   ? 
_struct_ref_seq.seq_align_end                 67 
_struct_ref_seq.pdbx_seq_align_end_ins_code   ? 
_struct_ref_seq.pdbx_db_accession             Q96HJ0 
_struct_ref_seq.db_align_beg                  232 
_struct_ref_seq.pdbx_db_align_beg_ins_code    ? 
_struct_ref_seq.db_align_end                  298 
_struct_ref_seq.pdbx_db_align_end_ins_code    ? 
_struct_ref_seq.pdbx_auth_seq_align_beg       232 
_struct_ref_seq.pdbx_auth_seq_align_end       298 
# 
_pdbx_struct_assembly.id                   1 
_pdbx_struct_assembly.details              author_defined_assembly 
_pdbx_struct_assembly.method_details       ? 
_pdbx_struct_assembly.oligomeric_details   monomeric 
_pdbx_struct_assembly.oligomeric_count     1 
# 
_pdbx_struct_assembly_gen.assembly_id       1 
_pdbx_struct_assembly_gen.oper_expression   1 
_pdbx_struct_assembly_gen.asym_id_list      A 
# 
_pdbx_struct_oper_list.id                   1 
_pdbx_struct_oper_list.type                 'identity operation' 
_pdbx_struct_oper_list.name                 1_555 
_pdbx_struct_oper_list.symmetry_operation   x,y,z 
_pdbx_struct_oper_list.matrix[1][1]         1.0000000000 
_pdbx_struct_oper_list.matrix[1][2]         0.0000000000 
_pdbx_struct_oper_list.matrix[1][3]         0.0000000000 
_pdbx_struct_oper_list.vector[1]            0.0000000000 
_pdbx_struct_oper_list.matrix[2][1]         0.0000000000 
_pdbx_struct_oper_list.matrix[2][2]         1.0000000000 
_pdbx_struct_oper_list.matrix[2][3]         0.0000000000 
_pdbx_struct_oper_list.vector[2]            0.0000000000 
_pdbx_struct_oper_list.matrix[3][1]         0.0000000000 
_pdbx_struct_oper_list.matrix[3][2]         0.0000000000 
_pdbx_struct_oper_list.matrix[3][3]         1.0000000000 
_pdbx_struct_oper_list.vector[3]            0.0000000000 
# 
_struct_biol.id   1 
# 
_struct_conf.conf_type_id            HELX_P 
_struct_conf.id                      HELX_P1 
_struct_conf.pdbx_PDB_helix_id       1 
_struct_conf.beg_label_comp_id       THR 
_struct_conf.beg_label_asym_id       A 
_struct_conf.beg_label_seq_id        58 
_struct_conf.pdbx_beg_PDB_ins_code   ? 
_struct_conf.end_label_comp_id       VAL 
_struct_conf.end_label_asym_id       A 
_struct_conf.end_label_seq_id        60 
_struct_conf.pdbx_end_PDB_ins_code   ? 
_struct_conf.beg_auth_comp_id        THR 
_struct_conf.beg_auth_asym_id        A 
_struct_conf.beg_auth_seq_id         289 
_struct_conf.end_auth_comp_id        VAL 
_struct_conf.end_auth_asym_id        A 
_struct_conf.end_auth_seq_id         291 
_struct_conf.pdbx_PDB_helix_class    5 
_struct_conf.details                 ? 
_struct_conf.pdbx_PDB_helix_length   3 
# 
_struct_conf_type.id          HELX_P 
_struct_conf_type.criteria    ? 
_struct_conf_type.reference   ? 
# 
_struct_sheet.id               A 
_struct_sheet.type             ? 
_struct_sheet.number_strands   4 
_struct_sheet.details          ? 
# 
loop_
_struct_sheet_order.sheet_id 
_struct_sheet_order.range_id_1 
_struct_sheet_order.range_id_2 
_struct_sheet_order.offset 
_struct_sheet_order.sense 
A 1 2 ? anti-parallel 
A 2 3 ? anti-parallel 
A 3 4 ? anti-parallel 
# 
loop_
_struct_sheet_range.sheet_id 
_struct_sheet_range.id 
_struct_sheet_range.beg_label_comp_id 
_struct_sheet_range.beg_label_asym_id 
_struct_sheet_range.beg_label_seq_id 
_struct_sheet_range.pdbx_beg_PDB_ins_code 
_struct_sheet_range.end_label_comp_id 
_struct_sheet_range.end_label_asym_id 
_struct_sheet_range.end_label_seq_id 
_struct_sheet_range.pdbx_end_PDB_ins_code 
_struct_sheet_range.beg_auth_comp_id 
_struct_sheet_range.beg_auth_asym_id 
_struct_sheet_range.beg_auth_seq_id 
_struct_sheet_range.end_auth_comp_id 
_struct_sheet_range.end_auth_asym_id 
_struct_sheet_range.end_auth_seq_id 
A 1 ALA A 9  ? VAL A 11 ? ALA A 240 VAL A 242 
A 2 GLU A 31 ? ILE A 38 ? GLU A 262 ILE A 269 
A 3 GLN A 43 ? CYS A 48 ? GLN A 274 CYS A 279 
A 4 LYS A 51 ? PRO A 56 ? LYS A 282 PRO A 287 
# 
loop_
_pdbx_struct_sheet_hbond.sheet_id 
_pdbx_struct_sheet_hbond.range_id_1 
_pdbx_struct_sheet_hbond.range_id_2 
_pdbx_struct_sheet_hbond.range_1_label_atom_id 
_pdbx_struct_sheet_hbond.range_1_label_comp_id 
_pdbx_struct_sheet_hbond.range_1_label_asym_id 
_pdbx_struct_sheet_hbond.range_1_label_seq_id 
_pdbx_struct_sheet_hbond.range_1_PDB_ins_code 
_pdbx_struct_sheet_hbond.range_1_auth_atom_id 
_pdbx_struct_sheet_hbond.range_1_auth_comp_id 
_pdbx_struct_sheet_hbond.range_1_auth_asym_id 
_pdbx_struct_sheet_hbond.range_1_auth_seq_id 
_pdbx_struct_sheet_hbond.range_2_label_atom_id 
_pdbx_struct_sheet_hbond.range_2_label_comp_id 
_pdbx_struct_sheet_hbond.range_2_label_asym_id 
_pdbx_struct_sheet_hbond.range_2_label_seq_id 
_pdbx_struct_sheet_hbond.range_2_PDB_ins_code 
_pdbx_struct_sheet_hbond.range_2_auth_atom_id 
_pdbx_struct_sheet_hbond.range_2_auth_comp_id 
_pdbx_struct_sheet_hbond.range_2_auth_asym_id 
_pdbx_struct_sheet_hbond.range_2_auth_seq_id 
A 1 2 N ALA A 9  ? N ALA A 240 O VAL A 33 ? O VAL A 264 
A 2 3 N LYS A 37 ? N LYS A 268 O GLU A 45 ? O GLU A 276 
A 3 4 N CYS A 48 ? N CYS A 279 O LYS A 51 ? O LYS A 282 
# 
loop_
_pdbx_validate_torsion.id 
_pdbx_validate_torsion.PDB_model_num 
_pdbx_validate_torsion.auth_comp_id 
_pdbx_validate_torsion.auth_asym_id 
_pdbx_validate_torsion.auth_seq_id 
_pdbx_validate_torsion.PDB_ins_code 
_pdbx_validate_torsion.label_alt_id 
_pdbx_validate_torsion.phi 
_pdbx_validate_torsion.psi 
1 1 TYR A 251 ? ? -91.61  41.31   
2 1 VAL A 260 ? ? -36.00  119.65  
3 1 VAL A 266 ? ? -51.25  -163.48 
4 1 THR A 267 ? ? -134.20 -39.02  
5 1 PRO A 287 ? ? -69.76  97.73   
6 1 THR A 289 ? ? -69.83  0.84    
# 
_pdbx_nmr_ensemble.entry_id                                      2EYX 
_pdbx_nmr_ensemble.conformers_calculated_total_number            20 
_pdbx_nmr_ensemble.conformers_submitted_total_number             1 
_pdbx_nmr_ensemble.conformer_selection_criteria                  ? 
_pdbx_nmr_ensemble.average_constraints_per_residue               ? 
_pdbx_nmr_ensemble.average_constraint_violations_per_residue     ? 
_pdbx_nmr_ensemble.maximum_distance_constraint_violation         ? 
_pdbx_nmr_ensemble.average_distance_constraint_violation         ? 
_pdbx_nmr_ensemble.maximum_upper_distance_constraint_violation   ? 
_pdbx_nmr_ensemble.maximum_lower_distance_constraint_violation   ? 
_pdbx_nmr_ensemble.distance_constraint_violation_method          ? 
_pdbx_nmr_ensemble.maximum_torsion_angle_constraint_violation    ? 
_pdbx_nmr_ensemble.average_torsion_angle_constraint_violation    ? 
_pdbx_nmr_ensemble.torsion_angle_constraint_violation_method     ? 
# 
_pdbx_nmr_representative.entry_id             2EYX 
_pdbx_nmr_representative.conformer_id         1 
_pdbx_nmr_representative.selection_criteria   'lowest energy' 
# 
_pdbx_nmr_sample_details.solution_id      1 
_pdbx_nmr_sample_details.contents         '1.0mM C-terminal SH3 U-15N, 13C PHOSPHATE BUFFER NA; 200MM NACL;90%H2O, 10%D2O' 
_pdbx_nmr_sample_details.solvent_system   ? 
# 
_pdbx_nmr_exptl_sample_conditions.conditions_id       1 
_pdbx_nmr_exptl_sample_conditions.temperature         298 
_pdbx_nmr_exptl_sample_conditions.pressure            AMBIENT 
_pdbx_nmr_exptl_sample_conditions.pH                  6.8 
_pdbx_nmr_exptl_sample_conditions.ionic_strength      250mM 
_pdbx_nmr_exptl_sample_conditions.pressure_units      ? 
_pdbx_nmr_exptl_sample_conditions.temperature_units   K 
# 
loop_
_pdbx_nmr_exptl.experiment_id 
_pdbx_nmr_exptl.conditions_id 
_pdbx_nmr_exptl.type 
_pdbx_nmr_exptl.solution_id 
1 1 3D_15N-SEPARATED_NOESY    1 
2 1 '3D_ 13C-SEPARATED_NOESY' 1 
# 
_pdbx_nmr_refine.entry_id           2EYX 
_pdbx_nmr_refine.method             'torsion angle dynamics' 
_pdbx_nmr_refine.details            ? 
_pdbx_nmr_refine.software_ordinal   1 
# 
loop_
_pdbx_nmr_software.classification 
_pdbx_nmr_software.name 
_pdbx_nmr_software.version 
_pdbx_nmr_software.authors 
_pdbx_nmr_software.ordinal 
refinement           CYANA   2.0 'Guetntert P.' 1 
'structure solution' XEASY   ?   ?              2 
'structure solution' Olivia  ?   ?              3 
'structure solution' NMRPipe ?   ?              4 
'structure solution' CYANA   2.0 'Guetntert P.' 5 
# 
loop_
_chem_comp_atom.comp_id 
_chem_comp_atom.atom_id 
_chem_comp_atom.type_symbol 
_chem_comp_atom.pdbx_aromatic_flag 
_chem_comp_atom.pdbx_stereo_config 
_chem_comp_atom.pdbx_ordinal 
ALA N    N N N 1   
ALA CA   C N S 2   
ALA C    C N N 3   
ALA O    O N N 4   
ALA CB   C N N 5   
ALA OXT  O N N 6   
ALA H    H N N 7   
ALA H2   H N N 8   
ALA HA   H N N 9   
ALA HB1  H N N 10  
ALA HB2  H N N 11  
ALA HB3  H N N 12  
ALA HXT  H N N 13  
ARG N    N N N 14  
ARG CA   C N S 15  
ARG C    C N N 16  
ARG O    O N N 17  
ARG CB   C N N 18  
ARG CG   C N N 19  
ARG CD   C N N 20  
ARG NE   N N N 21  
ARG CZ   C N N 22  
ARG NH1  N N N 23  
ARG NH2  N N N 24  
ARG OXT  O N N 25  
ARG H    H N N 26  
ARG H2   H N N 27  
ARG HA   H N N 28  
ARG HB2  H N N 29  
ARG HB3  H N N 30  
ARG HG2  H N N 31  
ARG HG3  H N N 32  
ARG HD2  H N N 33  
ARG HD3  H N N 34  
ARG HE   H N N 35  
ARG HH11 H N N 36  
ARG HH12 H N N 37  
ARG HH21 H N N 38  
ARG HH22 H N N 39  
ARG HXT  H N N 40  
ASN N    N N N 41  
ASN CA   C N S 42  
ASN C    C N N 43  
ASN O    O N N 44  
ASN CB   C N N 45  
ASN CG   C N N 46  
ASN OD1  O N N 47  
ASN ND2  N N N 48  
ASN OXT  O N N 49  
ASN H    H N N 50  
ASN H2   H N N 51  
ASN HA   H N N 52  
ASN HB2  H N N 53  
ASN HB3  H N N 54  
ASN HD21 H N N 55  
ASN HD22 H N N 56  
ASN HXT  H N N 57  
ASP N    N N N 58  
ASP CA   C N S 59  
ASP C    C N N 60  
ASP O    O N N 61  
ASP CB   C N N 62  
ASP CG   C N N 63  
ASP OD1  O N N 64  
ASP OD2  O N N 65  
ASP OXT  O N N 66  
ASP H    H N N 67  
ASP H2   H N N 68  
ASP HA   H N N 69  
ASP HB2  H N N 70  
ASP HB3  H N N 71  
ASP HD2  H N N 72  
ASP HXT  H N N 73  
CYS N    N N N 74  
CYS CA   C N R 75  
CYS C    C N N 76  
CYS O    O N N 77  
CYS CB   C N N 78  
CYS SG   S N N 79  
CYS OXT  O N N 80  
CYS H    H N N 81  
CYS H2   H N N 82  
CYS HA   H N N 83  
CYS HB2  H N N 84  
CYS HB3  H N N 85  
CYS HG   H N N 86  
CYS HXT  H N N 87  
GLN N    N N N 88  
GLN CA   C N S 89  
GLN C    C N N 90  
GLN O    O N N 91  
GLN CB   C N N 92  
GLN CG   C N N 93  
GLN CD   C N N 94  
GLN OE1  O N N 95  
GLN NE2  N N N 96  
GLN OXT  O N N 97  
GLN H    H N N 98  
GLN H2   H N N 99  
GLN HA   H N N 100 
GLN HB2  H N N 101 
GLN HB3  H N N 102 
GLN HG2  H N N 103 
GLN HG3  H N N 104 
GLN HE21 H N N 105 
GLN HE22 H N N 106 
GLN HXT  H N N 107 
GLU N    N N N 108 
GLU CA   C N S 109 
GLU C    C N N 110 
GLU O    O N N 111 
GLU CB   C N N 112 
GLU CG   C N N 113 
GLU CD   C N N 114 
GLU OE1  O N N 115 
GLU OE2  O N N 116 
GLU OXT  O N N 117 
GLU H    H N N 118 
GLU H2   H N N 119 
GLU HA   H N N 120 
GLU HB2  H N N 121 
GLU HB3  H N N 122 
GLU HG2  H N N 123 
GLU HG3  H N N 124 
GLU HE2  H N N 125 
GLU HXT  H N N 126 
GLY N    N N N 127 
GLY CA   C N N 128 
GLY C    C N N 129 
GLY O    O N N 130 
GLY OXT  O N N 131 
GLY H    H N N 132 
GLY H2   H N N 133 
GLY HA2  H N N 134 
GLY HA3  H N N 135 
GLY HXT  H N N 136 
HIS N    N N N 137 
HIS CA   C N S 138 
HIS C    C N N 139 
HIS O    O N N 140 
HIS CB   C N N 141 
HIS CG   C Y N 142 
HIS ND1  N Y N 143 
HIS CD2  C Y N 144 
HIS CE1  C Y N 145 
HIS NE2  N Y N 146 
HIS OXT  O N N 147 
HIS H    H N N 148 
HIS H2   H N N 149 
HIS HA   H N N 150 
HIS HB2  H N N 151 
HIS HB3  H N N 152 
HIS HD1  H N N 153 
HIS HD2  H N N 154 
HIS HE1  H N N 155 
HIS HE2  H N N 156 
HIS HXT  H N N 157 
ILE N    N N N 158 
ILE CA   C N S 159 
ILE C    C N N 160 
ILE O    O N N 161 
ILE CB   C N S 162 
ILE CG1  C N N 163 
ILE CG2  C N N 164 
ILE CD1  C N N 165 
ILE OXT  O N N 166 
ILE H    H N N 167 
ILE H2   H N N 168 
ILE HA   H N N 169 
ILE HB   H N N 170 
ILE HG12 H N N 171 
ILE HG13 H N N 172 
ILE HG21 H N N 173 
ILE HG22 H N N 174 
ILE HG23 H N N 175 
ILE HD11 H N N 176 
ILE HD12 H N N 177 
ILE HD13 H N N 178 
ILE HXT  H N N 179 
LEU N    N N N 180 
LEU CA   C N S 181 
LEU C    C N N 182 
LEU O    O N N 183 
LEU CB   C N N 184 
LEU CG   C N N 185 
LEU CD1  C N N 186 
LEU CD2  C N N 187 
LEU OXT  O N N 188 
LEU H    H N N 189 
LEU H2   H N N 190 
LEU HA   H N N 191 
LEU HB2  H N N 192 
LEU HB3  H N N 193 
LEU HG   H N N 194 
LEU HD11 H N N 195 
LEU HD12 H N N 196 
LEU HD13 H N N 197 
LEU HD21 H N N 198 
LEU HD22 H N N 199 
LEU HD23 H N N 200 
LEU HXT  H N N 201 
LYS N    N N N 202 
LYS CA   C N S 203 
LYS C    C N N 204 
LYS O    O N N 205 
LYS CB   C N N 206 
LYS CG   C N N 207 
LYS CD   C N N 208 
LYS CE   C N N 209 
LYS NZ   N N N 210 
LYS OXT  O N N 211 
LYS H    H N N 212 
LYS H2   H N N 213 
LYS HA   H N N 214 
LYS HB2  H N N 215 
LYS HB3  H N N 216 
LYS HG2  H N N 217 
LYS HG3  H N N 218 
LYS HD2  H N N 219 
LYS HD3  H N N 220 
LYS HE2  H N N 221 
LYS HE3  H N N 222 
LYS HZ1  H N N 223 
LYS HZ2  H N N 224 
LYS HZ3  H N N 225 
LYS HXT  H N N 226 
PHE N    N N N 227 
PHE CA   C N S 228 
PHE C    C N N 229 
PHE O    O N N 230 
PHE CB   C N N 231 
PHE CG   C Y N 232 
PHE CD1  C Y N 233 
PHE CD2  C Y N 234 
PHE CE1  C Y N 235 
PHE CE2  C Y N 236 
PHE CZ   C Y N 237 
PHE OXT  O N N 238 
PHE H    H N N 239 
PHE H2   H N N 240 
PHE HA   H N N 241 
PHE HB2  H N N 242 
PHE HB3  H N N 243 
PHE HD1  H N N 244 
PHE HD2  H N N 245 
PHE HE1  H N N 246 
PHE HE2  H N N 247 
PHE HZ   H N N 248 
PHE HXT  H N N 249 
PRO N    N N N 250 
PRO CA   C N S 251 
PRO C    C N N 252 
PRO O    O N N 253 
PRO CB   C N N 254 
PRO CG   C N N 255 
PRO CD   C N N 256 
PRO OXT  O N N 257 
PRO H    H N N 258 
PRO HA   H N N 259 
PRO HB2  H N N 260 
PRO HB3  H N N 261 
PRO HG2  H N N 262 
PRO HG3  H N N 263 
PRO HD2  H N N 264 
PRO HD3  H N N 265 
PRO HXT  H N N 266 
SER N    N N N 267 
SER CA   C N S 268 
SER C    C N N 269 
SER O    O N N 270 
SER CB   C N N 271 
SER OG   O N N 272 
SER OXT  O N N 273 
SER H    H N N 274 
SER H2   H N N 275 
SER HA   H N N 276 
SER HB2  H N N 277 
SER HB3  H N N 278 
SER HG   H N N 279 
SER HXT  H N N 280 
THR N    N N N 281 
THR CA   C N S 282 
THR C    C N N 283 
THR O    O N N 284 
THR CB   C N R 285 
THR OG1  O N N 286 
THR CG2  C N N 287 
THR OXT  O N N 288 
THR H    H N N 289 
THR H2   H N N 290 
THR HA   H N N 291 
THR HB   H N N 292 
THR HG1  H N N 293 
THR HG21 H N N 294 
THR HG22 H N N 295 
THR HG23 H N N 296 
THR HXT  H N N 297 
TRP N    N N N 298 
TRP CA   C N S 299 
TRP C    C N N 300 
TRP O    O N N 301 
TRP CB   C N N 302 
TRP CG   C Y N 303 
TRP CD1  C Y N 304 
TRP CD2  C Y N 305 
TRP NE1  N Y N 306 
TRP CE2  C Y N 307 
TRP CE3  C Y N 308 
TRP CZ2  C Y N 309 
TRP CZ3  C Y N 310 
TRP CH2  C Y N 311 
TRP OXT  O N N 312 
TRP H    H N N 313 
TRP H2   H N N 314 
TRP HA   H N N 315 
TRP HB2  H N N 316 
TRP HB3  H N N 317 
TRP HD1  H N N 318 
TRP HE1  H N N 319 
TRP HE3  H N N 320 
TRP HZ2  H N N 321 
TRP HZ3  H N N 322 
TRP HH2  H N N 323 
TRP HXT  H N N 324 
TYR N    N N N 325 
TYR CA   C N S 326 
TYR C    C N N 327 
TYR O    O N N 328 
TYR CB   C N N 329 
TYR CG   C Y N 330 
TYR CD1  C Y N 331 
TYR CD2  C Y N 332 
TYR CE1  C Y N 333 
TYR CE2  C Y N 334 
TYR CZ   C Y N 335 
TYR OH   O N N 336 
TYR OXT  O N N 337 
TYR H    H N N 338 
TYR H2   H N N 339 
TYR HA   H N N 340 
TYR HB2  H N N 341 
TYR HB3  H N N 342 
TYR HD1  H N N 343 
TYR HD2  H N N 344 
TYR HE1  H N N 345 
TYR HE2  H N N 346 
TYR HH   H N N 347 
TYR HXT  H N N 348 
VAL N    N N N 349 
VAL CA   C N S 350 
VAL C    C N N 351 
VAL O    O N N 352 
VAL CB   C N N 353 
VAL CG1  C N N 354 
VAL CG2  C N N 355 
VAL OXT  O N N 356 
VAL H    H N N 357 
VAL H2   H N N 358 
VAL HA   H N N 359 
VAL HB   H N N 360 
VAL HG11 H N N 361 
VAL HG12 H N N 362 
VAL HG13 H N N 363 
VAL HG21 H N N 364 
VAL HG22 H N N 365 
VAL HG23 H N N 366 
VAL HXT  H N N 367 
# 
loop_
_chem_comp_bond.comp_id 
_chem_comp_bond.atom_id_1 
_chem_comp_bond.atom_id_2 
_chem_comp_bond.value_order 
_chem_comp_bond.pdbx_aromatic_flag 
_chem_comp_bond.pdbx_stereo_config 
_chem_comp_bond.pdbx_ordinal 
ALA N   CA   sing N N 1   
ALA N   H    sing N N 2   
ALA N   H2   sing N N 3   
ALA CA  C    sing N N 4   
ALA CA  CB   sing N N 5   
ALA CA  HA   sing N N 6   
ALA C   O    doub N N 7   
ALA C   OXT  sing N N 8   
ALA CB  HB1  sing N N 9   
ALA CB  HB2  sing N N 10  
ALA CB  HB3  sing N N 11  
ALA OXT HXT  sing N N 12  
ARG N   CA   sing N N 13  
ARG N   H    sing N N 14  
ARG N   H2   sing N N 15  
ARG CA  C    sing N N 16  
ARG CA  CB   sing N N 17  
ARG CA  HA   sing N N 18  
ARG C   O    doub N N 19  
ARG C   OXT  sing N N 20  
ARG CB  CG   sing N N 21  
ARG CB  HB2  sing N N 22  
ARG CB  HB3  sing N N 23  
ARG CG  CD   sing N N 24  
ARG CG  HG2  sing N N 25  
ARG CG  HG3  sing N N 26  
ARG CD  NE   sing N N 27  
ARG CD  HD2  sing N N 28  
ARG CD  HD3  sing N N 29  
ARG NE  CZ   sing N N 30  
ARG NE  HE   sing N N 31  
ARG CZ  NH1  sing N N 32  
ARG CZ  NH2  doub N N 33  
ARG NH1 HH11 sing N N 34  
ARG NH1 HH12 sing N N 35  
ARG NH2 HH21 sing N N 36  
ARG NH2 HH22 sing N N 37  
ARG OXT HXT  sing N N 38  
ASN N   CA   sing N N 39  
ASN N   H    sing N N 40  
ASN N   H2   sing N N 41  
ASN CA  C    sing N N 42  
ASN CA  CB   sing N N 43  
ASN CA  HA   sing N N 44  
ASN C   O    doub N N 45  
ASN C   OXT  sing N N 46  
ASN CB  CG   sing N N 47  
ASN CB  HB2  sing N N 48  
ASN CB  HB3  sing N N 49  
ASN CG  OD1  doub N N 50  
ASN CG  ND2  sing N N 51  
ASN ND2 HD21 sing N N 52  
ASN ND2 HD22 sing N N 53  
ASN OXT HXT  sing N N 54  
ASP N   CA   sing N N 55  
ASP N   H    sing N N 56  
ASP N   H2   sing N N 57  
ASP CA  C    sing N N 58  
ASP CA  CB   sing N N 59  
ASP CA  HA   sing N N 60  
ASP C   O    doub N N 61  
ASP C   OXT  sing N N 62  
ASP CB  CG   sing N N 63  
ASP CB  HB2  sing N N 64  
ASP CB  HB3  sing N N 65  
ASP CG  OD1  doub N N 66  
ASP CG  OD2  sing N N 67  
ASP OD2 HD2  sing N N 68  
ASP OXT HXT  sing N N 69  
CYS N   CA   sing N N 70  
CYS N   H    sing N N 71  
CYS N   H2   sing N N 72  
CYS CA  C    sing N N 73  
CYS CA  CB   sing N N 74  
CYS CA  HA   sing N N 75  
CYS C   O    doub N N 76  
CYS C   OXT  sing N N 77  
CYS CB  SG   sing N N 78  
CYS CB  HB2  sing N N 79  
CYS CB  HB3  sing N N 80  
CYS SG  HG   sing N N 81  
CYS OXT HXT  sing N N 82  
GLN N   CA   sing N N 83  
GLN N   H    sing N N 84  
GLN N   H2   sing N N 85  
GLN CA  C    sing N N 86  
GLN CA  CB   sing N N 87  
GLN CA  HA   sing N N 88  
GLN C   O    doub N N 89  
GLN C   OXT  sing N N 90  
GLN CB  CG   sing N N 91  
GLN CB  HB2  sing N N 92  
GLN CB  HB3  sing N N 93  
GLN CG  CD   sing N N 94  
GLN CG  HG2  sing N N 95  
GLN CG  HG3  sing N N 96  
GLN CD  OE1  doub N N 97  
GLN CD  NE2  sing N N 98  
GLN NE2 HE21 sing N N 99  
GLN NE2 HE22 sing N N 100 
GLN OXT HXT  sing N N 101 
GLU N   CA   sing N N 102 
GLU N   H    sing N N 103 
GLU N   H2   sing N N 104 
GLU CA  C    sing N N 105 
GLU CA  CB   sing N N 106 
GLU CA  HA   sing N N 107 
GLU C   O    doub N N 108 
GLU C   OXT  sing N N 109 
GLU CB  CG   sing N N 110 
GLU CB  HB2  sing N N 111 
GLU CB  HB3  sing N N 112 
GLU CG  CD   sing N N 113 
GLU CG  HG2  sing N N 114 
GLU CG  HG3  sing N N 115 
GLU CD  OE1  doub N N 116 
GLU CD  OE2  sing N N 117 
GLU OE2 HE2  sing N N 118 
GLU OXT HXT  sing N N 119 
GLY N   CA   sing N N 120 
GLY N   H    sing N N 121 
GLY N   H2   sing N N 122 
GLY CA  C    sing N N 123 
GLY CA  HA2  sing N N 124 
GLY CA  HA3  sing N N 125 
GLY C   O    doub N N 126 
GLY C   OXT  sing N N 127 
GLY OXT HXT  sing N N 128 
HIS N   CA   sing N N 129 
HIS N   H    sing N N 130 
HIS N   H2   sing N N 131 
HIS CA  C    sing N N 132 
HIS CA  CB   sing N N 133 
HIS CA  HA   sing N N 134 
HIS C   O    doub N N 135 
HIS C   OXT  sing N N 136 
HIS CB  CG   sing N N 137 
HIS CB  HB2  sing N N 138 
HIS CB  HB3  sing N N 139 
HIS CG  ND1  sing Y N 140 
HIS CG  CD2  doub Y N 141 
HIS ND1 CE1  doub Y N 142 
HIS ND1 HD1  sing N N 143 
HIS CD2 NE2  sing Y N 144 
HIS CD2 HD2  sing N N 145 
HIS CE1 NE2  sing Y N 146 
HIS CE1 HE1  sing N N 147 
HIS NE2 HE2  sing N N 148 
HIS OXT HXT  sing N N 149 
ILE N   CA   sing N N 150 
ILE N   H    sing N N 151 
ILE N   H2   sing N N 152 
ILE CA  C    sing N N 153 
ILE CA  CB   sing N N 154 
ILE CA  HA   sing N N 155 
ILE C   O    doub N N 156 
ILE C   OXT  sing N N 157 
ILE CB  CG1  sing N N 158 
ILE CB  CG2  sing N N 159 
ILE CB  HB   sing N N 160 
ILE CG1 CD1  sing N N 161 
ILE CG1 HG12 sing N N 162 
ILE CG1 HG13 sing N N 163 
ILE CG2 HG21 sing N N 164 
ILE CG2 HG22 sing N N 165 
ILE CG2 HG23 sing N N 166 
ILE CD1 HD11 sing N N 167 
ILE CD1 HD12 sing N N 168 
ILE CD1 HD13 sing N N 169 
ILE OXT HXT  sing N N 170 
LEU N   CA   sing N N 171 
LEU N   H    sing N N 172 
LEU N   H2   sing N N 173 
LEU CA  C    sing N N 174 
LEU CA  CB   sing N N 175 
LEU CA  HA   sing N N 176 
LEU C   O    doub N N 177 
LEU C   OXT  sing N N 178 
LEU CB  CG   sing N N 179 
LEU CB  HB2  sing N N 180 
LEU CB  HB3  sing N N 181 
LEU CG  CD1  sing N N 182 
LEU CG  CD2  sing N N 183 
LEU CG  HG   sing N N 184 
LEU CD1 HD11 sing N N 185 
LEU CD1 HD12 sing N N 186 
LEU CD1 HD13 sing N N 187 
LEU CD2 HD21 sing N N 188 
LEU CD2 HD22 sing N N 189 
LEU CD2 HD23 sing N N 190 
LEU OXT HXT  sing N N 191 
LYS N   CA   sing N N 192 
LYS N   H    sing N N 193 
LYS N   H2   sing N N 194 
LYS CA  C    sing N N 195 
LYS CA  CB   sing N N 196 
LYS CA  HA   sing N N 197 
LYS C   O    doub N N 198 
LYS C   OXT  sing N N 199 
LYS CB  CG   sing N N 200 
LYS CB  HB2  sing N N 201 
LYS CB  HB3  sing N N 202 
LYS CG  CD   sing N N 203 
LYS CG  HG2  sing N N 204 
LYS CG  HG3  sing N N 205 
LYS CD  CE   sing N N 206 
LYS CD  HD2  sing N N 207 
LYS CD  HD3  sing N N 208 
LYS CE  NZ   sing N N 209 
LYS CE  HE2  sing N N 210 
LYS CE  HE3  sing N N 211 
LYS NZ  HZ1  sing N N 212 
LYS NZ  HZ2  sing N N 213 
LYS NZ  HZ3  sing N N 214 
LYS OXT HXT  sing N N 215 
PHE N   CA   sing N N 216 
PHE N   H    sing N N 217 
PHE N   H2   sing N N 218 
PHE CA  C    sing N N 219 
PHE CA  CB   sing N N 220 
PHE CA  HA   sing N N 221 
PHE C   O    doub N N 222 
PHE C   OXT  sing N N 223 
PHE CB  CG   sing N N 224 
PHE CB  HB2  sing N N 225 
PHE CB  HB3  sing N N 226 
PHE CG  CD1  doub Y N 227 
PHE CG  CD2  sing Y N 228 
PHE CD1 CE1  sing Y N 229 
PHE CD1 HD1  sing N N 230 
PHE CD2 CE2  doub Y N 231 
PHE CD2 HD2  sing N N 232 
PHE CE1 CZ   doub Y N 233 
PHE CE1 HE1  sing N N 234 
PHE CE2 CZ   sing Y N 235 
PHE CE2 HE2  sing N N 236 
PHE CZ  HZ   sing N N 237 
PHE OXT HXT  sing N N 238 
PRO N   CA   sing N N 239 
PRO N   CD   sing N N 240 
PRO N   H    sing N N 241 
PRO CA  C    sing N N 242 
PRO CA  CB   sing N N 243 
PRO CA  HA   sing N N 244 
PRO C   O    doub N N 245 
PRO C   OXT  sing N N 246 
PRO CB  CG   sing N N 247 
PRO CB  HB2  sing N N 248 
PRO CB  HB3  sing N N 249 
PRO CG  CD   sing N N 250 
PRO CG  HG2  sing N N 251 
PRO CG  HG3  sing N N 252 
PRO CD  HD2  sing N N 253 
PRO CD  HD3  sing N N 254 
PRO OXT HXT  sing N N 255 
SER N   CA   sing N N 256 
SER N   H    sing N N 257 
SER N   H2   sing N N 258 
SER CA  C    sing N N 259 
SER CA  CB   sing N N 260 
SER CA  HA   sing N N 261 
SER C   O    doub N N 262 
SER C   OXT  sing N N 263 
SER CB  OG   sing N N 264 
SER CB  HB2  sing N N 265 
SER CB  HB3  sing N N 266 
SER OG  HG   sing N N 267 
SER OXT HXT  sing N N 268 
THR N   CA   sing N N 269 
THR N   H    sing N N 270 
THR N   H2   sing N N 271 
THR CA  C    sing N N 272 
THR CA  CB   sing N N 273 
THR CA  HA   sing N N 274 
THR C   O    doub N N 275 
THR C   OXT  sing N N 276 
THR CB  OG1  sing N N 277 
THR CB  CG2  sing N N 278 
THR CB  HB   sing N N 279 
THR OG1 HG1  sing N N 280 
THR CG2 HG21 sing N N 281 
THR CG2 HG22 sing N N 282 
THR CG2 HG23 sing N N 283 
THR OXT HXT  sing N N 284 
TRP N   CA   sing N N 285 
TRP N   H    sing N N 286 
TRP N   H2   sing N N 287 
TRP CA  C    sing N N 288 
TRP CA  CB   sing N N 289 
TRP CA  HA   sing N N 290 
TRP C   O    doub N N 291 
TRP C   OXT  sing N N 292 
TRP CB  CG   sing N N 293 
TRP CB  HB2  sing N N 294 
TRP CB  HB3  sing N N 295 
TRP CG  CD1  doub Y N 296 
TRP CG  CD2  sing Y N 297 
TRP CD1 NE1  sing Y N 298 
TRP CD1 HD1  sing N N 299 
TRP CD2 CE2  doub Y N 300 
TRP CD2 CE3  sing Y N 301 
TRP NE1 CE2  sing Y N 302 
TRP NE1 HE1  sing N N 303 
TRP CE2 CZ2  sing Y N 304 
TRP CE3 CZ3  doub Y N 305 
TRP CE3 HE3  sing N N 306 
TRP CZ2 CH2  doub Y N 307 
TRP CZ2 HZ2  sing N N 308 
TRP CZ3 CH2  sing Y N 309 
TRP CZ3 HZ3  sing N N 310 
TRP CH2 HH2  sing N N 311 
TRP OXT HXT  sing N N 312 
TYR N   CA   sing N N 313 
TYR N   H    sing N N 314 
TYR N   H2   sing N N 315 
TYR CA  C    sing N N 316 
TYR CA  CB   sing N N 317 
TYR CA  HA   sing N N 318 
TYR C   O    doub N N 319 
TYR C   OXT  sing N N 320 
TYR CB  CG   sing N N 321 
TYR CB  HB2  sing N N 322 
TYR CB  HB3  sing N N 323 
TYR CG  CD1  doub Y N 324 
TYR CG  CD2  sing Y N 325 
TYR CD1 CE1  sing Y N 326 
TYR CD1 HD1  sing N N 327 
TYR CD2 CE2  doub Y N 328 
TYR CD2 HD2  sing N N 329 
TYR CE1 CZ   doub Y N 330 
TYR CE1 HE1  sing N N 331 
TYR CE2 CZ   sing Y N 332 
TYR CE2 HE2  sing N N 333 
TYR CZ  OH   sing N N 334 
TYR OH  HH   sing N N 335 
TYR OXT HXT  sing N N 336 
VAL N   CA   sing N N 337 
VAL N   H    sing N N 338 
VAL N   H2   sing N N 339 
VAL CA  C    sing N N 340 
VAL CA  CB   sing N N 341 
VAL CA  HA   sing N N 342 
VAL C   O    doub N N 343 
VAL C   OXT  sing N N 344 
VAL CB  CG1  sing N N 345 
VAL CB  CG2  sing N N 346 
VAL CB  HB   sing N N 347 
VAL CG1 HG11 sing N N 348 
VAL CG1 HG12 sing N N 349 
VAL CG1 HG13 sing N N 350 
VAL CG2 HG21 sing N N 351 
VAL CG2 HG22 sing N N 352 
VAL CG2 HG23 sing N N 353 
VAL OXT HXT  sing N N 354 
# 
_pdbx_nmr_spectrometer.spectrometer_id   1 
_pdbx_nmr_spectrometer.model             INOVA 
_pdbx_nmr_spectrometer.manufacturer      Varian 
_pdbx_nmr_spectrometer.field_strength    800 
_pdbx_nmr_spectrometer.type              ? 
# 
_atom_sites.entry_id                    2EYX 
_atom_sites.fract_transf_matrix[1][1]   1.000000 
_atom_sites.fract_transf_matrix[1][2]   0.000000 
_atom_sites.fract_transf_matrix[1][3]   0.000000 
_atom_sites.fract_transf_matrix[2][1]   0.000000 
_atom_sites.fract_transf_matrix[2][2]   1.000000 
_atom_sites.fract_transf_matrix[2][3]   0.000000 
_atom_sites.fract_transf_matrix[3][1]   0.000000 
_atom_sites.fract_transf_matrix[3][2]   0.000000 
_atom_sites.fract_transf_matrix[3][3]   1.000000 
_atom_sites.fract_transf_vector[1]      0.00000 
_atom_sites.fract_transf_vector[2]      0.00000 
_atom_sites.fract_transf_vector[3]      0.00000 
# 
loop_
_atom_type.symbol 
C 
H 
N 
O 
S 
# 
loop_
_atom_site.group_PDB 
_atom_site.id 
_atom_site.type_symbol 
_atom_site.label_atom_id 
_atom_site.label_alt_id 
_atom_site.label_comp_id 
_atom_site.label_asym_id 
_atom_site.label_entity_id 
_atom_site.label_seq_id 
_atom_site.pdbx_PDB_ins_code 
_atom_site.Cartn_x 
_atom_site.Cartn_y 
_atom_site.Cartn_z 
_atom_site.occupancy 
_atom_site.B_iso_or_equiv 
_atom_site.pdbx_formal_charge 
_atom_site.auth_seq_id 
_atom_site.auth_comp_id 
_atom_site.auth_asym_id 
_atom_site.auth_atom_id 
_atom_site.pdbx_PDB_model_num 
ATOM 1    N N    . ASN A 1 1  ? -4.298  9.214   -14.903 1.00 1.00  ? 232 ASN A N    1 
ATOM 2    C CA   . ASN A 1 1  ? -5.202  8.188   -14.398 1.00 64.21 ? 232 ASN A CA   1 
ATOM 3    C C    . ASN A 1 1  ? -4.870  7.834   -12.951 1.00 25.01 ? 232 ASN A C    1 
ATOM 4    O O    . ASN A 1 1  ? -3.716  7.918   -12.530 1.00 51.15 ? 232 ASN A O    1 
ATOM 5    C CB   . ASN A 1 1  ? -5.124  6.934   -15.272 1.00 52.52 ? 232 ASN A CB   1 
ATOM 6    C CG   . ASN A 1 1  ? -5.556  7.199   -16.702 1.00 73.54 ? 232 ASN A CG   1 
ATOM 7    O OD1  . ASN A 1 1  ? -4.727  7.267   -17.610 1.00 74.11 ? 232 ASN A OD1  1 
ATOM 8    N ND2  . ASN A 1 1  ? -6.859  7.350   -16.908 1.00 25.52 ? 232 ASN A ND2  1 
ATOM 9    H H1   . ASN A 1 1  ? -4.004  9.174   -15.837 1.00 15.23 ? 232 ASN A H1   1 
ATOM 10   H HA   . ASN A 1 1  ? -6.207  8.581   -14.438 1.00 72.01 ? 232 ASN A HA   1 
ATOM 11   H HB2  . ASN A 1 1  ? -4.105  6.575   -15.285 1.00 71.32 ? 232 ASN A HB2  1 
ATOM 12   H HB3  . ASN A 1 1  ? -5.766  6.172   -14.857 1.00 23.15 ? 232 ASN A HB3  1 
ATOM 13   H HD21 . ASN A 1 1  ? -7.460  7.283   -16.137 1.00 3.20  ? 232 ASN A HD21 1 
ATOM 14   H HD22 . ASN A 1 1  ? -7.165  7.521   -17.824 1.00 73.43 ? 232 ASN A HD22 1 
ATOM 15   N N    . LEU A 1 2  ? -5.889  7.437   -12.197 1.00 73.45 ? 233 LEU A N    1 
ATOM 16   C CA   . LEU A 1 2  ? -5.706  7.069   -10.796 1.00 21.45 ? 233 LEU A CA   1 
ATOM 17   C C    . LEU A 1 2  ? -5.226  5.626   -10.672 1.00 55.13 ? 233 LEU A C    1 
ATOM 18   O O    . LEU A 1 2  ? -4.189  5.357   -10.065 1.00 41.43 ? 233 LEU A O    1 
ATOM 19   C CB   . LEU A 1 2  ? -7.014  7.253   -10.025 1.00 23.35 ? 233 LEU A CB   1 
ATOM 20   C CG   . LEU A 1 2  ? -6.883  7.404   -8.509  1.00 61.22 ? 233 LEU A CG   1 
ATOM 21   C CD1  . LEU A 1 2  ? -8.063  8.181   -7.947  1.00 41.21 ? 233 LEU A CD1  1 
ATOM 22   C CD2  . LEU A 1 2  ? -6.775  6.039   -7.844  1.00 4.32  ? 233 LEU A CD2  1 
ATOM 23   H H    . LEU A 1 2  ? -6.785  7.390   -12.588 1.00 60.11 ? 233 LEU A H    1 
ATOM 24   H HA   . LEU A 1 2  ? -4.955  7.722   -10.378 1.00 33.50 ? 233 LEU A HA   1 
ATOM 25   H HB2  . LEU A 1 2  ? -7.499  8.138   -10.405 1.00 74.02 ? 233 LEU A HB2  1 
ATOM 26   H HB3  . LEU A 1 2  ? -7.635  6.391   -10.220 1.00 4.20  ? 233 LEU A HB3  1 
ATOM 27   H HG   . LEU A 1 2  ? -5.982  7.957   -8.285  1.00 1.12  ? 233 LEU A HG   1 
ATOM 28   H HD11 . LEU A 1 2  ? -8.745  7.499   -7.462  1.00 70.43 ? 233 LEU A HD11 1 
ATOM 29   H HD12 . LEU A 1 2  ? -8.574  8.691   -8.750  1.00 63.02 ? 233 LEU A HD12 1 
ATOM 30   H HD13 . LEU A 1 2  ? -7.707  8.906   -7.229  1.00 1.42  ? 233 LEU A HD13 1 
ATOM 31   H HD21 . LEU A 1 2  ? -7.752  5.580   -7.805  1.00 1.00  ? 233 LEU A HD21 1 
ATOM 32   H HD22 . LEU A 1 2  ? -6.392  6.156   -6.842  1.00 34.01 ? 233 LEU A HD22 1 
ATOM 33   H HD23 . LEU A 1 2  ? -6.107  5.412   -8.415  1.00 30.22 ? 233 LEU A HD23 1 
ATOM 34   N N    . GLN A 1 3  ? -5.987  4.703   -11.250 1.00 3.41  ? 234 GLN A N    1 
ATOM 35   C CA   . GLN A 1 3  ? -5.638  3.287   -11.204 1.00 1.42  ? 234 GLN A CA   1 
ATOM 36   C C    . GLN A 1 3  ? -4.136  3.091   -11.382 1.00 41.44 ? 234 GLN A C    1 
ATOM 37   O O    . GLN A 1 3  ? -3.484  2.447   -10.561 1.00 11.32 ? 234 GLN A O    1 
ATOM 38   C CB   . GLN A 1 3  ? -6.398  2.518   -12.287 1.00 14.13 ? 234 GLN A CB   1 
ATOM 39   C CG   . GLN A 1 3  ? -7.866  2.296   -11.959 1.00 30.11 ? 234 GLN A CG   1 
ATOM 40   C CD   . GLN A 1 3  ? -8.680  3.572   -12.035 1.00 34.12 ? 234 GLN A CD   1 
ATOM 41   O OE1  . GLN A 1 3  ? -8.940  4.093   -13.119 1.00 20.11 ? 234 GLN A OE1  1 
ATOM 42   N NE2  . GLN A 1 3  ? -9.088  4.084   -10.879 1.00 3.31  ? 234 GLN A NE2  1 
ATOM 43   H H    . GLN A 1 3  ? -6.802  4.979   -11.719 1.00 73.22 ? 234 GLN A H    1 
ATOM 44   H HA   . GLN A 1 3  ? -5.926  2.907   -10.236 1.00 4.30  ? 234 GLN A HA   1 
ATOM 45   H HB2  . GLN A 1 3  ? -6.337  3.069   -13.213 1.00 2.15  ? 234 GLN A HB2  1 
ATOM 46   H HB3  . GLN A 1 3  ? -5.931  1.553   -12.420 1.00 54.41 ? 234 GLN A HB3  1 
ATOM 47   H HG2  . GLN A 1 3  ? -8.274  1.585   -12.662 1.00 41.03 ? 234 GLN A HG2  1 
ATOM 48   H HG3  . GLN A 1 3  ? -7.941  1.897   -10.958 1.00 23.23 ? 234 GLN A HG3  1 
ATOM 49   H HE21 . GLN A 1 3  ? -8.842  3.615   -10.053 1.00 10.45 ? 234 GLN A HE21 1 
ATOM 50   H HE22 . GLN A 1 3  ? -9.615  4.909   -10.898 1.00 22.04 ? 234 GLN A HE22 1 
ATOM 51   N N    . ASN A 1 4  ? -3.596  3.649   -12.460 1.00 72.31 ? 235 ASN A N    1 
ATOM 52   C CA   . ASN A 1 4  ? -2.170  3.534   -12.746 1.00 61.32 ? 235 ASN A CA   1 
ATOM 53   C C    . ASN A 1 4  ? -1.476  4.886   -12.607 1.00 62.34 ? 235 ASN A C    1 
ATOM 54   O O    . ASN A 1 4  ? -0.659  5.265   -13.445 1.00 42.31 ? 235 ASN A O    1 
ATOM 55   C CB   . ASN A 1 4  ? -1.955  2.980   -14.156 1.00 1.24  ? 235 ASN A CB   1 
ATOM 56   C CG   . ASN A 1 4  ? -2.702  1.681   -14.387 1.00 22.02 ? 235 ASN A CG   1 
ATOM 57   O OD1  . ASN A 1 4  ? -2.805  0.843   -13.491 1.00 31.42 ? 235 ASN A OD1  1 
ATOM 58   N ND2  . ASN A 1 4  ? -3.227  1.507   -15.595 1.00 61.41 ? 235 ASN A ND2  1 
ATOM 59   H H    . ASN A 1 4  ? -4.168  4.150   -13.077 1.00 3.22  ? 235 ASN A H    1 
ATOM 60   H HA   . ASN A 1 4  ? -1.743  2.847   -12.031 1.00 53.22 ? 235 ASN A HA   1 
ATOM 61   H HB2  . ASN A 1 4  ? -2.302  3.705   -14.878 1.00 40.43 ? 235 ASN A HB2  1 
ATOM 62   H HB3  . ASN A 1 4  ? -0.901  2.801   -14.310 1.00 12.21 ? 235 ASN A HB3  1 
ATOM 63   H HD21 . ASN A 1 4  ? -3.105  2.217   -16.260 1.00 61.14 ? 235 ASN A HD21 1 
ATOM 64   H HD22 . ASN A 1 4  ? -3.715  0.676   -15.771 1.00 54.42 ? 235 ASN A HD22 1 
ATOM 65   N N    . GLY A 1 5  ? -1.807  5.608   -11.541 1.00 2.12  ? 236 GLY A N    1 
ATOM 66   C CA   . GLY A 1 5  ? -1.207  6.909   -11.310 1.00 3.33  ? 236 GLY A CA   1 
ATOM 67   C C    . GLY A 1 5  ? 0.308   6.861   -11.340 1.00 52.22 ? 236 GLY A C    1 
ATOM 68   O O    . GLY A 1 5  ? 0.912   5.827   -11.619 1.00 23.54 ? 236 GLY A O    1 
ATOM 69   H H    . GLY A 1 5  ? -2.465  5.255   -10.906 1.00 62.43 ? 236 GLY A H    1 
ATOM 70   H HA2  . GLY A 1 5  ? -1.550  7.592   -12.073 1.00 5.03  ? 236 GLY A HA2  1 
ATOM 71   H HA3  . GLY A 1 5  ? -1.526  7.274   -10.346 1.00 73.33 ? 236 GLY A HA3  1 
ATOM 72   N N    . PRO A 1 6  ? 0.945   8.005   -11.048 1.00 73.44 ? 237 PRO A N    1 
ATOM 73   C CA   . PRO A 1 6  ? 2.407   8.116   -11.035 1.00 1.31  ? 237 PRO A CA   1 
ATOM 74   C C    . PRO A 1 6  ? 3.037   7.353   -9.876  1.00 55.15 ? 237 PRO A C    1 
ATOM 75   O O    . PRO A 1 6  ? 4.073   6.709   -10.034 1.00 32.41 ? 237 PRO A O    1 
ATOM 76   C CB   . PRO A 1 6  ? 2.647   9.619   -10.880 1.00 11.45 ? 237 PRO A CB   1 
ATOM 77   C CG   . PRO A 1 6  ? 1.421   10.132  -10.208 1.00 53.42 ? 237 PRO A CG   1 
ATOM 78   C CD   . PRO A 1 6  ? 0.288   9.278   -10.705 1.00 63.55 ? 237 PRO A CD   1 
ATOM 79   H HA   . PRO A 1 6  ? 2.837   7.774   -11.965 1.00 35.04 ? 237 PRO A HA   1 
ATOM 80   H HB2  . PRO A 1 6  ? 3.528   9.786   -10.277 1.00 32.52 ? 237 PRO A HB2  1 
ATOM 81   H HB3  . PRO A 1 6  ? 2.780   10.069  -11.854 1.00 51.45 ? 237 PRO A HB3  1 
ATOM 82   H HG2  . PRO A 1 6  ? 1.521   10.035  -9.137  1.00 24.05 ? 237 PRO A HG2  1 
ATOM 83   H HG3  . PRO A 1 6  ? 1.258   11.165  -10.479 1.00 61.01 ? 237 PRO A HG3  1 
ATOM 84   H HD2  . PRO A 1 6  ? -0.447  9.135   -9.926  1.00 3.24  ? 237 PRO A HD2  1 
ATOM 85   H HD3  . PRO A 1 6  ? -0.167  9.723   -11.578 1.00 21.42 ? 237 PRO A HD3  1 
ATOM 86   N N    . ILE A 1 7  ? 2.404   7.431   -8.709  1.00 52.11 ? 238 ILE A N    1 
ATOM 87   C CA   . ILE A 1 7  ? 2.902   6.746   -7.523  1.00 42.41 ? 238 ILE A CA   1 
ATOM 88   C C    . ILE A 1 7  ? 3.012   5.244   -7.760  1.00 21.14 ? 238 ILE A C    1 
ATOM 89   O O    . ILE A 1 7  ? 2.032   4.586   -8.110  1.00 51.43 ? 238 ILE A O    1 
ATOM 90   C CB   . ILE A 1 7  ? 1.993   6.997   -6.305  1.00 21.15 ? 238 ILE A CB   1 
ATOM 91   C CG1  . ILE A 1 7  ? 1.796   8.498   -6.088  1.00 31.31 ? 238 ILE A CG1  1 
ATOM 92   C CG2  . ILE A 1 7  ? 2.584   6.349   -5.061  1.00 21.13 ? 238 ILE A CG2  1 
ATOM 93   C CD1  . ILE A 1 7  ? 0.482   8.846   -5.426  1.00 44.44 ? 238 ILE A CD1  1 
ATOM 94   H H    . ILE A 1 7  ? 1.581   7.960   -8.646  1.00 34.54 ? 238 ILE A H    1 
ATOM 95   H HA   . ILE A 1 7  ? 3.884   7.138   -7.301  1.00 54.13 ? 238 ILE A HA   1 
ATOM 96   H HB   . ILE A 1 7  ? 1.035   6.539   -6.498  1.00 31.15 ? 238 ILE A HB   1 
ATOM 97   H HG12 . ILE A 1 7  ? 2.592   8.873   -5.463  1.00 61.02 ? 238 ILE A HG12 1 
ATOM 98   H HG13 . ILE A 1 7  ? 1.831   9.000   -7.045  1.00 51.43 ? 238 ILE A HG13 1 
ATOM 99   H HG21 . ILE A 1 7  ? 3.187   5.500   -5.349  1.00 51.54 ? 238 ILE A HG21 1 
ATOM 100  H HG22 . ILE A 1 7  ? 3.201   7.067   -4.541  1.00 53.01 ? 238 ILE A HG22 1 
ATOM 101  H HG23 . ILE A 1 7  ? 1.787   6.021   -4.413  1.00 72.35 ? 238 ILE A HG23 1 
ATOM 102  H HD11 . ILE A 1 7  ? 0.603   8.830   -4.353  1.00 1.03  ? 238 ILE A HD11 1 
ATOM 103  H HD12 . ILE A 1 7  ? 0.169   9.831   -5.739  1.00 24.44 ? 238 ILE A HD12 1 
ATOM 104  H HD13 . ILE A 1 7  ? -0.268  8.122   -5.713  1.00 12.33 ? 238 ILE A HD13 1 
ATOM 105  N N    . TYR A 1 8  ? 4.212   4.706   -7.568  1.00 53.34 ? 239 TYR A N    1 
ATOM 106  C CA   . TYR A 1 8  ? 4.450   3.281   -7.762  1.00 73.31 ? 239 TYR A CA   1 
ATOM 107  C C    . TYR A 1 8  ? 5.262   2.703   -6.606  1.00 10.24 ? 239 TYR A C    1 
ATOM 108  O O    . TYR A 1 8  ? 6.493   2.699   -6.638  1.00 40.13 ? 239 TYR A O    1 
ATOM 109  C CB   . TYR A 1 8  ? 5.181   3.041   -9.084  1.00 65.44 ? 239 TYR A CB   1 
ATOM 110  C CG   . TYR A 1 8  ? 6.028   1.788   -9.087  1.00 4.34  ? 239 TYR A CG   1 
ATOM 111  C CD1  . TYR A 1 8  ? 5.441   0.530   -9.151  1.00 65.25 ? 239 TYR A CD1  1 
ATOM 112  C CD2  . TYR A 1 8  ? 7.414   1.862   -9.029  1.00 71.45 ? 239 TYR A CD2  1 
ATOM 113  C CE1  . TYR A 1 8  ? 6.210   -0.617  -9.156  1.00 71.53 ? 239 TYR A CE1  1 
ATOM 114  C CE2  . TYR A 1 8  ? 8.191   0.721   -9.033  1.00 62.53 ? 239 TYR A CE2  1 
ATOM 115  C CZ   . TYR A 1 8  ? 7.585   -0.517  -9.096  1.00 23.12 ? 239 TYR A CZ   1 
ATOM 116  O OH   . TYR A 1 8  ? 8.355   -1.657  -9.100  1.00 75.34 ? 239 TYR A OH   1 
ATOM 117  H H    . TYR A 1 8  ? 4.954   5.282   -7.290  1.00 20.10 ? 239 TYR A H    1 
ATOM 118  H HA   . TYR A 1 8  ? 3.491   2.786   -7.797  1.00 74.25 ? 239 TYR A HA   1 
ATOM 119  H HB2  . TYR A 1 8  ? 4.455   2.952   -9.877  1.00 30.53 ? 239 TYR A HB2  1 
ATOM 120  H HB3  . TYR A 1 8  ? 5.829   3.880   -9.287  1.00 72.12 ? 239 TYR A HB3  1 
ATOM 121  H HD1  . TYR A 1 8  ? 4.364   0.455   -9.198  1.00 70.45 ? 239 TYR A HD1  1 
ATOM 122  H HD2  . TYR A 1 8  ? 7.885   2.833   -8.979  1.00 73.20 ? 239 TYR A HD2  1 
ATOM 123  H HE1  . TYR A 1 8  ? 5.736   -1.588  -9.205  1.00 14.34 ? 239 TYR A HE1  1 
ATOM 124  H HE2  . TYR A 1 8  ? 9.267   0.799   -8.986  1.00 65.30 ? 239 TYR A HE2  1 
ATOM 125  H HH   . TYR A 1 8  ? 8.367   -2.033  -9.983  1.00 72.10 ? 239 TYR A HH   1 
ATOM 126  N N    . ALA A 1 9  ? 4.563   2.214   -5.587  1.00 13.34 ? 240 ALA A N    1 
ATOM 127  C CA   . ALA A 1 9  ? 5.217   1.631   -4.422  1.00 31.13 ? 240 ALA A CA   1 
ATOM 128  C C    . ALA A 1 9  ? 4.967   0.129   -4.348  1.00 64.52 ? 240 ALA A C    1 
ATOM 129  O O    . ALA A 1 9  ? 3.824   -0.316  -4.247  1.00 4.02  ? 240 ALA A O    1 
ATOM 130  C CB   . ALA A 1 9  ? 4.735   2.311   -3.150  1.00 14.20 ? 240 ALA A CB   1 
ATOM 131  H H    . ALA A 1 9  ? 3.585   2.246   -5.620  1.00 53.35 ? 240 ALA A H    1 
ATOM 132  H HA   . ALA A 1 9  ? 6.279   1.805   -4.514  1.00 21.35 ? 240 ALA A HA   1 
ATOM 133  H HB1  . ALA A 1 9  ? 5.148   1.802   -2.291  1.00 43.50 ? 240 ALA A HB1  1 
ATOM 134  H HB2  . ALA A 1 9  ? 5.059   3.342   -3.148  1.00 34.42 ? 240 ALA A HB2  1 
ATOM 135  H HB3  . ALA A 1 9  ? 3.657   2.274   -3.108  1.00 74.35 ? 240 ALA A HB3  1 
ATOM 136  N N    . ARG A 1 10 ? 6.044   -0.649  -4.399  1.00 71.43 ? 241 ARG A N    1 
ATOM 137  C CA   . ARG A 1 10 ? 5.941   -2.102  -4.339  1.00 65.00 ? 241 ARG A CA   1 
ATOM 138  C C    . ARG A 1 10 ? 6.057   -2.597  -2.900  1.00 30.02 ? 241 ARG A C    1 
ATOM 139  O O    . ARG A 1 10 ? 6.490   -1.861  -2.013  1.00 61.40 ? 241 ARG A O    1 
ATOM 140  C CB   . ARG A 1 10 ? 7.027   -2.748  -5.201  1.00 31.22 ? 241 ARG A CB   1 
ATOM 141  C CG   . ARG A 1 10 ? 6.595   -4.054  -5.847  1.00 23.54 ? 241 ARG A CG   1 
ATOM 142  C CD   . ARG A 1 10 ? 7.773   -4.777  -6.483  1.00 41.04 ? 241 ARG A CD   1 
ATOM 143  N NE   . ARG A 1 10 ? 8.579   -3.885  -7.313  1.00 64.23 ? 241 ARG A NE   1 
ATOM 144  C CZ   . ARG A 1 10 ? 9.576   -4.303  -8.085  1.00 2.24  ? 241 ARG A CZ   1 
ATOM 145  N NH1  . ARG A 1 10 ? 9.887   -5.591  -8.134  1.00 0.34  ? 241 ARG A NH1  1 
ATOM 146  N NH2  . ARG A 1 10 ? 10.264  -3.431  -8.812  1.00 41.34 ? 241 ARG A NH2  1 
ATOM 147  H H    . ARG A 1 10 ? 6.929   -0.236  -4.480  1.00 53.12 ? 241 ARG A H    1 
ATOM 148  H HA   . ARG A 1 10 ? 4.973   -2.382  -4.726  1.00 53.30 ? 241 ARG A HA   1 
ATOM 149  H HB2  . ARG A 1 10 ? 7.306   -2.059  -5.985  1.00 41.41 ? 241 ARG A HB2  1 
ATOM 150  H HB3  . ARG A 1 10 ? 7.890   -2.945  -4.583  1.00 3.03  ? 241 ARG A HB3  1 
ATOM 151  H HG2  . ARG A 1 10 ? 6.161   -4.692  -5.092  1.00 63.11 ? 241 ARG A HG2  1 
ATOM 152  H HG3  . ARG A 1 10 ? 5.860   -3.842  -6.610  1.00 62.44 ? 241 ARG A HG3  1 
ATOM 153  H HD2  . ARG A 1 10 ? 8.394   -5.183  -5.699  1.00 31.20 ? 241 ARG A HD2  1 
ATOM 154  H HD3  . ARG A 1 10 ? 7.396   -5.581  -7.095  1.00 45.11 ? 241 ARG A HD3  1 
ATOM 155  H HE   . ARG A 1 10 ? 8.367   -2.930  -7.292  1.00 53.14 ? 241 ARG A HE   1 
ATOM 156  H HH11 . ARG A 1 10 ? 9.370   -6.251  -7.589  1.00 11.41 ? 241 ARG A HH11 1 
ATOM 157  H HH12 . ARG A 1 10 ? 10.637  -5.903  -8.718  1.00 5.32  ? 241 ARG A HH12 1 
ATOM 158  H HH21 . ARG A 1 10 ? 10.031  -2.459  -8.778  1.00 22.42 ? 241 ARG A HH21 1 
ATOM 159  H HH22 . ARG A 1 10 ? 11.013  -3.746  -9.393  1.00 4.00  ? 241 ARG A HH22 1 
ATOM 160  N N    . VAL A 1 11 ? 5.666   -3.847  -2.677  1.00 61.41 ? 242 VAL A N    1 
ATOM 161  C CA   . VAL A 1 11 ? 5.727   -4.441  -1.346  1.00 35.54 ? 242 VAL A CA   1 
ATOM 162  C C    . VAL A 1 11 ? 6.819   -5.503  -1.267  1.00 15.22 ? 242 VAL A C    1 
ATOM 163  O O    . VAL A 1 11 ? 7.169   -6.123  -2.272  1.00 51.34 ? 242 VAL A O    1 
ATOM 164  C CB   . VAL A 1 11 ? 4.380   -5.075  -0.952  1.00 25.41 ? 242 VAL A CB   1 
ATOM 165  C CG1  . VAL A 1 11 ? 4.358   -5.403  0.533   1.00 13.21 ? 242 VAL A CG1  1 
ATOM 166  C CG2  . VAL A 1 11 ? 3.229   -4.152  -1.320  1.00 23.35 ? 242 VAL A CG2  1 
ATOM 167  H H    . VAL A 1 11 ? 5.330   -4.384  -3.424  1.00 63.43 ? 242 VAL A H    1 
ATOM 168  H HA   . VAL A 1 11 ? 5.952   -3.655  -0.640  1.00 54.13 ? 242 VAL A HA   1 
ATOM 169  H HB   . VAL A 1 11 ? 4.265   -5.997  -1.503  1.00 61.10 ? 242 VAL A HB   1 
ATOM 170  H HG11 . VAL A 1 11 ? 3.334   -5.471  0.871   1.00 32.21 ? 242 VAL A HG11 1 
ATOM 171  H HG12 . VAL A 1 11 ? 4.858   -6.345  0.701   1.00 71.55 ? 242 VAL A HG12 1 
ATOM 172  H HG13 . VAL A 1 11 ? 4.866   -4.622  1.081   1.00 0.53  ? 242 VAL A HG13 1 
ATOM 173  H HG21 . VAL A 1 11 ? 2.296   -4.686  -1.225  1.00 73.22 ? 242 VAL A HG21 1 
ATOM 174  H HG22 . VAL A 1 11 ? 3.225   -3.299  -0.657  1.00 4.31  ? 242 VAL A HG22 1 
ATOM 175  H HG23 . VAL A 1 11 ? 3.349   -3.815  -2.340  1.00 54.14 ? 242 VAL A HG23 1 
ATOM 176  N N    . ILE A 1 12 ? 7.354   -5.706  -0.068  1.00 12.42 ? 243 ILE A N    1 
ATOM 177  C CA   . ILE A 1 12 ? 8.404   -6.694  0.142   1.00 12.13 ? 243 ILE A CA   1 
ATOM 178  C C    . ILE A 1 12 ? 8.111   -7.558  1.364   1.00 74.01 ? 243 ILE A C    1 
ATOM 179  O O    . ILE A 1 12 ? 8.866   -8.475  1.682   1.00 41.15 ? 243 ILE A O    1 
ATOM 180  C CB   . ILE A 1 12 ? 9.780   -6.024  0.320   1.00 14.30 ? 243 ILE A CB   1 
ATOM 181  C CG1  . ILE A 1 12 ? 9.774   -5.116  1.553   1.00 42.01 ? 243 ILE A CG1  1 
ATOM 182  C CG2  . ILE A 1 12 ? 10.147  -5.231  -0.925  1.00 33.34 ? 243 ILE A CG2  1 
ATOM 183  C CD1  . ILE A 1 12 ? 11.158  -4.773  2.057   1.00 31.12 ? 243 ILE A CD1  1 
ATOM 184  H H    . ILE A 1 12 ? 7.033   -5.180  0.694   1.00 60.12 ? 243 ILE A H    1 
ATOM 185  H HA   . ILE A 1 12 ? 8.445   -7.327  -0.733  1.00 73.45 ? 243 ILE A HA   1 
ATOM 186  H HB   . ILE A 1 12 ? 10.518  -6.799  0.456   1.00 32.15 ? 243 ILE A HB   1 
ATOM 187  H HG12 . ILE A 1 12 ? 9.271   -4.193  1.310   1.00 20.22 ? 243 ILE A HG12 1 
ATOM 188  H HG13 . ILE A 1 12 ? 9.242   -5.612  2.352   1.00 61.02 ? 243 ILE A HG13 1 
ATOM 189  H HG21 . ILE A 1 12 ? 11.103  -5.571  -1.299  1.00 43.41 ? 243 ILE A HG21 1 
ATOM 190  H HG22 . ILE A 1 12 ? 9.392   -5.379  -1.682  1.00 60.50 ? 243 ILE A HG22 1 
ATOM 191  H HG23 . ILE A 1 12 ? 10.211  -4.182  -0.679  1.00 2.51  ? 243 ILE A HG23 1 
ATOM 192  H HD11 . ILE A 1 12 ? 11.551  -3.940  1.493   1.00 1.22  ? 243 ILE A HD11 1 
ATOM 193  H HD12 . ILE A 1 12 ? 11.105  -4.509  3.102   1.00 34.42 ? 243 ILE A HD12 1 
ATOM 194  H HD13 . ILE A 1 12 ? 11.808  -5.628  1.934   1.00 1.13  ? 243 ILE A HD13 1 
ATOM 195  N N    . GLN A 1 13 ? 7.008   -7.258  2.042   1.00 14.00 ? 244 GLN A N    1 
ATOM 196  C CA   . GLN A 1 13 ? 6.615   -8.008  3.229   1.00 44.44 ? 244 GLN A CA   1 
ATOM 197  C C    . GLN A 1 13 ? 5.160   -8.457  3.131   1.00 61.05 ? 244 GLN A C    1 
ATOM 198  O O    . GLN A 1 13 ? 4.305   -7.726  2.631   1.00 51.31 ? 244 GLN A O    1 
ATOM 199  C CB   . GLN A 1 13 ? 6.814   -7.158  4.486   1.00 65.41 ? 244 GLN A CB   1 
ATOM 200  C CG   . GLN A 1 13 ? 6.140   -7.732  5.721   1.00 42.41 ? 244 GLN A CG   1 
ATOM 201  C CD   . GLN A 1 13 ? 6.842   -8.967  6.250   1.00 30.22 ? 244 GLN A CD   1 
ATOM 202  O OE1  . GLN A 1 13 ? 6.693   -10.061 5.706   1.00 3.13  ? 244 GLN A OE1  1 
ATOM 203  N NE2  . GLN A 1 13 ? 7.615   -8.798  7.316   1.00 32.22 ? 244 GLN A NE2  1 
ATOM 204  H H    . GLN A 1 13 ? 6.447   -6.514  1.739   1.00 2.02  ? 244 GLN A H    1 
ATOM 205  H HA   . GLN A 1 13 ? 7.243   -8.882  3.293   1.00 21.45 ? 244 GLN A HA   1 
ATOM 206  H HB2  . GLN A 1 13 ? 7.872   -7.076  4.685   1.00 24.04 ? 244 GLN A HB2  1 
ATOM 207  H HB3  . GLN A 1 13 ? 6.412   -6.173  4.307   1.00 13.01 ? 244 GLN A HB3  1 
ATOM 208  H HG2  . GLN A 1 13 ? 6.137   -6.980  6.496   1.00 53.53 ? 244 GLN A HG2  1 
ATOM 209  H HG3  . GLN A 1 13 ? 5.123   -7.994  5.471   1.00 51.52 ? 244 GLN A HG3  1 
ATOM 210  H HE21 . GLN A 1 13 ? 7.686   -7.897  7.698   1.00 63.44 ? 244 GLN A HE21 1 
ATOM 211  H HE22 . GLN A 1 13 ? 8.081   -9.579  7.680   1.00 1.41  ? 244 GLN A HE22 1 
ATOM 212  N N    . LYS A 1 14 ? 4.885   -9.665  3.611   1.00 72.05 ? 245 LYS A N    1 
ATOM 213  C CA   . LYS A 1 14 ? 3.533   -10.212 3.580   1.00 33.41 ? 245 LYS A CA   1 
ATOM 214  C C    . LYS A 1 14 ? 2.890   -10.151 4.961   1.00 51.44 ? 245 LYS A C    1 
ATOM 215  O O    . LYS A 1 14 ? 3.179   -10.974 5.829   1.00 2.32  ? 245 LYS A O    1 
ATOM 216  C CB   . LYS A 1 14 ? 3.559   -11.659 3.081   1.00 21.51 ? 245 LYS A CB   1 
ATOM 217  C CG   . LYS A 1 14 ? 4.118   -12.642 4.095   1.00 23.32 ? 245 LYS A CG   1 
ATOM 218  C CD   . LYS A 1 14 ? 3.010   -13.344 4.861   1.00 33.21 ? 245 LYS A CD   1 
ATOM 219  C CE   . LYS A 1 14 ? 2.587   -14.634 4.173   1.00 34.22 ? 245 LYS A CE   1 
ATOM 220  N NZ   . LYS A 1 14 ? 1.674   -14.376 3.026   1.00 23.44 ? 245 LYS A NZ   1 
ATOM 221  H H    . LYS A 1 14 ? 5.609   -10.201 3.998   1.00 33.30 ? 245 LYS A H    1 
ATOM 222  H HA   . LYS A 1 14 ? 2.950   -9.615  2.896   1.00 31.31 ? 245 LYS A HA   1 
ATOM 223  H HB2  . LYS A 1 14 ? 2.552   -11.960 2.837   1.00 3.25  ? 245 LYS A HB2  1 
ATOM 224  H HB3  . LYS A 1 14 ? 4.167   -11.709 2.189   1.00 31.42 ? 245 LYS A HB3  1 
ATOM 225  H HG2  . LYS A 1 14 ? 4.708   -13.383 3.577   1.00 23.30 ? 245 LYS A HG2  1 
ATOM 226  H HG3  . LYS A 1 14 ? 4.744   -12.106 4.795   1.00 4.51  ? 245 LYS A HG3  1 
ATOM 227  H HD2  . LYS A 1 14 ? 3.363   -13.578 5.854   1.00 42.11 ? 245 LYS A HD2  1 
ATOM 228  H HD3  . LYS A 1 14 ? 2.156   -12.685 4.927   1.00 0.33  ? 245 LYS A HD3  1 
ATOM 229  H HE2  . LYS A 1 14 ? 3.470   -15.140 3.814   1.00 11.24 ? 245 LYS A HE2  1 
ATOM 230  H HE3  . LYS A 1 14 ? 2.081   -15.260 4.892   1.00 45.04 ? 245 LYS A HE3  1 
ATOM 231  H HZ1  . LYS A 1 14 ? 0.801   -13.921 3.359   1.00 35.13 ? 245 LYS A HZ1  1 
ATOM 232  H HZ2  . LYS A 1 14 ? 1.427   -15.273 2.558   1.00 14.25 ? 245 LYS A HZ2  1 
ATOM 233  H HZ3  . LYS A 1 14 ? 2.137   -13.752 2.333   1.00 61.44 ? 245 LYS A HZ3  1 
ATOM 234  N N    . ARG A 1 15 ? 2.012   -9.171  5.157   1.00 23.22 ? 246 ARG A N    1 
ATOM 235  C CA   . ARG A 1 15 ? 1.327   -9.003  6.432   1.00 62.10 ? 246 ARG A CA   1 
ATOM 236  C C    . ARG A 1 15 ? -0.175  -9.225  6.275   1.00 54.52 ? 246 ARG A C    1 
ATOM 237  O O    . ARG A 1 15 ? -0.805  -8.667  5.377   1.00 1.53  ? 246 ARG A O    1 
ATOM 238  C CB   . ARG A 1 15 ? 1.591   -7.606  6.997   1.00 64.05 ? 246 ARG A CB   1 
ATOM 239  C CG   . ARG A 1 15 ? 0.464   -7.079  7.870   1.00 44.22 ? 246 ARG A CG   1 
ATOM 240  C CD   . ARG A 1 15 ? 0.339   -7.875  9.160   1.00 62.31 ? 246 ARG A CD   1 
ATOM 241  N NE   . ARG A 1 15 ? 1.192   -7.339  10.218  1.00 44.02 ? 246 ARG A NE   1 
ATOM 242  C CZ   . ARG A 1 15 ? 0.878   -6.274  10.946  1.00 13.54 ? 246 ARG A CZ   1 
ATOM 243  N NH1  . ARG A 1 15 ? -0.264  -5.633  10.732  1.00 71.55 ? 246 ARG A NH1  1 
ATOM 244  N NH2  . ARG A 1 15 ? 1.706   -5.847  11.891  1.00 54.23 ? 246 ARG A NH2  1 
ATOM 245  H H    . ARG A 1 15 ? 1.823   -8.545  4.426   1.00 42.15 ? 246 ARG A H    1 
ATOM 246  H HA   . ARG A 1 15 ? 1.718   -9.739  7.118   1.00 52.13 ? 246 ARG A HA   1 
ATOM 247  H HB2  . ARG A 1 15 ? 2.492   -7.635  7.592   1.00 2.03  ? 246 ARG A HB2  1 
ATOM 248  H HB3  . ARG A 1 15 ? 1.731   -6.920  6.176   1.00 32.54 ? 246 ARG A HB3  1 
ATOM 249  H HG2  . ARG A 1 15 ? 0.663   -6.047  8.115   1.00 2.11  ? 246 ARG A HG2  1 
ATOM 250  H HG3  . ARG A 1 15 ? -0.464  -7.149  7.323   1.00 43.34 ? 246 ARG A HG3  1 
ATOM 251  H HD2  . ARG A 1 15 ? -0.689  -7.844  9.489   1.00 34.40 ? 246 ARG A HD2  1 
ATOM 252  H HD3  . ARG A 1 15 ? 0.624   -8.898  8.965   1.00 5.53  ? 246 ARG A HD3  1 
ATOM 253  H HE   . ARG A 1 15 ? 2.040   -7.797  10.393  1.00 10.00 ? 246 ARG A HE   1 
ATOM 254  H HH11 . ARG A 1 15 ? -0.890  -5.954  10.022  1.00 40.53 ? 246 ARG A HH11 1 
ATOM 255  H HH12 . ARG A 1 15 ? -0.498  -4.832  11.283  1.00 64.34 ? 246 ARG A HH12 1 
ATOM 256  H HH21 . ARG A 1 15 ? 2.567   -6.327  12.055  1.00 52.53 ? 246 ARG A HH21 1 
ATOM 257  H HH22 . ARG A 1 15 ? 1.469   -5.045  12.439  1.00 4.42  ? 246 ARG A HH22 1 
ATOM 258  N N    . VAL A 1 16 ? -0.742  -10.044 7.155   1.00 33.11 ? 247 VAL A N    1 
ATOM 259  C CA   . VAL A 1 16 ? -2.169  -10.338 7.115   1.00 44.34 ? 247 VAL A CA   1 
ATOM 260  C C    . VAL A 1 16 ? -2.966  -9.309  7.909   1.00 72.31 ? 247 VAL A C    1 
ATOM 261  O O    . VAL A 1 16 ? -2.574  -8.891  8.999   1.00 10.51 ? 247 VAL A O    1 
ATOM 262  C CB   . VAL A 1 16 ? -2.468  -11.744 7.672   1.00 12.33 ? 247 VAL A CB   1 
ATOM 263  C CG1  . VAL A 1 16 ? -1.763  -12.807 6.844   1.00 11.00 ? 247 VAL A CG1  1 
ATOM 264  C CG2  . VAL A 1 16 ? -2.057  -11.835 9.134   1.00 61.11 ? 247 VAL A CG2  1 
ATOM 265  H H    . VAL A 1 16 ? -0.188  -10.459 7.849   1.00 30.15 ? 247 VAL A H    1 
ATOM 266  H HA   . VAL A 1 16 ? -2.488  -10.309 6.083   1.00 13.03 ? 247 VAL A HA   1 
ATOM 267  H HB   . VAL A 1 16 ? -3.532  -11.916 7.608   1.00 13.54 ? 247 VAL A HB   1 
ATOM 268  H HG11 . VAL A 1 16 ? -1.294  -13.523 7.503   1.00 11.30 ? 247 VAL A HG11 1 
ATOM 269  H HG12 . VAL A 1 16 ? -2.483  -13.312 6.217   1.00 41.51 ? 247 VAL A HG12 1 
ATOM 270  H HG13 . VAL A 1 16 ? -1.010  -12.341 6.225   1.00 45.24 ? 247 VAL A HG13 1 
ATOM 271  H HG21 . VAL A 1 16 ? -2.012  -12.872 9.430   1.00 43.52 ? 247 VAL A HG21 1 
ATOM 272  H HG22 . VAL A 1 16 ? -1.085  -11.382 9.265   1.00 3.44  ? 247 VAL A HG22 1 
ATOM 273  H HG23 . VAL A 1 16 ? -2.781  -11.317 9.745   1.00 3.14  ? 247 VAL A HG23 1 
ATOM 274  N N    . PRO A 1 17 ? -4.113  -8.890  7.353   1.00 22.41 ? 248 PRO A N    1 
ATOM 275  C CA   . PRO A 1 17 ? -4.990  -7.905  7.992   1.00 73.53 ? 248 PRO A CA   1 
ATOM 276  C C    . PRO A 1 17 ? -5.680  -8.463  9.232   1.00 42.12 ? 248 PRO A C    1 
ATOM 277  O O    . PRO A 1 17 ? -5.948  -9.660  9.319   1.00 64.11 ? 248 PRO A O    1 
ATOM 278  C CB   . PRO A 1 17 ? -6.018  -7.587  6.904   1.00 20.10 ? 248 PRO A CB   1 
ATOM 279  C CG   . PRO A 1 17 ? -6.041  -8.798  6.038   1.00 21.13 ? 248 PRO A CG   1 
ATOM 280  C CD   . PRO A 1 17 ? -4.640  -9.347  6.057   1.00 5.31  ? 248 PRO A CD   1 
ATOM 281  H HA   . PRO A 1 17 ? -4.451  -7.007  8.255   1.00 70.14 ? 248 PRO A HA   1 
ATOM 282  H HB2  . PRO A 1 17 ? -6.982  -7.406  7.358   1.00 73.11 ? 248 PRO A HB2  1 
ATOM 283  H HB3  . PRO A 1 17 ? -5.705  -6.713  6.353   1.00 31.44 ? 248 PRO A HB3  1 
ATOM 284  H HG2  . PRO A 1 17 ? -6.732  -9.523  6.439   1.00 4.32  ? 248 PRO A HG2  1 
ATOM 285  H HG3  . PRO A 1 17 ? -6.322  -8.525  5.032   1.00 3.43  ? 248 PRO A HG3  1 
ATOM 286  H HD2  . PRO A 1 17 ? -4.658  -10.426 6.005   1.00 22.12 ? 248 PRO A HD2  1 
ATOM 287  H HD3  . PRO A 1 17 ? -4.064  -8.938  5.240   1.00 13.10 ? 248 PRO A HD3  1 
ATOM 288  N N    . ASN A 1 18 ? -5.968  -7.587  10.188  1.00 11.11 ? 249 ASN A N    1 
ATOM 289  C CA   . ASN A 1 18 ? -6.629  -7.992  11.423  1.00 72.44 ? 249 ASN A CA   1 
ATOM 290  C C    . ASN A 1 18 ? -8.063  -8.438  11.152  1.00 72.41 ? 249 ASN A C    1 
ATOM 291  O O    . ASN A 1 18 ? -8.726  -7.919  10.256  1.00 13.03 ? 249 ASN A O    1 
ATOM 292  C CB   . ASN A 1 18 ? -6.623  -6.841  12.431  1.00 71.44 ? 249 ASN A CB   1 
ATOM 293  C CG   . ASN A 1 18 ? -7.202  -7.245  13.774  1.00 2.11  ? 249 ASN A CG   1 
ATOM 294  O OD1  . ASN A 1 18 ? -7.239  -8.427  14.116  1.00 41.31 ? 249 ASN A OD1  1 
ATOM 295  N ND2  . ASN A 1 18 ? -7.657  -6.262  14.541  1.00 54.32 ? 249 ASN A ND2  1 
ATOM 296  H H    . ASN A 1 18 ? -5.731  -6.644  10.061  1.00 32.43 ? 249 ASN A H    1 
ATOM 297  H HA   . ASN A 1 18 ? -6.077  -8.823  11.837  1.00 10.22 ? 249 ASN A HA   1 
ATOM 298  H HB2  . ASN A 1 18 ? -5.606  -6.510  12.585  1.00 63.11 ? 249 ASN A HB2  1 
ATOM 299  H HB3  . ASN A 1 18 ? -7.208  -6.023  12.038  1.00 54.41 ? 249 ASN A HB3  1 
ATOM 300  H HD21 . ASN A 1 18 ? -7.595  -5.343  14.204  1.00 4.43  ? 249 ASN A HD21 1 
ATOM 301  H HD22 . ASN A 1 18 ? -8.036  -6.494  15.414  1.00 61.03 ? 249 ASN A HD22 1 
ATOM 302  N N    . ALA A 1 19 ? -8.533  -9.404  11.934  1.00 1.31  ? 250 ALA A N    1 
ATOM 303  C CA   . ALA A 1 19 ? -9.889  -9.919  11.780  1.00 73.12 ? 250 ALA A CA   1 
ATOM 304  C C    . ALA A 1 19 ? -10.922 -8.827  12.038  1.00 63.33 ? 250 ALA A C    1 
ATOM 305  O O    . ALA A 1 19 ? -11.962 -8.777  11.382  1.00 2.52  ? 250 ALA A O    1 
ATOM 306  C CB   . ALA A 1 19 ? -10.116 -11.096 12.717  1.00 12.33 ? 250 ALA A CB   1 
ATOM 307  H H    . ALA A 1 19 ? -7.957  -9.779  12.631  1.00 35.11 ? 250 ALA A H    1 
ATOM 308  H HA   . ALA A 1 19 ? -9.999  -10.272 10.764  1.00 75.53 ? 250 ALA A HA   1 
ATOM 309  H HB1  . ALA A 1 19 ? -9.235  -11.722 12.727  1.00 54.11 ? 250 ALA A HB1  1 
ATOM 310  H HB2  . ALA A 1 19 ? -10.309 -10.730 13.715  1.00 11.11 ? 250 ALA A HB2  1 
ATOM 311  H HB3  . ALA A 1 19 ? -10.963 -11.671 12.374  1.00 1.51  ? 250 ALA A HB3  1 
ATOM 312  N N    . TYR A 1 20 ? -10.630 -7.958  12.998  1.00 53.40 ? 251 TYR A N    1 
ATOM 313  C CA   . TYR A 1 20 ? -11.536 -6.870  13.346  1.00 13.54 ? 251 TYR A CA   1 
ATOM 314  C C    . TYR A 1 20 ? -11.207 -5.611  12.548  1.00 11.32 ? 251 TYR A C    1 
ATOM 315  O O    . TYR A 1 20 ? -11.226 -4.501  13.081  1.00 42.42 ? 251 TYR A O    1 
ATOM 316  C CB   . TYR A 1 20 ? -11.459 -6.571  14.844  1.00 12.24 ? 251 TYR A CB   1 
ATOM 317  C CG   . TYR A 1 20 ? -12.143 -7.610  15.703  1.00 51.15 ? 251 TYR A CG   1 
ATOM 318  C CD1  . TYR A 1 20 ? -13.522 -7.598  15.877  1.00 34.44 ? 251 TYR A CD1  1 
ATOM 319  C CD2  . TYR A 1 20 ? -11.411 -8.602  16.343  1.00 40.44 ? 251 TYR A CD2  1 
ATOM 320  C CE1  . TYR A 1 20 ? -14.151 -8.544  16.663  1.00 12.45 ? 251 TYR A CE1  1 
ATOM 321  C CE2  . TYR A 1 20 ? -12.032 -9.553  17.129  1.00 72.22 ? 251 TYR A CE2  1 
ATOM 322  C CZ   . TYR A 1 20 ? -13.402 -9.520  17.286  1.00 33.01 ? 251 TYR A CZ   1 
ATOM 323  O OH   . TYR A 1 20 ? -14.025 -10.465 18.069  1.00 33.40 ? 251 TYR A OH   1 
ATOM 324  H H    . TYR A 1 20 ? -9.786  -8.050  13.487  1.00 73.32 ? 251 TYR A H    1 
ATOM 325  H HA   . TYR A 1 20 ? -12.541 -7.183  13.103  1.00 22.15 ? 251 TYR A HA   1 
ATOM 326  H HB2  . TYR A 1 20 ? -10.423 -6.525  15.142  1.00 3.52  ? 251 TYR A HB2  1 
ATOM 327  H HB3  . TYR A 1 20 ? -11.927 -5.618  15.039  1.00 11.42 ? 251 TYR A HB3  1 
ATOM 328  H HD1  . TYR A 1 20 ? -14.106 -6.831  15.388  1.00 23.01 ? 251 TYR A HD1  1 
ATOM 329  H HD2  . TYR A 1 20 ? -10.338 -8.625  16.219  1.00 45.21 ? 251 TYR A HD2  1 
ATOM 330  H HE1  . TYR A 1 20 ? -15.223 -8.518  16.786  1.00 43.44 ? 251 TYR A HE1  1 
ATOM 331  H HE2  . TYR A 1 20 ? -11.446 -10.318 17.617  1.00 74.12 ? 251 TYR A HE2  1 
ATOM 332  H HH   . TYR A 1 20 ? -14.975 -10.403 17.950  1.00 22.32 ? 251 TYR A HH   1 
ATOM 333  N N    . ASP A 1 21 ? -10.905 -5.793  11.266  1.00 71.04 ? 252 ASP A N    1 
ATOM 334  C CA   . ASP A 1 21 ? -10.573 -4.674  10.393  1.00 72.10 ? 252 ASP A CA   1 
ATOM 335  C C    . ASP A 1 21 ? -11.257 -4.821  9.037   1.00 34.53 ? 252 ASP A C    1 
ATOM 336  O O    . ASP A 1 21 ? -10.993 -5.768  8.296   1.00 33.35 ? 252 ASP A O    1 
ATOM 337  C CB   . ASP A 1 21 ? -9.059  -4.577  10.206  1.00 33.02 ? 252 ASP A CB   1 
ATOM 338  C CG   . ASP A 1 21 ? -8.606  -3.169  9.869   1.00 62.43 ? 252 ASP A CG   1 
ATOM 339  O OD1  . ASP A 1 21 ? -9.392  -2.425  9.246   1.00 25.11 ? 252 ASP A OD1  1 
ATOM 340  O OD2  . ASP A 1 21 ? -7.465  -2.812  10.229  1.00 33.24 ? 252 ASP A OD2  1 
ATOM 341  H H    . ASP A 1 21 ? -10.907 -6.702  10.899  1.00 75.13 ? 252 ASP A H    1 
ATOM 342  H HA   . ASP A 1 21 ? -10.928 -3.769  10.864  1.00 30.11 ? 252 ASP A HA   1 
ATOM 343  H HB2  . ASP A 1 21 ? -8.569  -4.883  11.119  1.00 52.04 ? 252 ASP A HB2  1 
ATOM 344  H HB3  . ASP A 1 21 ? -8.758  -5.234  9.404   1.00 11.11 ? 252 ASP A HB3  1 
ATOM 345  N N    . LYS A 1 22 ? -12.139 -3.880  8.719   1.00 34.33 ? 253 LYS A N    1 
ATOM 346  C CA   . LYS A 1 22 ? -12.861 -3.903  7.453   1.00 31.42 ? 253 LYS A CA   1 
ATOM 347  C C    . LYS A 1 22 ? -12.104 -3.126  6.380   1.00 44.34 ? 253 LYS A C    1 
ATOM 348  O O    . LYS A 1 22 ? -11.871 -3.630  5.281   1.00 3.22  ? 253 LYS A O    1 
ATOM 349  C CB   . LYS A 1 22 ? -14.263 -3.316  7.630   1.00 52.13 ? 253 LYS A CB   1 
ATOM 350  C CG   . LYS A 1 22 ? -15.074 -3.998  8.718   1.00 43.33 ? 253 LYS A CG   1 
ATOM 351  C CD   . LYS A 1 22 ? -15.801 -5.222  8.186   1.00 1.22  ? 253 LYS A CD   1 
ATOM 352  C CE   . LYS A 1 22 ? -16.343 -6.083  9.316   1.00 44.23 ? 253 LYS A CE   1 
ATOM 353  N NZ   . LYS A 1 22 ? -17.480 -5.426  10.018  1.00 44.34 ? 253 LYS A NZ   1 
ATOM 354  H H    . LYS A 1 22 ? -12.307 -3.150  9.352   1.00 34.32 ? 253 LYS A H    1 
ATOM 355  H HA   . LYS A 1 22 ? -12.948 -4.933  7.140   1.00 5.21  ? 253 LYS A HA   1 
ATOM 356  H HB2  . LYS A 1 22 ? -14.173 -2.269  7.881   1.00 34.44 ? 253 LYS A HB2  1 
ATOM 357  H HB3  . LYS A 1 22 ? -14.800 -3.408  6.698   1.00 24.41 ? 253 LYS A HB3  1 
ATOM 358  H HG2  . LYS A 1 22 ? -14.411 -4.304  9.512   1.00 33.54 ? 253 LYS A HG2  1 
ATOM 359  H HG3  . LYS A 1 22 ? -15.802 -3.298  9.104   1.00 2.12  ? 253 LYS A HG3  1 
ATOM 360  H HD2  . LYS A 1 22 ? -16.625 -4.900  7.566   1.00 50.44 ? 253 LYS A HD2  1 
ATOM 361  H HD3  . LYS A 1 22 ? -15.113 -5.810  7.595   1.00 43.40 ? 253 LYS A HD3  1 
ATOM 362  H HE2  . LYS A 1 22 ? -16.681 -7.023  8.905   1.00 35.30 ? 253 LYS A HE2  1 
ATOM 363  H HE3  . LYS A 1 22 ? -15.550 -6.264  10.025  1.00 31.41 ? 253 LYS A HE3  1 
ATOM 364  H HZ1  . LYS A 1 22 ? -18.090 -6.144  10.460  1.00 12.20 ? 253 LYS A HZ1  1 
ATOM 365  H HZ2  . LYS A 1 22 ? -18.048 -4.876  9.342   1.00 35.14 ? 253 LYS A HZ2  1 
ATOM 366  H HZ3  . LYS A 1 22 ? -17.124 -4.787  10.756  1.00 54.02 ? 253 LYS A HZ3  1 
ATOM 367  N N    . THR A 1 23 ? -11.722 -1.895  6.707   1.00 11.23 ? 254 THR A N    1 
ATOM 368  C CA   . THR A 1 23 ? -10.992 -1.049  5.772   1.00 3.41  ? 254 THR A CA   1 
ATOM 369  C C    . THR A 1 23 ? -9.498  -1.346  5.812   1.00 31.42 ? 254 THR A C    1 
ATOM 370  O O    . THR A 1 23 ? -8.674  -0.468  5.560   1.00 72.30 ? 254 THR A O    1 
ATOM 371  C CB   . THR A 1 23 ? -11.215 0.446   6.075   1.00 25.11 ? 254 THR A CB   1 
ATOM 372  O OG1  . THR A 1 23 ? -10.866 0.727   7.434   1.00 34.31 ? 254 THR A OG1  1 
ATOM 373  C CG2  . THR A 1 23 ? -12.664 0.837   5.826   1.00 54.13 ? 254 THR A CG2  1 
ATOM 374  H H    . THR A 1 23 ? -11.937 -1.549  7.598   1.00 43.51 ? 254 THR A H    1 
ATOM 375  H HA   . THR A 1 23 ? -11.363 -1.253  4.777   1.00 53.41 ? 254 THR A HA   1 
ATOM 376  H HB   . THR A 1 23 ? -10.582 1.028   5.419   1.00 55.34 ? 254 THR A HB   1 
ATOM 377  H HG1  . THR A 1 23 ? -10.115 0.185   7.691   1.00 12.44 ? 254 THR A HG1  1 
ATOM 378  H HG21 . THR A 1 23 ? -12.712 1.542   5.010   1.00 33.04 ? 254 THR A HG21 1 
ATOM 379  H HG22 . THR A 1 23 ? -13.072 1.290   6.718   1.00 21.30 ? 254 THR A HG22 1 
ATOM 380  H HG23 . THR A 1 23 ? -13.237 -0.043  5.574   1.00 74.43 ? 254 THR A HG23 1 
ATOM 381  N N    . ALA A 1 24 ? -9.155  -2.590  6.131   1.00 44.51 ? 255 ALA A N    1 
ATOM 382  C CA   . ALA A 1 24 ? -7.759  -3.004  6.202   1.00 21.02 ? 255 ALA A CA   1 
ATOM 383  C C    . ALA A 1 24 ? -7.257  -3.475  4.841   1.00 32.31 ? 255 ALA A C    1 
ATOM 384  O O    . ALA A 1 24 ? -7.964  -4.174  4.114   1.00 14.22 ? 255 ALA A O    1 
ATOM 385  C CB   . ALA A 1 24 ? -7.587  -4.103  7.239   1.00 35.11 ? 255 ALA A CB   1 
ATOM 386  H H    . ALA A 1 24 ? -9.858  -3.245  6.321   1.00 42.34 ? 255 ALA A H    1 
ATOM 387  H HA   . ALA A 1 24 ? -7.174  -2.151  6.515   1.00 0.34  ? 255 ALA A HA   1 
ATOM 388  H HB1  . ALA A 1 24 ? -8.558  -4.423  7.587   1.00 72.43 ? 255 ALA A HB1  1 
ATOM 389  H HB2  . ALA A 1 24 ? -7.069  -4.940  6.795   1.00 1.44  ? 255 ALA A HB2  1 
ATOM 390  H HB3  . ALA A 1 24 ? -7.012  -3.724  8.072   1.00 41.01 ? 255 ALA A HB3  1 
ATOM 391  N N    . LEU A 1 25 ? -6.032  -3.087  4.501   1.00 52.20 ? 256 LEU A N    1 
ATOM 392  C CA   . LEU A 1 25 ? -5.434  -3.470  3.227   1.00 14.51 ? 256 LEU A CA   1 
ATOM 393  C C    . LEU A 1 25 ? -4.398  -4.572  3.420   1.00 53.52 ? 256 LEU A C    1 
ATOM 394  O O    . LEU A 1 25 ? -3.467  -4.430  4.212   1.00 24.32 ? 256 LEU A O    1 
ATOM 395  C CB   . LEU A 1 25 ? -4.785  -2.255  2.561   1.00 52.22 ? 256 LEU A CB   1 
ATOM 396  C CG   . LEU A 1 25 ? -5.706  -1.390  1.700   1.00 15.43 ? 256 LEU A CG   1 
ATOM 397  C CD1  . LEU A 1 25 ? -5.017  -0.087  1.324   1.00 14.42 ? 256 LEU A CD1  1 
ATOM 398  C CD2  . LEU A 1 25 ? -6.138  -2.146  0.453   1.00 2.30  ? 256 LEU A CD2  1 
ATOM 399  H H    . LEU A 1 25 ? -5.517  -2.531  5.122   1.00 1.41  ? 256 LEU A H    1 
ATOM 400  H HA   . LEU A 1 25 ? -6.223  -3.841  2.589   1.00 50.32 ? 256 LEU A HA   1 
ATOM 401  H HB2  . LEU A 1 25 ? -4.376  -1.630  3.340   1.00 41.53 ? 256 LEU A HB2  1 
ATOM 402  H HB3  . LEU A 1 25 ? -3.983  -2.613  1.931   1.00 74.42 ? 256 LEU A HB3  1 
ATOM 403  H HG   . LEU A 1 25 ? -6.593  -1.144  2.268   1.00 50.22 ? 256 LEU A HG   1 
ATOM 404  H HD11 . LEU A 1 25 ? -4.102  -0.304  0.795   1.00 21.42 ? 256 LEU A HD11 1 
ATOM 405  H HD12 . LEU A 1 25 ? -4.790  0.472   2.220   1.00 2.43  ? 256 LEU A HD12 1 
ATOM 406  H HD13 . LEU A 1 25 ? -5.669  0.497   0.691   1.00 63.12 ? 256 LEU A HD13 1 
ATOM 407  H HD21 . LEU A 1 25 ? -5.856  -1.583  -0.424  1.00 45.02 ? 256 LEU A HD21 1 
ATOM 408  H HD22 . LEU A 1 25 ? -7.210  -2.279  0.466   1.00 12.32 ? 256 LEU A HD22 1 
ATOM 409  H HD23 . LEU A 1 25 ? -5.655  -3.111  0.433   1.00 63.42 ? 256 LEU A HD23 1 
ATOM 410  N N    . ALA A 1 26 ? -4.567  -5.670  2.690   1.00 10.22 ? 257 ALA A N    1 
ATOM 411  C CA   . ALA A 1 26 ? -3.644  -6.794  2.777   1.00 41.45 ? 257 ALA A CA   1 
ATOM 412  C C    . ALA A 1 26 ? -2.351  -6.504  2.022   1.00 42.23 ? 257 ALA A C    1 
ATOM 413  O O    . ALA A 1 26 ? -2.363  -5.848  0.981   1.00 44.41 ? 257 ALA A O    1 
ATOM 414  C CB   . ALA A 1 26 ? -4.300  -8.058  2.241   1.00 23.01 ? 257 ALA A CB   1 
ATOM 415  H H    . ALA A 1 26 ? -5.329  -5.723  2.077   1.00 25.24 ? 257 ALA A H    1 
ATOM 416  H HA   . ALA A 1 26 ? -3.412  -6.955  3.821   1.00 31.41 ? 257 ALA A HA   1 
ATOM 417  H HB1  . ALA A 1 26 ? -4.783  -8.584  3.050   1.00 52.32 ? 257 ALA A HB1  1 
ATOM 418  H HB2  . ALA A 1 26 ? -5.033  -7.793  1.494   1.00 43.33 ? 257 ALA A HB2  1 
ATOM 419  H HB3  . ALA A 1 26 ? -3.548  -8.692  1.798   1.00 25.44 ? 257 ALA A HB3  1 
ATOM 420  N N    . LEU A 1 27 ? -1.238  -6.997  2.554   1.00 21.22 ? 258 LEU A N    1 
ATOM 421  C CA   . LEU A 1 27 ? 0.064   -6.790  1.930   1.00 2.04  ? 258 LEU A CA   1 
ATOM 422  C C    . LEU A 1 27 ? 0.722   -8.123  1.589   1.00 21.22 ? 258 LEU A C    1 
ATOM 423  O O    . LEU A 1 27 ? 0.851   -8.999  2.444   1.00 51.42 ? 258 LEU A O    1 
ATOM 424  C CB   . LEU A 1 27 ? 0.973   -5.981  2.857   1.00 0.10  ? 258 LEU A CB   1 
ATOM 425  C CG   . LEU A 1 27 ? 0.455   -4.602  3.269   1.00 24.34 ? 258 LEU A CG   1 
ATOM 426  C CD1  . LEU A 1 27 ? 1.446   -3.917  4.198   1.00 2.42  ? 258 LEU A CD1  1 
ATOM 427  C CD2  . LEU A 1 27 ? 0.190   -3.744  2.041   1.00 14.41 ? 258 LEU A CD2  1 
ATOM 428  H H    . LEU A 1 27 ? -1.292  -7.513  3.385   1.00 53.33 ? 258 LEU A H    1 
ATOM 429  H HA   . LEU A 1 27 ? -0.091  -6.235  1.016   1.00 32.40 ? 258 LEU A HA   1 
ATOM 430  H HB2  . LEU A 1 27 ? 1.127   -6.559  3.755   1.00 60.12 ? 258 LEU A HB2  1 
ATOM 431  H HB3  . LEU A 1 27 ? 1.919   -5.844  2.352   1.00 54.22 ? 258 LEU A HB3  1 
ATOM 432  H HG   . LEU A 1 27 ? -0.477  -4.721  3.804   1.00 1.34  ? 258 LEU A HG   1 
ATOM 433  H HD11 . LEU A 1 27 ? 1.755   -4.607  4.967   1.00 45.43 ? 258 LEU A HD11 1 
ATOM 434  H HD12 . LEU A 1 27 ? 0.976   -3.057  4.651   1.00 51.45 ? 258 LEU A HD12 1 
ATOM 435  H HD13 . LEU A 1 27 ? 2.308   -3.598  3.630   1.00 74.25 ? 258 LEU A HD13 1 
ATOM 436  H HD21 . LEU A 1 27 ? 0.474   -2.723  2.248   1.00 15.14 ? 258 LEU A HD21 1 
ATOM 437  H HD22 . LEU A 1 27 ? -0.863  -3.782  1.796   1.00 35.33 ? 258 LEU A HD22 1 
ATOM 438  H HD23 . LEU A 1 27 ? 0.767   -4.118  1.208   1.00 34.12 ? 258 LEU A HD23 1 
ATOM 439  N N    . GLU A 1 28 ? 1.140   -8.268  0.335   1.00 73.32 ? 259 GLU A N    1 
ATOM 440  C CA   . GLU A 1 28 ? 1.787   -9.494  -0.116  1.00 21.43 ? 259 GLU A CA   1 
ATOM 441  C C    . GLU A 1 28 ? 3.196   -9.209  -0.627  1.00 22.43 ? 259 GLU A C    1 
ATOM 442  O O    . GLU A 1 28 ? 3.376   -8.630  -1.699  1.00 11.40 ? 259 GLU A O    1 
ATOM 443  C CB   . GLU A 1 28 ? 0.959   -10.158 -1.218  1.00 42.04 ? 259 GLU A CB   1 
ATOM 444  C CG   . GLU A 1 28 ? -0.463  -10.488 -0.794  1.00 2.33  ? 259 GLU A CG   1 
ATOM 445  C CD   . GLU A 1 28 ? -1.178  -11.376 -1.794  1.00 44.42 ? 259 GLU A CD   1 
ATOM 446  O OE1  . GLU A 1 28 ? -0.921  -12.598 -1.790  1.00 3.13  ? 259 GLU A OE1  1 
ATOM 447  O OE2  . GLU A 1 28 ? -1.994  -10.851 -2.579  1.00 54.42 ? 259 GLU A OE2  1 
ATOM 448  H H    . GLU A 1 28 ? 1.011   -7.534  -0.300  1.00 52.50 ? 259 GLU A H    1 
ATOM 449  H HA   . GLU A 1 28 ? 1.852   -10.165 0.727   1.00 2.11  ? 259 GLU A HA   1 
ATOM 450  H HB2  . GLU A 1 28 ? 0.915   -9.495  -2.069  1.00 65.25 ? 259 GLU A HB2  1 
ATOM 451  H HB3  . GLU A 1 28 ? 1.445   -11.076 -1.513  1.00 4.01  ? 259 GLU A HB3  1 
ATOM 452  H HG2  . GLU A 1 28 ? -0.434  -10.995 0.158   1.00 71.11 ? 259 GLU A HG2  1 
ATOM 453  H HG3  . GLU A 1 28 ? -1.017  -9.566  -0.694  1.00 54.31 ? 259 GLU A HG3  1 
ATOM 454  N N    . VAL A 1 29 ? 4.196   -9.621  0.147   1.00 52.32 ? 260 VAL A N    1 
ATOM 455  C CA   . VAL A 1 29 ? 5.589   -9.411  -0.225  1.00 4.14  ? 260 VAL A CA   1 
ATOM 456  C C    . VAL A 1 29 ? 5.781   -9.546  -1.731  1.00 2.14  ? 260 VAL A C    1 
ATOM 457  O O    . VAL A 1 29 ? 5.514   -10.599 -2.310  1.00 54.41 ? 260 VAL A O    1 
ATOM 458  C CB   . VAL A 1 29 ? 6.518   -10.408 0.491   1.00 73.02 ? 260 VAL A CB   1 
ATOM 459  C CG1  . VAL A 1 29 ? 5.950   -11.816 0.415   1.00 63.45 ? 260 VAL A CG1  1 
ATOM 460  C CG2  . VAL A 1 29 ? 7.917   -10.356 -0.105  1.00 42.04 ? 260 VAL A CG2  1 
ATOM 461  H H    . VAL A 1 29 ? 3.989   -10.077 0.990   1.00 33.34 ? 260 VAL A H    1 
ATOM 462  H HA   . VAL A 1 29 ? 5.868   -8.412  0.075   1.00 33.13 ? 260 VAL A HA   1 
ATOM 463  H HB   . VAL A 1 29 ? 6.583   -10.125 1.532   1.00 44.02 ? 260 VAL A HB   1 
ATOM 464  H HG11 . VAL A 1 29 ? 6.204   -12.356 1.316   1.00 20.32 ? 260 VAL A HG11 1 
ATOM 465  H HG12 . VAL A 1 29 ? 4.876   -11.767 0.316   1.00 21.10 ? 260 VAL A HG12 1 
ATOM 466  H HG13 . VAL A 1 29 ? 6.367   -12.328 -0.440  1.00 34.21 ? 260 VAL A HG13 1 
ATOM 467  H HG21 . VAL A 1 29 ? 8.638   -10.641 0.645   1.00 72.42 ? 260 VAL A HG21 1 
ATOM 468  H HG22 . VAL A 1 29 ? 7.978   -11.038 -0.941  1.00 61.10 ? 260 VAL A HG22 1 
ATOM 469  H HG23 . VAL A 1 29 ? 8.127   -9.353  -0.444  1.00 43.33 ? 260 VAL A HG23 1 
ATOM 470  N N    . GLY A 1 30 ? 6.248   -8.472  -2.362  1.00 24.41 ? 261 GLY A N    1 
ATOM 471  C CA   . GLY A 1 30 ? 6.469   -8.493  -3.797  1.00 52.13 ? 261 GLY A CA   1 
ATOM 472  C C    . GLY A 1 30 ? 5.201   -8.221  -4.583  1.00 52.43 ? 261 GLY A C    1 
ATOM 473  O O    . GLY A 1 30 ? 4.734   -9.076  -5.335  1.00 34.03 ? 261 GLY A O    1 
ATOM 474  H H    . GLY A 1 30 ? 6.444   -7.661  -1.849  1.00 4.33  ? 261 GLY A H    1 
ATOM 475  H HA2  . GLY A 1 30 ? 7.203   -7.742  -4.048  1.00 52.32 ? 261 GLY A HA2  1 
ATOM 476  H HA3  . GLY A 1 30 ? 6.851   -9.463  -4.077  1.00 5.53  ? 261 GLY A HA3  1 
ATOM 477  N N    . GLU A 1 31 ? 4.642   -7.028  -4.406  1.00 43.51 ? 262 GLU A N    1 
ATOM 478  C CA   . GLU A 1 31 ? 3.418   -6.648  -5.103  1.00 52.24 ? 262 GLU A CA   1 
ATOM 479  C C    . GLU A 1 31 ? 3.373   -5.141  -5.342  1.00 62.43 ? 262 GLU A C    1 
ATOM 480  O O    . GLU A 1 31 ? 4.036   -4.371  -4.646  1.00 52.01 ? 262 GLU A O    1 
ATOM 481  C CB   . GLU A 1 31 ? 2.191   -7.085  -4.300  1.00 43.34 ? 262 GLU A CB   1 
ATOM 482  C CG   . GLU A 1 31 ? 1.955   -6.257  -3.049  1.00 72.34 ? 262 GLU A CG   1 
ATOM 483  C CD   . GLU A 1 31 ? 0.500   -6.239  -2.625  1.00 63.12 ? 262 GLU A CD   1 
ATOM 484  O OE1  . GLU A 1 31 ? -0.240  -7.172  -3.002  1.00 25.23 ? 262 GLU A OE1  1 
ATOM 485  O OE2  . GLU A 1 31 ? 0.099   -5.292  -1.916  1.00 33.24 ? 262 GLU A OE2  1 
ATOM 486  H H    . GLU A 1 31 ? 5.061   -6.389  -3.792  1.00 4.33  ? 262 GLU A H    1 
ATOM 487  H HA   . GLU A 1 31 ? 3.410   -7.152  -6.057  1.00 11.23 ? 262 GLU A HA   1 
ATOM 488  H HB2  . GLU A 1 31 ? 1.316   -7.005  -4.929  1.00 24.44 ? 262 GLU A HB2  1 
ATOM 489  H HB3  . GLU A 1 31 ? 2.318   -8.117  -4.006  1.00 50.51 ? 262 GLU A HB3  1 
ATOM 490  H HG2  . GLU A 1 31 ? 2.543   -6.671  -2.243  1.00 74.30 ? 262 GLU A HG2  1 
ATOM 491  H HG3  . GLU A 1 31 ? 2.273   -5.242  -3.239  1.00 53.45 ? 262 GLU A HG3  1 
ATOM 492  N N    . LEU A 1 32 ? 2.588   -4.729  -6.330  1.00 71.11 ? 263 LEU A N    1 
ATOM 493  C CA   . LEU A 1 32 ? 2.456   -3.314  -6.663  1.00 71.33 ? 263 LEU A CA   1 
ATOM 494  C C    . LEU A 1 32 ? 1.252   -2.699  -5.957  1.00 44.12 ? 263 LEU A C    1 
ATOM 495  O O    . LEU A 1 32 ? 0.120   -3.153  -6.129  1.00 43.13 ? 263 LEU A O    1 
ATOM 496  C CB   . LEU A 1 32 ? 2.321   -3.136  -8.175  1.00 21.22 ? 263 LEU A CB   1 
ATOM 497  C CG   . LEU A 1 32 ? 2.686   -1.757  -8.724  1.00 33.14 ? 263 LEU A CG   1 
ATOM 498  C CD1  . LEU A 1 32 ? 2.183   -1.598  -10.150 1.00 65.40 ? 263 LEU A CD1  1 
ATOM 499  C CD2  . LEU A 1 32 ? 2.122   -0.661  -7.832  1.00 0.42  ? 263 LEU A CD2  1 
ATOM 500  H H    . LEU A 1 32 ? 2.084   -5.389  -6.850  1.00 34.41 ? 263 LEU A H    1 
ATOM 501  H HA   . LEU A 1 32 ? 3.350   -2.811  -6.327  1.00 54.23 ? 263 LEU A HA   1 
ATOM 502  H HB2  . LEU A 1 32 ? 2.962   -3.862  -8.652  1.00 53.41 ? 263 LEU A HB2  1 
ATOM 503  H HB3  . LEU A 1 32 ? 1.293   -3.337  -8.441  1.00 41.35 ? 263 LEU A HB3  1 
ATOM 504  H HG   . LEU A 1 32 ? 3.764   -1.655  -8.738  1.00 62.04 ? 263 LEU A HG   1 
ATOM 505  H HD11 . LEU A 1 32 ? 3.005   -1.328  -10.795 1.00 14.00 ? 263 LEU A HD11 1 
ATOM 506  H HD12 . LEU A 1 32 ? 1.431   -0.824  -10.183 1.00 60.04 ? 263 LEU A HD12 1 
ATOM 507  H HD13 . LEU A 1 32 ? 1.754   -2.531  -10.485 1.00 0.42  ? 263 LEU A HD13 1 
ATOM 508  H HD21 . LEU A 1 32 ? 1.088   -0.878  -7.607  1.00 73.23 ? 263 LEU A HD21 1 
ATOM 509  H HD22 . LEU A 1 32 ? 2.186   0.289   -8.344  1.00 63.15 ? 263 LEU A HD22 1 
ATOM 510  H HD23 . LEU A 1 32 ? 2.689   -0.616  -6.915  1.00 14.14 ? 263 LEU A HD23 1 
ATOM 511  N N    . VAL A 1 33 ? 1.502   -1.662  -5.165  1.00 53.14 ? 264 VAL A N    1 
ATOM 512  C CA   . VAL A 1 33 ? 0.438   -0.982  -4.435  1.00 42.13 ? 264 VAL A CA   1 
ATOM 513  C C    . VAL A 1 33 ? 0.531   0.530   -4.610  1.00 65.34 ? 264 VAL A C    1 
ATOM 514  O O    . VAL A 1 33 ? 1.618   1.106   -4.558  1.00 54.11 ? 264 VAL A O    1 
ATOM 515  C CB   . VAL A 1 33 ? 0.483   -1.318  -2.933  1.00 13.02 ? 264 VAL A CB   1 
ATOM 516  C CG1  . VAL A 1 33 ? 1.905   -1.648  -2.502  1.00 43.41 ? 264 VAL A CG1  1 
ATOM 517  C CG2  . VAL A 1 33 ? -0.077  -0.166  -2.112  1.00 23.43 ? 264 VAL A CG2  1 
ATOM 518  H H    . VAL A 1 33 ? 2.424   -1.346  -5.068  1.00 24.52 ? 264 VAL A H    1 
ATOM 519  H HA   . VAL A 1 33 ? -0.508  -1.323  -4.830  1.00 0.52  ? 264 VAL A HA   1 
ATOM 520  H HB   . VAL A 1 33 ? -0.133  -2.188  -2.760  1.00 24.13 ? 264 VAL A HB   1 
ATOM 521  H HG11 . VAL A 1 33 ? 2.339   -2.346  -3.202  1.00 31.14 ? 264 VAL A HG11 1 
ATOM 522  H HG12 . VAL A 1 33 ? 2.494   -0.743  -2.480  1.00 61.13 ? 264 VAL A HG12 1 
ATOM 523  H HG13 . VAL A 1 33 ? 1.888   -2.092  -1.517  1.00 12.02 ? 264 VAL A HG13 1 
ATOM 524  H HG21 . VAL A 1 33 ? -0.775  0.398   -2.714  1.00 62.42 ? 264 VAL A HG21 1 
ATOM 525  H HG22 . VAL A 1 33 ? -0.585  -0.556  -1.242  1.00 23.44 ? 264 VAL A HG22 1 
ATOM 526  H HG23 . VAL A 1 33 ? 0.730   0.479   -1.798  1.00 30.41 ? 264 VAL A HG23 1 
ATOM 527  N N    . LYS A 1 34 ? -0.615  1.168   -4.817  1.00 43.22 ? 265 LYS A N    1 
ATOM 528  C CA   . LYS A 1 34 ? -0.665  2.613   -4.998  1.00 53.14 ? 265 LYS A CA   1 
ATOM 529  C C    . LYS A 1 34 ? -1.678  3.246   -4.049  1.00 41.34 ? 265 LYS A C    1 
ATOM 530  O O    . LYS A 1 34 ? -2.836  3.456   -4.411  1.00 75.02 ? 265 LYS A O    1 
ATOM 531  C CB   . LYS A 1 34 ? -1.026  2.955   -6.446  1.00 32.02 ? 265 LYS A CB   1 
ATOM 532  C CG   . LYS A 1 34 ? -0.246  2.151   -7.472  1.00 41.03 ? 265 LYS A CG   1 
ATOM 533  C CD   . LYS A 1 34 ? -0.888  0.797   -7.723  1.00 4.14  ? 265 LYS A CD   1 
ATOM 534  C CE   . LYS A 1 34 ? -2.358  0.935   -8.090  1.00 74.40 ? 265 LYS A CE   1 
ATOM 535  N NZ   . LYS A 1 34 ? -2.809  -0.157  -8.996  1.00 52.23 ? 265 LYS A NZ   1 
ATOM 536  H H    . LYS A 1 34 ? -1.450  0.653   -4.849  1.00 74.44 ? 265 LYS A H    1 
ATOM 537  H HA   . LYS A 1 34 ? 0.314   3.010   -4.776  1.00 21.20 ? 265 LYS A HA   1 
ATOM 538  H HB2  . LYS A 1 34 ? -2.079  2.767   -6.596  1.00 32.13 ? 265 LYS A HB2  1 
ATOM 539  H HB3  . LYS A 1 34 ? -0.828  4.004   -6.615  1.00 43.01 ? 265 LYS A HB3  1 
ATOM 540  H HG2  . LYS A 1 34 ? -0.217  2.701   -8.400  1.00 10.05 ? 265 LYS A HG2  1 
ATOM 541  H HG3  . LYS A 1 34 ? 0.761   2.001   -7.109  1.00 64.22 ? 265 LYS A HG3  1 
ATOM 542  H HD2  . LYS A 1 34 ? -0.371  0.308   -8.536  1.00 31.41 ? 265 LYS A HD2  1 
ATOM 543  H HD3  . LYS A 1 34 ? -0.804  0.197   -6.829  1.00 62.23 ? 265 LYS A HD3  1 
ATOM 544  H HE2  . LYS A 1 34 ? -2.944  0.906   -7.185  1.00 50.52 ? 265 LYS A HE2  1 
ATOM 545  H HE3  . LYS A 1 34 ? -2.504  1.885   -8.583  1.00 0.24  ? 265 LYS A HE3  1 
ATOM 546  H HZ1  . LYS A 1 34 ? -1.988  -0.608  -9.448  1.00 52.00 ? 265 LYS A HZ1  1 
ATOM 547  H HZ2  . LYS A 1 34 ? -3.430  0.227   -9.736  1.00 51.04 ? 265 LYS A HZ2  1 
ATOM 548  H HZ3  . LYS A 1 34 ? -3.333  -0.876  -8.457  1.00 54.11 ? 265 LYS A HZ3  1 
ATOM 549  N N    . VAL A 1 35 ? -1.234  3.548   -2.833  1.00 60.40 ? 266 VAL A N    1 
ATOM 550  C CA   . VAL A 1 35 ? -2.101  4.159   -1.832  1.00 60.31 ? 266 VAL A CA   1 
ATOM 551  C C    . VAL A 1 35 ? -2.806  5.388   -2.394  1.00 54.51 ? 266 VAL A C    1 
ATOM 552  O O    . VAL A 1 35 ? -2.862  5.586   -3.608  1.00 54.22 ? 266 VAL A O    1 
ATOM 553  C CB   . VAL A 1 35 ? -1.308  4.565   -0.575  1.00 44.40 ? 266 VAL A CB   1 
ATOM 554  C CG1  . VAL A 1 35 ? -0.472  3.398   -0.071  1.00 31.14 ? 266 VAL A CG1  1 
ATOM 555  C CG2  . VAL A 1 35 ? -0.433  5.773   -0.866  1.00 35.23 ? 266 VAL A CG2  1 
ATOM 556  H H    . VAL A 1 35 ? -0.301  3.356   -2.603  1.00 23.54 ? 266 VAL A H    1 
ATOM 557  H HA   . VAL A 1 35 ? -2.844  3.429   -1.544  1.00 32.12 ? 266 VAL A HA   1 
ATOM 558  H HB   . VAL A 1 35 ? -2.012  4.834   0.198   1.00 54.22 ? 266 VAL A HB   1 
ATOM 559  H HG11 . VAL A 1 35 ? 0.516   3.750   0.187   1.00 62.32 ? 266 VAL A HG11 1 
ATOM 560  H HG12 . VAL A 1 35 ? -0.942  2.968   0.800   1.00 32.23 ? 266 VAL A HG12 1 
ATOM 561  H HG13 . VAL A 1 35 ? -0.395  2.649   -0.847  1.00 52.33 ? 266 VAL A HG13 1 
ATOM 562  H HG21 . VAL A 1 35 ? -0.619  6.120   -1.872  1.00 61.13 ? 266 VAL A HG21 1 
ATOM 563  H HG22 . VAL A 1 35 ? -0.664  6.564   -0.165  1.00 22.21 ? 266 VAL A HG22 1 
ATOM 564  H HG23 . VAL A 1 35 ? 0.607   5.498   -0.766  1.00 3.22  ? 266 VAL A HG23 1 
ATOM 565  N N    . THR A 1 36 ? -3.345  6.214   -1.501  1.00 43.42 ? 267 THR A N    1 
ATOM 566  C CA   . THR A 1 36 ? -4.048  7.424   -1.907  1.00 42.30 ? 267 THR A CA   1 
ATOM 567  C C    . THR A 1 36 ? -3.617  8.619   -1.065  1.00 22.34 ? 267 THR A C    1 
ATOM 568  O O    . THR A 1 36 ? -3.468  9.730   -1.575  1.00 30.11 ? 267 THR A O    1 
ATOM 569  C CB   . THR A 1 36 ? -5.575  7.253   -1.789  1.00 22.25 ? 267 THR A CB   1 
ATOM 570  O OG1  . THR A 1 36 ? -5.936  6.993   -0.428  1.00 51.12 ? 267 THR A OG1  1 
ATOM 571  C CG2  . THR A 1 36 ? -6.062  6.116   -2.674  1.00 23.33 ? 267 THR A CG2  1 
ATOM 572  H H    . THR A 1 36 ? -3.268  6.001   -0.548  1.00 74.22 ? 267 THR A H    1 
ATOM 573  H HA   . THR A 1 36 ? -3.808  7.619   -2.942  1.00 64.11 ? 267 THR A HA   1 
ATOM 574  H HB   . THR A 1 36 ? -6.051  8.169   -2.111  1.00 23.24 ? 267 THR A HB   1 
ATOM 575  H HG1  . THR A 1 36 ? -6.876  7.150   -0.311  1.00 30.52 ? 267 THR A HG1  1 
ATOM 576  H HG21 . THR A 1 36 ? -6.941  5.668   -2.235  1.00 75.20 ? 267 THR A HG21 1 
ATOM 577  H HG22 . THR A 1 36 ? -5.284  5.371   -2.763  1.00 2.31  ? 267 THR A HG22 1 
ATOM 578  H HG23 . THR A 1 36 ? -6.306  6.500   -3.653  1.00 33.14 ? 267 THR A HG23 1 
ATOM 579  N N    . LYS A 1 37 ? -3.415  8.385   0.227   1.00 71.23 ? 268 LYS A N    1 
ATOM 580  C CA   . LYS A 1 37 ? -2.997  9.441   1.141   1.00 34.14 ? 268 LYS A CA   1 
ATOM 581  C C    . LYS A 1 37 ? -1.947  8.929   2.121   1.00 73.22 ? 268 LYS A C    1 
ATOM 582  O O    . LYS A 1 37 ? -2.231  8.071   2.957   1.00 71.44 ? 268 LYS A O    1 
ATOM 583  C CB   . LYS A 1 37 ? -4.203  9.987   1.909   1.00 2.12  ? 268 LYS A CB   1 
ATOM 584  C CG   . LYS A 1 37 ? -3.857  11.115  2.865   1.00 3.22  ? 268 LYS A CG   1 
ATOM 585  C CD   . LYS A 1 37 ? -5.066  11.987  3.160   1.00 23.04 ? 268 LYS A CD   1 
ATOM 586  C CE   . LYS A 1 37 ? -5.281  13.028  2.072   1.00 74.33 ? 268 LYS A CE   1 
ATOM 587  N NZ   . LYS A 1 37 ? -6.162  12.519  0.984   1.00 53.33 ? 268 LYS A NZ   1 
ATOM 588  H H    . LYS A 1 37 ? -3.550  7.477   0.575   1.00 35.34 ? 268 LYS A H    1 
ATOM 589  H HA   . LYS A 1 37 ? -2.565  10.237  0.553   1.00 10.54 ? 268 LYS A HA   1 
ATOM 590  H HB2  . LYS A 1 37 ? -4.930  10.354  1.199   1.00 11.01 ? 268 LYS A HB2  1 
ATOM 591  H HB3  . LYS A 1 37 ? -4.646  9.182   2.479   1.00 72.40 ? 268 LYS A HB3  1 
ATOM 592  H HG2  . LYS A 1 37 ? -3.497  10.692  3.790   1.00 71.12 ? 268 LYS A HG2  1 
ATOM 593  H HG3  . LYS A 1 37 ? -3.083  11.726  2.421   1.00 4.42  ? 268 LYS A HG3  1 
ATOM 594  H HD2  . LYS A 1 37 ? -5.943  11.361  3.222   1.00 51.52 ? 268 LYS A HD2  1 
ATOM 595  H HD3  . LYS A 1 37 ? -4.913  12.490  4.104   1.00 11.54 ? 268 LYS A HD3  1 
ATOM 596  H HE2  . LYS A 1 37 ? -5.735  13.901  2.513   1.00 11.31 ? 268 LYS A HE2  1 
ATOM 597  H HE3  . LYS A 1 37 ? -4.322  13.295  1.653   1.00 24.32 ? 268 LYS A HE3  1 
ATOM 598  H HZ1  . LYS A 1 37 ? -6.718  11.709  1.325   1.00 33.13 ? 268 LYS A HZ1  1 
ATOM 599  H HZ2  . LYS A 1 37 ? -5.588  12.216  0.173   1.00 21.01 ? 268 LYS A HZ2  1 
ATOM 600  H HZ3  . LYS A 1 37 ? -6.815  13.267  0.674   1.00 35.54 ? 268 LYS A HZ3  1 
ATOM 601  N N    . ILE A 1 38 ? -0.734  9.461   2.014   1.00 11.05 ? 269 ILE A N    1 
ATOM 602  C CA   . ILE A 1 38 ? 0.357   9.059   2.893   1.00 11.05 ? 269 ILE A CA   1 
ATOM 603  C C    . ILE A 1 38 ? 0.289   9.797   4.225   1.00 35.32 ? 269 ILE A C    1 
ATOM 604  O O    . ILE A 1 38 ? 0.363   11.025  4.271   1.00 4.50  ? 269 ILE A O    1 
ATOM 605  C CB   . ILE A 1 38 ? 1.729   9.320   2.243   1.00 62.32 ? 269 ILE A CB   1 
ATOM 606  C CG1  . ILE A 1 38 ? 1.834   8.581   0.907   1.00 14.51 ? 269 ILE A CG1  1 
ATOM 607  C CG2  . ILE A 1 38 ? 2.849   8.892   3.180   1.00 1.12  ? 269 ILE A CG2  1 
ATOM 608  C CD1  . ILE A 1 38 ? 3.121   8.858   0.163   1.00 14.13 ? 269 ILE A CD1  1 
ATOM 609  H H    . ILE A 1 38 ? -0.569  10.141  1.327   1.00 61.30 ? 269 ILE A H    1 
ATOM 610  H HA   . ILE A 1 38 ? 0.263   7.998   3.076   1.00 33.11 ? 269 ILE A HA   1 
ATOM 611  H HB   . ILE A 1 38 ? 1.824   10.381  2.068   1.00 63.55 ? 269 ILE A HB   1 
ATOM 612  H HG12 . ILE A 1 38 ? 1.775   7.519   1.085   1.00 0.13  ? 269 ILE A HG12 1 
ATOM 613  H HG13 . ILE A 1 38 ? 1.012   8.882   0.273   1.00 24.00 ? 269 ILE A HG13 1 
ATOM 614  H HG21 . ILE A 1 38 ? 3.362   9.767   3.550   1.00 31.43 ? 269 ILE A HG21 1 
ATOM 615  H HG22 . ILE A 1 38 ? 2.432   8.343   4.011   1.00 13.40 ? 269 ILE A HG22 1 
ATOM 616  H HG23 . ILE A 1 38 ? 3.545   8.264   2.646   1.00 24.12 ? 269 ILE A HG23 1 
ATOM 617  H HD11 . ILE A 1 38 ? 2.954   8.749   -0.898  1.00 3.04  ? 269 ILE A HD11 1 
ATOM 618  H HD12 . ILE A 1 38 ? 3.452   9.864   0.375   1.00 41.23 ? 269 ILE A HD12 1 
ATOM 619  H HD13 . ILE A 1 38 ? 3.878   8.156   0.481   1.00 32.10 ? 269 ILE A HD13 1 
ATOM 620  N N    . ASN A 1 39 ? 0.151   9.040   5.309   1.00 31.51 ? 270 ASN A N    1 
ATOM 621  C CA   . ASN A 1 39 ? 0.076   9.622   6.644   1.00 12.21 ? 270 ASN A CA   1 
ATOM 622  C C    . ASN A 1 39 ? 1.471   9.901   7.196   1.00 12.44 ? 270 ASN A C    1 
ATOM 623  O O    . ASN A 1 39 ? 2.471   9.443   6.644   1.00 71.42 ? 270 ASN A O    1 
ATOM 624  C CB   . ASN A 1 39 ? -0.680  8.687   7.589   1.00 64.31 ? 270 ASN A CB   1 
ATOM 625  C CG   . ASN A 1 39 ? -1.344  9.431   8.731   1.00 62.32 ? 270 ASN A CG   1 
ATOM 626  O OD1  . ASN A 1 39 ? -1.077  10.611  8.956   1.00 53.01 ? 270 ASN A OD1  1 
ATOM 627  N ND2  . ASN A 1 39 ? -2.215  8.742   9.459   1.00 43.40 ? 270 ASN A ND2  1 
ATOM 628  H H    . ASN A 1 39 ? 0.099   8.066   5.209   1.00 15.24 ? 270 ASN A H    1 
ATOM 629  H HA   . ASN A 1 39 ? -0.463  10.555  6.569   1.00 11.13 ? 270 ASN A HA   1 
ATOM 630  H HB2  . ASN A 1 39 ? -1.446  8.164   7.033   1.00 21.54 ? 270 ASN A HB2  1 
ATOM 631  H HB3  . ASN A 1 39 ? 0.011   7.968   8.005   1.00 4.40  ? 270 ASN A HB3  1 
ATOM 632  H HD21 . ASN A 1 39 ? -2.379  7.805   9.222   1.00 72.51 ? 270 ASN A HD21 1 
ATOM 633  H HD22 . ASN A 1 39 ? -2.660  9.199   10.204  1.00 4.23  ? 270 ASN A HD22 1 
ATOM 634  N N    . VAL A 1 40 ? 1.529   10.657  8.287   1.00 14.33 ? 271 VAL A N    1 
ATOM 635  C CA   . VAL A 1 40 ? 2.800   10.997  8.915   1.00 14.12 ? 271 VAL A CA   1 
ATOM 636  C C    . VAL A 1 40 ? 3.151   10.005  10.017  1.00 30.01 ? 271 VAL A C    1 
ATOM 637  O O    . VAL A 1 40 ? 4.154   10.164  10.712  1.00 72.55 ? 271 VAL A O    1 
ATOM 638  C CB   . VAL A 1 40 ? 2.771   12.419  9.508   1.00 21.10 ? 271 VAL A CB   1 
ATOM 639  C CG1  . VAL A 1 40 ? 2.732   13.460  8.400   1.00 51.10 ? 271 VAL A CG1  1 
ATOM 640  C CG2  . VAL A 1 40 ? 1.583   12.580  10.445  1.00 54.23 ? 271 VAL A CG2  1 
ATOM 641  H H    . VAL A 1 40 ? 0.696   10.995  8.680   1.00 34.54 ? 271 VAL A H    1 
ATOM 642  H HA   . VAL A 1 40 ? 3.568   10.963  8.155   1.00 12.20 ? 271 VAL A HA   1 
ATOM 643  H HB   . VAL A 1 40 ? 3.675   12.567  10.080  1.00 22.22 ? 271 VAL A HB   1 
ATOM 644  H HG11 . VAL A 1 40 ? 1.735   13.868  8.326   1.00 3.11  ? 271 VAL A HG11 1 
ATOM 645  H HG12 . VAL A 1 40 ? 3.431   14.253  8.625   1.00 63.33 ? 271 VAL A HG12 1 
ATOM 646  H HG13 . VAL A 1 40 ? 3.002   12.998  7.462   1.00 43.14 ? 271 VAL A HG13 1 
ATOM 647  H HG21 . VAL A 1 40 ? 1.826   13.300  11.212  1.00 3.03  ? 271 VAL A HG21 1 
ATOM 648  H HG22 . VAL A 1 40 ? 0.727   12.926  9.885   1.00 41.33 ? 271 VAL A HG22 1 
ATOM 649  H HG23 . VAL A 1 40 ? 1.354   11.630  10.903  1.00 45.51 ? 271 VAL A HG23 1 
ATOM 650  N N    . SER A 1 41 ? 2.318   8.981   10.171  1.00 23.34 ? 272 SER A N    1 
ATOM 651  C CA   . SER A 1 41 ? 2.539   7.963   11.191  1.00 51.34 ? 272 SER A CA   1 
ATOM 652  C C    . SER A 1 41 ? 3.046   6.667   10.566  1.00 52.02 ? 272 SER A C    1 
ATOM 653  O O    . SER A 1 41 ? 3.018   5.609   11.193  1.00 34.23 ? 272 SER A O    1 
ATOM 654  C CB   . SER A 1 41 ? 1.246   7.697   11.964  1.00 61.44 ? 272 SER A CB   1 
ATOM 655  O OG   . SER A 1 41 ? 1.498   6.941   13.135  1.00 64.14 ? 272 SER A OG   1 
ATOM 656  H H    . SER A 1 41 ? 1.536   8.909   9.585   1.00 14.13 ? 272 SER A H    1 
ATOM 657  H HA   . SER A 1 41 ? 3.286   8.335   11.875  1.00 35.34 ? 272 SER A HA   1 
ATOM 658  H HB2  . SER A 1 41 ? 0.799   8.638   12.247  1.00 61.34 ? 272 SER A HB2  1 
ATOM 659  H HB3  . SER A 1 41 ? 0.560   7.148   11.335  1.00 65.23 ? 272 SER A HB3  1 
ATOM 660  H HG   . SER A 1 41 ? 2.364   7.167   13.483  1.00 50.33 ? 272 SER A HG   1 
ATOM 661  N N    . GLY A 1 42 ? 3.510   6.759   9.324   1.00 11.15 ? 273 GLY A N    1 
ATOM 662  C CA   . GLY A 1 42 ? 4.018   5.588   8.632   1.00 43.44 ? 273 GLY A CA   1 
ATOM 663  C C    . GLY A 1 42 ? 2.908   4.689   8.124   1.00 74.32 ? 273 GLY A C    1 
ATOM 664  O O    . GLY A 1 42 ? 3.146   3.528   7.791   1.00 74.10 ? 273 GLY A O    1 
ATOM 665  H H    . GLY A 1 42 ? 3.508   7.629   8.872   1.00 12.21 ? 273 GLY A H    1 
ATOM 666  H HA2  . GLY A 1 42 ? 4.618   5.910   7.794   1.00 12.52 ? 273 GLY A HA2  1 
ATOM 667  H HA3  . GLY A 1 42 ? 4.640   5.024   9.312   1.00 51.32 ? 273 GLY A HA3  1 
ATOM 668  N N    . GLN A 1 43 ? 1.693   5.224   8.068   1.00 31.34 ? 274 GLN A N    1 
ATOM 669  C CA   . GLN A 1 43 ? 0.543   4.460   7.599   1.00 72.11 ? 274 GLN A CA   1 
ATOM 670  C C    . GLN A 1 43 ? -0.074  5.107   6.364   1.00 13.02 ? 274 GLN A C    1 
ATOM 671  O O    . GLN A 1 43 ? -0.633  6.201   6.439   1.00 10.43 ? 274 GLN A O    1 
ATOM 672  C CB   . GLN A 1 43 ? -0.506  4.347   8.708   1.00 65.34 ? 274 GLN A CB   1 
ATOM 673  C CG   . GLN A 1 43 ? -1.479  3.196   8.509   1.00 3.45  ? 274 GLN A CG   1 
ATOM 674  C CD   . GLN A 1 43 ? -2.177  2.793   9.792   1.00 30.40 ? 274 GLN A CD   1 
ATOM 675  O OE1  . GLN A 1 43 ? -1.532  2.419   10.772  1.00 42.34 ? 274 GLN A OE1  1 
ATOM 676  N NE2  . GLN A 1 43 ? -3.503  2.868   9.794   1.00 2.34  ? 274 GLN A NE2  1 
ATOM 677  H H    . GLN A 1 43 ? 1.567   6.155   8.347   1.00 70.13 ? 274 GLN A H    1 
ATOM 678  H HA   . GLN A 1 43 ? 0.886   3.471   7.339   1.00 33.34 ? 274 GLN A HA   1 
ATOM 679  H HB2  . GLN A 1 43 ? -0.001  4.204   9.652   1.00 5.23  ? 274 GLN A HB2  1 
ATOM 680  H HB3  . GLN A 1 43 ? -1.072  5.265   8.747   1.00 1.53  ? 274 GLN A HB3  1 
ATOM 681  H HG2  . GLN A 1 43 ? -2.227  3.494   7.789   1.00 3.23  ? 274 GLN A HG2  1 
ATOM 682  H HG3  . GLN A 1 43 ? -0.935  2.344   8.129   1.00 4.22  ? 274 GLN A HG3  1 
ATOM 683  H HE21 . GLN A 1 43 ? -3.950  3.173   8.976   1.00 75.12 ? 274 GLN A HE21 1 
ATOM 684  H HE22 . GLN A 1 43 ? -3.980  2.612   10.610  1.00 35.22 ? 274 GLN A HE22 1 
ATOM 685  N N    . TRP A 1 44 ? 0.032   4.425   5.231   1.00 5.13  ? 275 TRP A N    1 
ATOM 686  C CA   . TRP A 1 44 ? -0.517  4.934   3.978   1.00 21.51 ? 275 TRP A CA   1 
ATOM 687  C C    . TRP A 1 44 ? -1.844  4.260   3.651   1.00 31.24 ? 275 TRP A C    1 
ATOM 688  O O    . TRP A 1 44 ? -1.928  3.034   3.586   1.00 55.34 ? 275 TRP A O    1 
ATOM 689  C CB   . TRP A 1 44 ? 0.477   4.714   2.836   1.00 30.41 ? 275 TRP A CB   1 
ATOM 690  C CG   . TRP A 1 44 ? 1.831   5.299   3.104   1.00 11.40 ? 275 TRP A CG   1 
ATOM 691  C CD1  . TRP A 1 44 ? 2.219   5.990   4.216   1.00 72.22 ? 275 TRP A CD1  1 
ATOM 692  C CD2  . TRP A 1 44 ? 2.973   5.248   2.242   1.00 73.15 ? 275 TRP A CD2  1 
ATOM 693  N NE1  . TRP A 1 44 ? 3.534   6.370   4.099   1.00 42.44 ? 275 TRP A NE1  1 
ATOM 694  C CE2  . TRP A 1 44 ? 4.019   5.928   2.897   1.00 24.21 ? 275 TRP A CE2  1 
ATOM 695  C CE3  . TRP A 1 44 ? 3.214   4.694   0.983   1.00 4.24  ? 275 TRP A CE3  1 
ATOM 696  C CZ2  . TRP A 1 44 ? 5.284   6.066   2.332   1.00 31.20 ? 275 TRP A CZ2  1 
ATOM 697  C CZ3  . TRP A 1 44 ? 4.469   4.832   0.423   1.00 34.13 ? 275 TRP A CZ3  1 
ATOM 698  C CH2  . TRP A 1 44 ? 5.493   5.513   1.098   1.00 42.23 ? 275 TRP A CH2  1 
ATOM 699  H H    . TRP A 1 44 ? 0.489   3.558   5.234   1.00 73.22 ? 275 TRP A H    1 
ATOM 700  H HA   . TRP A 1 44 ? -0.684  5.994   4.097   1.00 75.21 ? 275 TRP A HA   1 
ATOM 701  H HB2  . TRP A 1 44 ? 0.599   3.653   2.672   1.00 75.45 ? 275 TRP A HB2  1 
ATOM 702  H HB3  . TRP A 1 44 ? 0.088   5.170   1.937   1.00 23.14 ? 275 TRP A HB3  1 
ATOM 703  H HD1  . TRP A 1 44 ? 1.575   6.199   5.057   1.00 14.41 ? 275 TRP A HD1  1 
ATOM 704  H HE1  . TRP A 1 44 ? 4.041   6.876   4.768   1.00 20.01 ? 275 TRP A HE1  1 
ATOM 705  H HE3  . TRP A 1 44 ? 2.439   4.165   0.447   1.00 14.23 ? 275 TRP A HE3  1 
ATOM 706  H HZ2  . TRP A 1 44 ? 6.082   6.586   2.840   1.00 14.03 ? 275 TRP A HZ2  1 
ATOM 707  H HZ3  . TRP A 1 44 ? 4.675   4.410   -0.550  1.00 70.12 ? 275 TRP A HZ3  1 
ATOM 708  H HH2  . TRP A 1 44 ? 6.458   5.596   0.622   1.00 55.45 ? 275 TRP A HH2  1 
ATOM 709  N N    . GLU A 1 45 ? -2.878  5.069   3.445   1.00 3.31  ? 276 GLU A N    1 
ATOM 710  C CA   . GLU A 1 45 ? -4.202  4.548   3.123   1.00 54.24 ? 276 GLU A CA   1 
ATOM 711  C C    . GLU A 1 45 ? -4.622  4.956   1.715   1.00 13.24 ? 276 GLU A C    1 
ATOM 712  O O    . GLU A 1 45 ? -4.470  6.112   1.320   1.00 53.01 ? 276 GLU A O    1 
ATOM 713  C CB   . GLU A 1 45 ? -5.231  5.050   4.140   1.00 3.33  ? 276 GLU A CB   1 
ATOM 714  C CG   . GLU A 1 45 ? -5.394  6.561   4.146   1.00 21.34 ? 276 GLU A CG   1 
ATOM 715  C CD   . GLU A 1 45 ? -6.600  7.014   4.944   1.00 51.44 ? 276 GLU A CD   1 
ATOM 716  O OE1  . GLU A 1 45 ? -7.738  6.725   4.517   1.00 0.35  ? 276 GLU A OE1  1 
ATOM 717  O OE2  . GLU A 1 45 ? -6.407  7.658   5.996   1.00 52.12 ? 276 GLU A OE2  1 
ATOM 718  H H    . GLU A 1 45 ? -2.748  6.038   3.509   1.00 41.22 ? 276 GLU A H    1 
ATOM 719  H HA   . GLU A 1 45 ? -4.156  3.471   3.175   1.00 2.32  ? 276 GLU A HA   1 
ATOM 720  H HB2  . GLU A 1 45 ? -6.190  4.606   3.912   1.00 73.33 ? 276 GLU A HB2  1 
ATOM 721  H HB3  . GLU A 1 45 ? -4.926  4.738   5.127   1.00 62.41 ? 276 GLU A HB3  1 
ATOM 722  H HG2  . GLU A 1 45 ? -4.509  7.003   4.577   1.00 10.13 ? 276 GLU A HG2  1 
ATOM 723  H HG3  . GLU A 1 45 ? -5.506  6.902   3.126   1.00 73.12 ? 276 GLU A HG3  1 
ATOM 724  N N    . GLY A 1 46 ? -5.149  3.998   0.959   1.00 54.44 ? 277 GLY A N    1 
ATOM 725  C CA   . GLY A 1 46 ? -5.581  4.277   -0.398  1.00 41.13 ? 277 GLY A CA   1 
ATOM 726  C C    . GLY A 1 46 ? -5.748  3.017   -1.223  1.00 24.31 ? 277 GLY A C    1 
ATOM 727  O O    . GLY A 1 46 ? -6.548  2.146   -0.884  1.00 74.45 ? 277 GLY A O    1 
ATOM 728  H H    . GLY A 1 46 ? -5.246  3.095   1.326   1.00 40.24 ? 277 GLY A H    1 
ATOM 729  H HA2  . GLY A 1 46 ? -6.526  4.800   -0.364  1.00 63.55 ? 277 GLY A HA2  1 
ATOM 730  H HA3  . GLY A 1 46 ? -4.848  4.911   -0.874  1.00 70.11 ? 277 GLY A HA3  1 
ATOM 731  N N    . GLU A 1 47 ? -4.992  2.920   -2.313  1.00 13.31 ? 278 GLU A N    1 
ATOM 732  C CA   . GLU A 1 47 ? -5.062  1.758   -3.190  1.00 1.20  ? 278 GLU A CA   1 
ATOM 733  C C    . GLU A 1 47 ? -3.863  0.840   -2.974  1.00 64.32 ? 278 GLU A C    1 
ATOM 734  O O    . GLU A 1 47 ? -2.713  1.263   -3.095  1.00 71.13 ? 278 GLU A O    1 
ATOM 735  C CB   . GLU A 1 47 ? -5.124  2.199   -4.654  1.00 0.12  ? 278 GLU A CB   1 
ATOM 736  C CG   . GLU A 1 47 ? -6.200  1.490   -5.459  1.00 62.44 ? 278 GLU A CG   1 
ATOM 737  C CD   . GLU A 1 47 ? -6.366  2.070   -6.849  1.00 2.13  ? 278 GLU A CD   1 
ATOM 738  O OE1  . GLU A 1 47 ? -6.670  3.276   -6.957  1.00 11.23 ? 278 GLU A OE1  1 
ATOM 739  O OE2  . GLU A 1 47 ? -6.193  1.317   -7.831  1.00 31.22 ? 278 GLU A OE2  1 
ATOM 740  H H    . GLU A 1 47 ? -4.373  3.647   -2.531  1.00 0.22  ? 278 GLU A H    1 
ATOM 741  H HA   . GLU A 1 47 ? -5.964  1.215   -2.950  1.00 72.51 ? 278 GLU A HA   1 
ATOM 742  H HB2  . GLU A 1 47 ? -5.317  3.261   -4.690  1.00 60.22 ? 278 GLU A HB2  1 
ATOM 743  H HB3  . GLU A 1 47 ? -4.169  2.001   -5.118  1.00 72.31 ? 278 GLU A HB3  1 
ATOM 744  H HG2  . GLU A 1 47 ? -5.935  0.447   -5.550  1.00 44.11 ? 278 GLU A HG2  1 
ATOM 745  H HG3  . GLU A 1 47 ? -7.140  1.577   -4.934  1.00 43.13 ? 278 GLU A HG3  1 
ATOM 746  N N    . CYS A 1 48 ? -4.139  -0.420  -2.655  1.00 61.11 ? 279 CYS A N    1 
ATOM 747  C CA   . CYS A 1 48 ? -3.085  -1.400  -2.421  1.00 53.35 ? 279 CYS A CA   1 
ATOM 748  C C    . CYS A 1 48 ? -3.400  -2.717  -3.123  1.00 42.23 ? 279 CYS A C    1 
ATOM 749  O O    . CYS A 1 48 ? -4.337  -3.423  -2.750  1.00 54.21 ? 279 CYS A O    1 
ATOM 750  C CB   . CYS A 1 48 ? -2.906  -1.639  -0.920  1.00 11.25 ? 279 CYS A CB   1 
ATOM 751  S SG   . CYS A 1 48 ? -1.774  -3.007  -0.515  1.00 31.35 ? 279 CYS A SG   1 
ATOM 752  H H    . CYS A 1 48 ? -5.076  -0.699  -2.574  1.00 51.33 ? 279 CYS A H    1 
ATOM 753  H HA   . CYS A 1 48 ? -2.167  -1.002  -2.825  1.00 14.31 ? 279 CYS A HA   1 
ATOM 754  H HB2  . CYS A 1 48 ? -2.513  -0.741  -0.464  1.00 5.15  ? 279 CYS A HB2  1 
ATOM 755  H HB3  . CYS A 1 48 ? -3.867  -1.867  -0.483  1.00 54.53 ? 279 CYS A HB3  1 
ATOM 756  N N    . ASN A 1 49 ? -2.612  -3.042  -4.142  1.00 33.13 ? 280 ASN A N    1 
ATOM 757  C CA   . ASN A 1 49 ? -2.807  -4.274  -4.897  1.00 44.00 ? 280 ASN A CA   1 
ATOM 758  C C    . ASN A 1 49 ? -4.261  -4.419  -5.337  1.00 52.22 ? 280 ASN A C    1 
ATOM 759  O O    . ASN A 1 49 ? -4.824  -5.512  -5.306  1.00 31.42 ? 280 ASN A O    1 
ATOM 760  C CB   . ASN A 1 49 ? -2.394  -5.484  -4.055  1.00 51.13 ? 280 ASN A CB   1 
ATOM 761  C CG   . ASN A 1 49 ? -2.381  -6.770  -4.859  1.00 74.34 ? 280 ASN A CG   1 
ATOM 762  O OD1  . ASN A 1 49 ? -1.863  -6.813  -5.974  1.00 31.14 ? 280 ASN A OD1  1 
ATOM 763  N ND2  . ASN A 1 49 ? -2.953  -7.826  -4.293  1.00 44.15 ? 280 ASN A ND2  1 
ATOM 764  H H    . ASN A 1 49 ? -1.882  -2.439  -4.393  1.00 32.21 ? 280 ASN A H    1 
ATOM 765  H HA   . ASN A 1 49 ? -2.180  -4.227  -5.775  1.00 63.24 ? 280 ASN A HA   1 
ATOM 766  H HB2  . ASN A 1 49 ? -1.403  -5.318  -3.660  1.00 13.12 ? 280 ASN A HB2  1 
ATOM 767  H HB3  . ASN A 1 49 ? -3.089  -5.599  -3.236  1.00 12.34 ? 280 ASN A HB3  1 
ATOM 768  H HD21 . ASN A 1 49 ? -3.346  -7.719  -3.402  1.00 52.14 ? 280 ASN A HD21 1 
ATOM 769  H HD22 . ASN A 1 49 ? -2.958  -8.671  -4.790  1.00 10.11 ? 280 ASN A HD22 1 
ATOM 770  N N    . GLY A 1 50 ? -4.863  -3.306  -5.746  1.00 11.34 ? 281 GLY A N    1 
ATOM 771  C CA   . GLY A 1 50 ? -6.245  -3.330  -6.187  1.00 10.00 ? 281 GLY A CA   1 
ATOM 772  C C    . GLY A 1 50 ? -7.222  -3.394  -5.029  1.00 21.41 ? 281 GLY A C    1 
ATOM 773  O O    . GLY A 1 50 ? -8.363  -3.827  -5.192  1.00 13.31 ? 281 GLY A O    1 
ATOM 774  H H    . GLY A 1 50 ? -4.364  -2.462  -5.749  1.00 63.31 ? 281 GLY A H    1 
ATOM 775  H HA2  . GLY A 1 50 ? -6.444  -2.438  -6.763  1.00 74.45 ? 281 GLY A HA2  1 
ATOM 776  H HA3  . GLY A 1 50 ? -6.395  -4.194  -6.817  1.00 45.23 ? 281 GLY A HA3  1 
ATOM 777  N N    . LYS A 1 51 ? -6.773  -2.964  -3.855  1.00 54.54 ? 282 LYS A N    1 
ATOM 778  C CA   . LYS A 1 51 ? -7.615  -2.974  -2.663  1.00 0.15  ? 282 LYS A CA   1 
ATOM 779  C C    . LYS A 1 51 ? -7.683  -1.586  -2.034  1.00 73.42 ? 282 LYS A C    1 
ATOM 780  O O    . LYS A 1 51 ? -6.850  -0.725  -2.316  1.00 12.00 ? 282 LYS A O    1 
ATOM 781  C CB   . LYS A 1 51 ? -7.079  -3.982  -1.645  1.00 43.54 ? 282 LYS A CB   1 
ATOM 782  C CG   . LYS A 1 51 ? -7.134  -5.422  -2.128  1.00 71.11 ? 282 LYS A CG   1 
ATOM 783  C CD   . LYS A 1 51 ? -6.041  -6.264  -1.492  1.00 25.35 ? 282 LYS A CD   1 
ATOM 784  C CE   . LYS A 1 51 ? -6.015  -7.671  -2.070  1.00 44.31 ? 282 LYS A CE   1 
ATOM 785  N NZ   . LYS A 1 51 ? -7.173  -8.483  -1.605  1.00 30.41 ? 282 LYS A NZ   1 
ATOM 786  H H    . LYS A 1 51 ? -5.853  -2.630  -3.788  1.00 52.34 ? 282 LYS A H    1 
ATOM 787  H HA   . LYS A 1 51 ? -8.609  -3.270  -2.962  1.00 13.12 ? 282 LYS A HA   1 
ATOM 788  H HB2  . LYS A 1 51 ? -6.051  -3.739  -1.420  1.00 3.53  ? 282 LYS A HB2  1 
ATOM 789  H HB3  . LYS A 1 51 ? -7.664  -3.906  -0.739  1.00 4.21  ? 282 LYS A HB3  1 
ATOM 790  H HG2  . LYS A 1 51 ? -8.094  -5.843  -1.869  1.00 54.51 ? 282 LYS A HG2  1 
ATOM 791  H HG3  . LYS A 1 51 ? -7.010  -5.436  -3.202  1.00 73.45 ? 282 LYS A HG3  1 
ATOM 792  H HD2  . LYS A 1 51 ? -5.085  -5.796  -1.675  1.00 53.44 ? 282 LYS A HD2  1 
ATOM 793  H HD3  . LYS A 1 51 ? -6.218  -6.325  -0.428  1.00 23.31 ? 282 LYS A HD3  1 
ATOM 794  H HE2  . LYS A 1 51 ? -6.042  -7.605  -3.147  1.00 50.42 ? 282 LYS A HE2  1 
ATOM 795  H HE3  . LYS A 1 51 ? -5.100  -8.156  -1.764  1.00 74.04 ? 282 LYS A HE3  1 
ATOM 796  H HZ1  . LYS A 1 51 ? -8.054  -8.125  -2.028  1.00 22.44 ? 282 LYS A HZ1  1 
ATOM 797  H HZ2  . LYS A 1 51 ? -7.253  -8.431  -0.570  1.00 52.51 ? 282 LYS A HZ2  1 
ATOM 798  H HZ3  . LYS A 1 51 ? -7.047  -9.478  -1.882  1.00 12.52 ? 282 LYS A HZ3  1 
ATOM 799  N N    . ARG A 1 52 ? -8.678  -1.378  -1.179  1.00 72.44 ? 283 ARG A N    1 
ATOM 800  C CA   . ARG A 1 52 ? -8.853  -0.095  -0.508  1.00 41.41 ? 283 ARG A CA   1 
ATOM 801  C C    . ARG A 1 52 ? -8.840  -0.267  1.008   1.00 63.25 ? 283 ARG A C    1 
ATOM 802  O O    . ARG A 1 52 ? -9.460  -1.184  1.544   1.00 50.22 ? 283 ARG A O    1 
ATOM 803  C CB   . ARG A 1 52 ? -10.166 0.558   -0.947  1.00 35.30 ? 283 ARG A CB   1 
ATOM 804  C CG   . ARG A 1 52 ? -10.080 1.255   -2.294  1.00 31.51 ? 283 ARG A CG   1 
ATOM 805  C CD   . ARG A 1 52 ? -10.104 0.256   -3.441  1.00 12.40 ? 283 ARG A CD   1 
ATOM 806  N NE   . ARG A 1 52 ? -11.467 -0.084  -3.840  1.00 52.01 ? 283 ARG A NE   1 
ATOM 807  C CZ   . ARG A 1 52 ? -12.147 -1.109  -3.336  1.00 14.24 ? 283 ARG A CZ   1 
ATOM 808  N NH1  . ARG A 1 52 ? -11.593 -1.888  -2.418  1.00 62.02 ? 283 ARG A NH1  1 
ATOM 809  N NH2  . ARG A 1 52 ? -13.384 -1.354  -3.751  1.00 34.52 ? 283 ARG A NH2  1 
ATOM 810  H H    . ARG A 1 52 ? -9.310  -2.104  -0.993  1.00 5.33  ? 283 ARG A H    1 
ATOM 811  H HA   . ARG A 1 52 ? -8.032  0.544   -0.794  1.00 60.53 ? 283 ARG A HA   1 
ATOM 812  H HB2  . ARG A 1 52 ? -10.930 -0.203  -1.008  1.00 11.55 ? 283 ARG A HB2  1 
ATOM 813  H HB3  . ARG A 1 52 ? -10.455 1.288   -0.206  1.00 51.24 ? 283 ARG A HB3  1 
ATOM 814  H HG2  . ARG A 1 52 ? -10.920 1.925   -2.397  1.00 12.53 ? 283 ARG A HG2  1 
ATOM 815  H HG3  . ARG A 1 52 ? -9.159  1.818   -2.339  1.00 54.45 ? 283 ARG A HG3  1 
ATOM 816  H HD2  . ARG A 1 52 ? -9.589  0.686   -4.286  1.00 61.22 ? 283 ARG A HD2  1 
ATOM 817  H HD3  . ARG A 1 52 ? -9.596  -0.643  -3.128  1.00 70.51 ? 283 ARG A HD3  1 
ATOM 818  H HE   . ARG A 1 52 ? -11.896 0.480   -4.518  1.00 71.54 ? 283 ARG A HE   1 
ATOM 819  H HH11 . ARG A 1 52 ? -10.661 -1.705  -2.103  1.00 3.50  ? 283 ARG A HH11 1 
ATOM 820  H HH12 . ARG A 1 52 ? -12.107 -2.658  -2.040  1.00 71.41 ? 283 ARG A HH12 1 
ATOM 821  H HH21 . ARG A 1 52 ? -13.805 -0.768  -4.442  1.00 32.33 ? 283 ARG A HH21 1 
ATOM 822  H HH22 . ARG A 1 52 ? -13.893 -2.125  -3.371  1.00 3.33  ? 283 ARG A HH22 1 
ATOM 823  N N    . GLY A 1 53 ? -8.128  0.622   1.693   1.00 75.30 ? 284 GLY A N    1 
ATOM 824  C CA   . GLY A 1 53 ? -8.046  0.551   3.140   1.00 32.24 ? 284 GLY A CA   1 
ATOM 825  C C    . GLY A 1 53 ? -6.771  1.168   3.680   1.00 61.33 ? 284 GLY A C    1 
ATOM 826  O O    . GLY A 1 53 ? -6.184  2.048   3.051   1.00 0.35  ? 284 GLY A O    1 
ATOM 827  H H    . GLY A 1 53 ? -7.653  1.333   1.212   1.00 2.41  ? 284 GLY A H    1 
ATOM 828  H HA2  . GLY A 1 53 ? -8.892  1.071   3.564   1.00 24.11 ? 284 GLY A HA2  1 
ATOM 829  H HA3  . GLY A 1 53 ? -8.086  -0.486  3.441   1.00 34.03 ? 284 GLY A HA3  1 
ATOM 830  N N    . HIS A 1 54 ? -6.340  0.705   4.850   1.00 2.22  ? 285 HIS A N    1 
ATOM 831  C CA   . HIS A 1 54 ? -5.126  1.218   5.474   1.00 53.25 ? 285 HIS A CA   1 
ATOM 832  C C    . HIS A 1 54 ? -4.134  0.090   5.740   1.00 73.40 ? 285 HIS A C    1 
ATOM 833  O O    . HIS A 1 54 ? -4.508  -0.981  6.216   1.00 44.23 ? 285 HIS A O    1 
ATOM 834  C CB   . HIS A 1 54 ? -5.464  1.933   6.783   1.00 53.23 ? 285 HIS A CB   1 
ATOM 835  C CG   . HIS A 1 54 ? -6.826  2.558   6.790   1.00 60.11 ? 285 HIS A CG   1 
ATOM 836  N ND1  . HIS A 1 54 ? -7.414  3.093   5.663   1.00 41.43 ? 285 HIS A ND1  1 
ATOM 837  C CD2  . HIS A 1 54 ? -7.716  2.729   7.795   1.00 64.12 ? 285 HIS A CD2  1 
ATOM 838  C CE1  . HIS A 1 54 ? -8.607  3.568   5.976   1.00 3.33  ? 285 HIS A CE1  1 
ATOM 839  N NE2  . HIS A 1 54 ? -8.815  3.358   7.263   1.00 15.23 ? 285 HIS A NE2  1 
ATOM 840  H H    . HIS A 1 54 ? -6.851  0.002   5.303   1.00 44.50 ? 285 HIS A H    1 
ATOM 841  H HA   . HIS A 1 54 ? -4.676  1.924   4.795   1.00 3.34  ? 285 HIS A HA   1 
ATOM 842  H HB2  . HIS A 1 54 ? -5.421  1.223   7.595   1.00 51.32 ? 285 HIS A HB2  1 
ATOM 843  H HB3  . HIS A 1 54 ? -4.740  2.716   6.956   1.00 24.54 ? 285 HIS A HB3  1 
ATOM 844  H HD1  . HIS A 1 54 ? -7.016  3.122   4.769   1.00 22.11 ? 285 HIS A HD1  1 
ATOM 845  H HD2  . HIS A 1 54 ? -7.588  2.427   8.825   1.00 25.01 ? 285 HIS A HD2  1 
ATOM 846  H HE1  . HIS A 1 54 ? -9.295  4.045   5.294   1.00 63.12 ? 285 HIS A HE1  1 
ATOM 847  N N    . PHE A 1 55 ? -2.866  0.339   5.428   1.00 42.25 ? 286 PHE A N    1 
ATOM 848  C CA   . PHE A 1 55 ? -1.819  -0.657  5.631   1.00 44.41 ? 286 PHE A CA   1 
ATOM 849  C C    . PHE A 1 55 ? -0.548  -0.007  6.167   1.00 33.53 ? 286 PHE A C    1 
ATOM 850  O O    . PHE A 1 55 ? -0.234  1.145   5.866   1.00 14.10 ? 286 PHE A O    1 
ATOM 851  C CB   . PHE A 1 55 ? -1.520  -1.386  4.319   1.00 74.21 ? 286 PHE A CB   1 
ATOM 852  C CG   . PHE A 1 55 ? -0.815  -0.531  3.306   1.00 62.11 ? 286 PHE A CG   1 
ATOM 853  C CD1  . PHE A 1 55 ? 0.488   -0.111  3.519   1.00 2.33  ? 286 PHE A CD1  1 
ATOM 854  C CD2  . PHE A 1 55 ? -1.456  -0.146  2.139   1.00 70.14 ? 286 PHE A CD2  1 
ATOM 855  C CE1  . PHE A 1 55 ? 1.139   0.676   2.587   1.00 53.34 ? 286 PHE A CE1  1 
ATOM 856  C CE2  . PHE A 1 55 ? -0.811  0.640   1.204   1.00 72.40 ? 286 PHE A CE2  1 
ATOM 857  C CZ   . PHE A 1 55 ? 0.489   1.053   1.428   1.00 53.05 ? 286 PHE A CZ   1 
ATOM 858  H H    . PHE A 1 55 ? -2.629  1.212   5.051   1.00 53.02 ? 286 PHE A H    1 
ATOM 859  H HA   . PHE A 1 55 ? -2.178  -1.370  6.356   1.00 43.15 ? 286 PHE A HA   1 
ATOM 860  H HB2  . PHE A 1 55 ? -0.891  -2.239  4.527   1.00 44.13 ? 286 PHE A HB2  1 
ATOM 861  H HB3  . PHE A 1 55 ? -2.447  -1.724  3.884   1.00 4.31  ? 286 PHE A HB3  1 
ATOM 862  H HD1  . PHE A 1 55 ? 0.998   -0.406  4.426   1.00 15.42 ? 286 PHE A HD1  1 
ATOM 863  H HD2  . PHE A 1 55 ? -2.473  -0.468  1.962   1.00 35.14 ? 286 PHE A HD2  1 
ATOM 864  H HE1  . PHE A 1 55 ? 2.155   0.997   2.766   1.00 41.13 ? 286 PHE A HE1  1 
ATOM 865  H HE2  . PHE A 1 55 ? -1.321  0.934   0.299   1.00 41.32 ? 286 PHE A HE2  1 
ATOM 866  H HZ   . PHE A 1 55 ? 0.995   1.667   0.700   1.00 31.44 ? 286 PHE A HZ   1 
ATOM 867  N N    . PRO A 1 56 ? 0.203   -0.761  6.983   1.00 22.31 ? 287 PRO A N    1 
ATOM 868  C CA   . PRO A 1 56 ? 1.452   -0.281  7.579   1.00 74.43 ? 287 PRO A CA   1 
ATOM 869  C C    . PRO A 1 56 ? 2.564   -0.119  6.547   1.00 51.45 ? 287 PRO A C    1 
ATOM 870  O O    . PRO A 1 56 ? 3.235   -1.085  6.186   1.00 22.00 ? 287 PRO A O    1 
ATOM 871  C CB   . PRO A 1 56 ? 1.812   -1.379  8.584   1.00 22.14 ? 287 PRO A CB   1 
ATOM 872  C CG   . PRO A 1 56 ? 1.154   -2.607  8.054   1.00 33.03 ? 287 PRO A CG   1 
ATOM 873  C CD   . PRO A 1 56 ? -0.110  -2.143  7.385   1.00 50.12 ? 287 PRO A CD   1 
ATOM 874  H HA   . PRO A 1 56 ? 1.309   0.654   8.101   1.00 53.23 ? 287 PRO A HA   1 
ATOM 875  H HB2  . PRO A 1 56 ? 2.887   -1.492  8.628   1.00 5.40  ? 287 PRO A HB2  1 
ATOM 876  H HB3  . PRO A 1 56 ? 1.432   -1.118  9.559   1.00 34.11 ? 287 PRO A HB3  1 
ATOM 877  H HG2  . PRO A 1 56 ? 1.802   -3.090  7.337   1.00 74.14 ? 287 PRO A HG2  1 
ATOM 878  H HG3  . PRO A 1 56 ? 0.923   -3.279  8.867   1.00 34.35 ? 287 PRO A HG3  1 
ATOM 879  H HD2  . PRO A 1 56 ? -0.328  -2.756  6.523   1.00 72.52 ? 287 PRO A HD2  1 
ATOM 880  H HD3  . PRO A 1 56 ? -0.934  -2.163  8.083   1.00 43.45 ? 287 PRO A HD3  1 
ATOM 881  N N    . PHE A 1 57 ? 2.752   1.110   6.075   1.00 63.05 ? 288 PHE A N    1 
ATOM 882  C CA   . PHE A 1 57 ? 3.781   1.398   5.084   1.00 25.21 ? 288 PHE A CA   1 
ATOM 883  C C    . PHE A 1 57 ? 5.157   0.976   5.590   1.00 32.20 ? 288 PHE A C    1 
ATOM 884  O O    . PHE A 1 57 ? 6.125   0.931   4.829   1.00 61.53 ? 288 PHE A O    1 
ATOM 885  C CB   . PHE A 1 57 ? 3.785   2.888   4.741   1.00 0.44  ? 288 PHE A CB   1 
ATOM 886  C CG   . PHE A 1 57 ? 5.126   3.398   4.296   1.00 21.52 ? 288 PHE A CG   1 
ATOM 887  C CD1  . PHE A 1 57 ? 5.591   3.140   3.016   1.00 51.45 ? 288 PHE A CD1  1 
ATOM 888  C CD2  . PHE A 1 57 ? 5.924   4.133   5.158   1.00 12.14 ? 288 PHE A CD2  1 
ATOM 889  C CE1  . PHE A 1 57 ? 6.825   3.607   2.603   1.00 64.14 ? 288 PHE A CE1  1 
ATOM 890  C CE2  . PHE A 1 57 ? 7.158   4.603   4.750   1.00 53.43 ? 288 PHE A CE2  1 
ATOM 891  C CZ   . PHE A 1 57 ? 7.610   4.339   3.472   1.00 72.13 ? 288 PHE A CZ   1 
ATOM 892  H H    . PHE A 1 57 ? 2.184   1.839   6.402   1.00 3.01  ? 288 PHE A H    1 
ATOM 893  H HA   . PHE A 1 57 ? 3.550   0.833   4.194   1.00 0.41  ? 288 PHE A HA   1 
ATOM 894  H HB2  . PHE A 1 57 ? 3.082   3.069   3.943   1.00 2.51  ? 288 PHE A HB2  1 
ATOM 895  H HB3  . PHE A 1 57 ? 3.487   3.452   5.612   1.00 61.43 ? 288 PHE A HB3  1 
ATOM 896  H HD1  . PHE A 1 57 ? 4.977   2.566   2.335   1.00 13.44 ? 288 PHE A HD1  1 
ATOM 897  H HD2  . PHE A 1 57 ? 5.573   4.340   6.158   1.00 40.31 ? 288 PHE A HD2  1 
ATOM 898  H HE1  . PHE A 1 57 ? 7.174   3.398   1.603   1.00 60.34 ? 288 PHE A HE1  1 
ATOM 899  H HE2  . PHE A 1 57 ? 7.770   5.175   5.432   1.00 21.20 ? 288 PHE A HE2  1 
ATOM 900  H HZ   . PHE A 1 57 ? 8.573   4.705   3.151   1.00 74.13 ? 288 PHE A HZ   1 
ATOM 901  N N    . THR A 1 58 ? 5.238   0.670   6.881   1.00 53.22 ? 289 THR A N    1 
ATOM 902  C CA   . THR A 1 58 ? 6.495   0.255   7.490   1.00 54.05 ? 289 THR A CA   1 
ATOM 903  C C    . THR A 1 58 ? 6.912   -1.128  7.004   1.00 42.42 ? 289 THR A C    1 
ATOM 904  O O    . THR A 1 58 ? 7.943   -1.658  7.419   1.00 4.14  ? 289 THR A O    1 
ATOM 905  C CB   . THR A 1 58 ? 6.395   0.237   9.028   1.00 44.03 ? 289 THR A CB   1 
ATOM 906  O OG1  . THR A 1 58 ? 5.366   -0.669  9.441   1.00 64.54 ? 289 THR A OG1  1 
ATOM 907  C CG2  . THR A 1 58 ? 6.099   1.628   9.567   1.00 13.30 ? 289 THR A CG2  1 
ATOM 908  H H    . THR A 1 58 ? 4.433   0.727   7.436   1.00 45.33 ? 289 THR A H    1 
ATOM 909  H HA   . THR A 1 58 ? 7.255   0.971   7.209   1.00 65.35 ? 289 THR A HA   1 
ATOM 910  H HB   . THR A 1 58 ? 7.341   -0.096  9.431   1.00 53.13 ? 289 THR A HB   1 
ATOM 911  H HG1  . THR A 1 58 ? 5.296   -1.385  8.804   1.00 41.52 ? 289 THR A HG1  1 
ATOM 912  H HG21 . THR A 1 58 ? 5.781   2.268   8.757   1.00 51.25 ? 289 THR A HG21 1 
ATOM 913  H HG22 . THR A 1 58 ? 6.989   2.036   10.020  1.00 23.54 ? 289 THR A HG22 1 
ATOM 914  H HG23 . THR A 1 58 ? 5.314   1.567   10.306  1.00 75.21 ? 289 THR A HG23 1 
ATOM 915  N N    . HIS A 1 59 ? 6.105   -1.708  6.121   1.00 52.53 ? 290 HIS A N    1 
ATOM 916  C CA   . HIS A 1 59 ? 6.391   -3.030  5.575   1.00 74.32 ? 290 HIS A CA   1 
ATOM 917  C C    . HIS A 1 59 ? 6.279   -3.026  4.054   1.00 71.43 ? 290 HIS A C    1 
ATOM 918  O O    . HIS A 1 59 ? 6.007   -4.057  3.438   1.00 55.04 ? 290 HIS A O    1 
ATOM 919  C CB   . HIS A 1 59 ? 5.435   -4.066  6.166   1.00 22.51 ? 290 HIS A CB   1 
ATOM 920  C CG   . HIS A 1 59 ? 5.911   -4.652  7.460   1.00 22.21 ? 290 HIS A CG   1 
ATOM 921  N ND1  . HIS A 1 59 ? 7.216   -5.044  7.673   1.00 15.35 ? 290 HIS A ND1  1 
ATOM 922  C CD2  . HIS A 1 59 ? 5.249   -4.912  8.611   1.00 75.44 ? 290 HIS A CD2  1 
ATOM 923  C CE1  . HIS A 1 59 ? 7.336   -5.519  8.899   1.00 43.04 ? 290 HIS A CE1  1 
ATOM 924  N NE2  . HIS A 1 59 ? 6.158   -5.450  9.490   1.00 43.55 ? 290 HIS A NE2  1 
ATOM 925  H H    . HIS A 1 59 ? 5.298   -1.235  5.829   1.00 11.45 ? 290 HIS A H    1 
ATOM 926  H HA   . HIS A 1 59 ? 7.402   -3.289  5.849   1.00 73.51 ? 290 HIS A HA   1 
ATOM 927  H HB2  . HIS A 1 59 ? 4.477   -3.601  6.346   1.00 74.01 ? 290 HIS A HB2  1 
ATOM 928  H HB3  . HIS A 1 59 ? 5.310   -4.875  5.461   1.00 21.33 ? 290 HIS A HB3  1 
ATOM 929  H HD1  . HIS A 1 59 ? 7.946   -4.983  7.022   1.00 30.31 ? 290 HIS A HD1  1 
ATOM 930  H HD2  . HIS A 1 59 ? 4.202   -4.730  8.804   1.00 53.51 ? 290 HIS A HD2  1 
ATOM 931  H HE1  . HIS A 1 59 ? 8.244   -5.901  9.344   1.00 53.32 ? 290 HIS A HE1  1 
ATOM 932  N N    . VAL A 1 60 ? 6.492   -1.859  3.452   1.00 60.35 ? 291 VAL A N    1 
ATOM 933  C CA   . VAL A 1 60 ? 6.415   -1.722  2.003   1.00 11.21 ? 291 VAL A CA   1 
ATOM 934  C C    . VAL A 1 60 ? 7.451   -0.728  1.490   1.00 72.32 ? 291 VAL A C    1 
ATOM 935  O O    . VAL A 1 60 ? 7.974   0.087   2.251   1.00 5.34  ? 291 VAL A O    1 
ATOM 936  C CB   . VAL A 1 60 ? 5.014   -1.263  1.556   1.00 54.21 ? 291 VAL A CB   1 
ATOM 937  C CG1  . VAL A 1 60 ? 3.937   -1.989  2.346   1.00 63.42 ? 291 VAL A CG1  1 
ATOM 938  C CG2  . VAL A 1 60 ? 4.874   0.244   1.709   1.00 15.22 ? 291 VAL A CG2  1 
ATOM 939  H H    . VAL A 1 60 ? 6.705   -1.073  3.997   1.00 71.44 ? 291 VAL A H    1 
ATOM 940  H HA   . VAL A 1 60 ? 6.611   -2.690  1.565   1.00 14.42 ? 291 VAL A HA   1 
ATOM 941  H HB   . VAL A 1 60 ? 4.893   -1.510  0.512   1.00 73.34 ? 291 VAL A HB   1 
ATOM 942  H HG11 . VAL A 1 60 ? 3.823   -2.993  1.961   1.00 12.21 ? 291 VAL A HG11 1 
ATOM 943  H HG12 . VAL A 1 60 ? 4.220   -2.032  3.387   1.00 61.22 ? 291 VAL A HG12 1 
ATOM 944  H HG13 . VAL A 1 60 ? 3.000   -1.459  2.249   1.00 24.31 ? 291 VAL A HG13 1 
ATOM 945  H HG21 . VAL A 1 60 ? 3.873   0.541   1.436   1.00 1.51  ? 291 VAL A HG21 1 
ATOM 946  H HG22 . VAL A 1 60 ? 5.064   0.522   2.736   1.00 41.40 ? 291 VAL A HG22 1 
ATOM 947  H HG23 . VAL A 1 60 ? 5.586   0.740   1.066   1.00 63.02 ? 291 VAL A HG23 1 
ATOM 948  N N    . ARG A 1 61 ? 7.743   -0.801  0.196   1.00 20.55 ? 292 ARG A N    1 
ATOM 949  C CA   . ARG A 1 61 ? 8.718   0.092   -0.420  1.00 75.14 ? 292 ARG A CA   1 
ATOM 950  C C    . ARG A 1 61 ? 8.050   1.000   -1.448  1.00 52.14 ? 292 ARG A C    1 
ATOM 951  O O    . ARG A 1 61 ? 7.152   0.576   -2.176  1.00 44.21 ? 292 ARG A O    1 
ATOM 952  C CB   . ARG A 1 61 ? 9.833   -0.716  -1.085  1.00 42.01 ? 292 ARG A CB   1 
ATOM 953  C CG   . ARG A 1 61 ? 10.874  -1.238  -0.108  1.00 61.14 ? 292 ARG A CG   1 
ATOM 954  C CD   . ARG A 1 61 ? 11.985  -0.224  0.116   1.00 13.34 ? 292 ARG A CD   1 
ATOM 955  N NE   . ARG A 1 61 ? 13.142  -0.818  0.780   1.00 21.02 ? 292 ARG A NE   1 
ATOM 956  C CZ   . ARG A 1 61 ? 14.156  -0.109  1.263   1.00 72.11 ? 292 ARG A CZ   1 
ATOM 957  N NH1  . ARG A 1 61 ? 14.155  1.213   1.157   1.00 70.45 ? 292 ARG A NH1  1 
ATOM 958  N NH2  . ARG A 1 61 ? 15.174  -0.721  1.855   1.00 44.24 ? 292 ARG A NH2  1 
ATOM 959  H H    . ARG A 1 61 ? 7.293   -1.472  -0.359  1.00 14.31 ? 292 ARG A H    1 
ATOM 960  H HA   . ARG A 1 61 ? 9.145   0.704   0.361   1.00 32.43 ? 292 ARG A HA   1 
ATOM 961  H HB2  . ARG A 1 61 ? 9.394   -1.562  -1.594  1.00 3.13  ? 292 ARG A HB2  1 
ATOM 962  H HB3  . ARG A 1 61 ? 10.332  -0.090  -1.809  1.00 14.20 ? 292 ARG A HB3  1 
ATOM 963  H HG2  . ARG A 1 61 ? 10.395  -1.445  0.838   1.00 52.51 ? 292 ARG A HG2  1 
ATOM 964  H HG3  . ARG A 1 61 ? 11.302  -2.147  -0.503  1.00 3.24  ? 292 ARG A HG3  1 
ATOM 965  H HD2  . ARG A 1 61 ? 12.294  0.169   -0.842  1.00 60.13 ? 292 ARG A HD2  1 
ATOM 966  H HD3  . ARG A 1 61 ? 11.603  0.579   0.728   1.00 1.32  ? 292 ARG A HD3  1 
ATOM 967  H HE   . ARG A 1 61 ? 13.163  -1.793  0.869   1.00 55.12 ? 292 ARG A HE   1 
ATOM 968  H HH11 . ARG A 1 61 ? 13.389  1.677   0.713   1.00 13.13 ? 292 ARG A HH11 1 
ATOM 969  H HH12 . ARG A 1 61 ? 14.920  1.744   1.523   1.00 54.41 ? 292 ARG A HH12 1 
ATOM 970  H HH21 . ARG A 1 61 ? 15.178  -1.718  1.937   1.00 41.10 ? 292 ARG A HH21 1 
ATOM 971  H HH22 . ARG A 1 61 ? 15.936  -0.187  2.218   1.00 22.51 ? 292 ARG A HH22 1 
ATOM 972  N N    . LEU A 1 62 ? 8.494   2.251   -1.500  1.00 4.53  ? 293 LEU A N    1 
ATOM 973  C CA   . LEU A 1 62 ? 7.939   3.221   -2.439  1.00 61.41 ? 293 LEU A CA   1 
ATOM 974  C C    . LEU A 1 62 ? 8.953   3.572   -3.523  1.00 64.10 ? 293 LEU A C    1 
ATOM 975  O O    . LEU A 1 62 ? 10.157  3.619   -3.269  1.00 20.20 ? 293 LEU A O    1 
ATOM 976  C CB   . LEU A 1 62 ? 7.508   4.488   -1.698  1.00 63.31 ? 293 LEU A CB   1 
ATOM 977  C CG   . LEU A 1 62 ? 8.619   5.489   -1.378  1.00 44.33 ? 293 LEU A CG   1 
ATOM 978  C CD1  . LEU A 1 62 ? 8.056   6.898   -1.280  1.00 52.11 ? 293 LEU A CD1  1 
ATOM 979  C CD2  . LEU A 1 62 ? 9.327   5.104   -0.087  1.00 43.44 ? 293 LEU A CD2  1 
ATOM 980  H H    . LEU A 1 62 ? 9.211   2.531   -0.895  1.00 61.04 ? 293 LEU A H    1 
ATOM 981  H HA   . LEU A 1 62 ? 7.073   2.773   -2.904  1.00 32.41 ? 293 LEU A HA   1 
ATOM 982  H HB2  . LEU A 1 62 ? 6.774   4.994   -2.308  1.00 64.34 ? 293 LEU A HB2  1 
ATOM 983  H HB3  . LEU A 1 62 ? 7.053   4.186   -0.766  1.00 53.01 ? 293 LEU A HB3  1 
ATOM 984  H HG   . LEU A 1 62 ? 9.348   5.476   -2.177  1.00 51.11 ? 293 LEU A HG   1 
ATOM 985  H HD11 . LEU A 1 62 ? 7.096   6.937   -1.772  1.00 60.41 ? 293 LEU A HD11 1 
ATOM 986  H HD12 . LEU A 1 62 ? 8.734   7.590   -1.757  1.00 62.30 ? 293 LEU A HD12 1 
ATOM 987  H HD13 . LEU A 1 62 ? 7.940   7.167   -0.240  1.00 13.35 ? 293 LEU A HD13 1 
ATOM 988  H HD21 . LEU A 1 62 ? 9.018   4.112   0.210   1.00 22.45 ? 293 LEU A HD21 1 
ATOM 989  H HD22 . LEU A 1 62 ? 9.067   5.809   0.690   1.00 71.21 ? 293 LEU A HD22 1 
ATOM 990  H HD23 . LEU A 1 62 ? 10.395  5.118   -0.244  1.00 52.42 ? 293 LEU A HD23 1 
ATOM 991  N N    . LEU A 1 63 ? 8.459   3.818   -4.730  1.00 13.24 ? 294 LEU A N    1 
ATOM 992  C CA   . LEU A 1 63 ? 9.322   4.167   -5.854  1.00 14.11 ? 294 LEU A CA   1 
ATOM 993  C C    . LEU A 1 63 ? 8.643   5.185   -6.766  1.00 62.41 ? 294 LEU A C    1 
ATOM 994  O O    . LEU A 1 63 ? 7.416   5.256   -6.827  1.00 22.14 ? 294 LEU A O    1 
ATOM 995  C CB   . LEU A 1 63 ? 9.688   2.914   -6.651  1.00 45.53 ? 294 LEU A CB   1 
ATOM 996  C CG   . LEU A 1 63 ? 10.625  1.926   -5.955  1.00 21.13 ? 294 LEU A CG   1 
ATOM 997  C CD1  . LEU A 1 63 ? 9.829   0.909   -5.153  1.00 24.45 ? 294 LEU A CD1  1 
ATOM 998  C CD2  . LEU A 1 63 ? 11.514  1.229   -6.974  1.00 30.31 ? 294 LEU A CD2  1 
ATOM 999  H H    . LEU A 1 63 ? 7.491   3.765   -4.872  1.00 74.12 ? 294 LEU A H    1 
ATOM 1000 H HA   . LEU A 1 63 ? 10.224  4.605   -5.454  1.00 12.53 ? 294 LEU A HA   1 
ATOM 1001 H HB2  . LEU A 1 63 ? 8.772   2.392   -6.884  1.00 44.45 ? 294 LEU A HB2  1 
ATOM 1002 H HB3  . LEU A 1 63 ? 10.162  3.232   -7.569  1.00 53.34 ? 294 LEU A HB3  1 
ATOM 1003 H HG   . LEU A 1 63 ? 11.262  2.467   -5.269  1.00 14.22 ? 294 LEU A HG   1 
ATOM 1004 H HD11 . LEU A 1 63 ? 9.443   0.150   -5.818  1.00 12.21 ? 294 LEU A HD11 1 
ATOM 1005 H HD12 . LEU A 1 63 ? 9.009   1.403   -4.657  1.00 11.13 ? 294 LEU A HD12 1 
ATOM 1006 H HD13 . LEU A 1 63 ? 10.472  0.449   -4.416  1.00 10.04 ? 294 LEU A HD13 1 
ATOM 1007 H HD21 . LEU A 1 63 ? 10.952  0.452   -7.471  1.00 51.41 ? 294 LEU A HD21 1 
ATOM 1008 H HD22 . LEU A 1 63 ? 12.364  0.791   -6.470  1.00 4.13  ? 294 LEU A HD22 1 
ATOM 1009 H HD23 . LEU A 1 63 ? 11.858  1.947   -7.703  1.00 32.14 ? 294 LEU A HD23 1 
ATOM 1010 N N    . ASP A 1 64 ? 9.450   5.966   -7.475  1.00 4.11  ? 295 ASP A N    1 
ATOM 1011 C CA   . ASP A 1 64 ? 8.928   6.977   -8.387  1.00 24.32 ? 295 ASP A CA   1 
ATOM 1012 C C    . ASP A 1 64 ? 9.195   6.589   -9.839  1.00 73.21 ? 295 ASP A C    1 
ATOM 1013 O O    . ASP A 1 64 ? 9.314   7.451   -10.709 1.00 34.40 ? 295 ASP A O    1 
ATOM 1014 C CB   . ASP A 1 64 ? 9.555   8.339   -8.086  1.00 60.21 ? 295 ASP A CB   1 
ATOM 1015 C CG   . ASP A 1 64 ? 11.034  8.381   -8.416  1.00 61.20 ? 295 ASP A CG   1 
ATOM 1016 O OD1  . ASP A 1 64 ? 11.653  7.300   -8.501  1.00 74.33 ? 295 ASP A OD1  1 
ATOM 1017 O OD2  . ASP A 1 64 ? 11.573  9.494   -8.587  1.00 11.10 ? 295 ASP A OD2  1 
ATOM 1018 H H    . ASP A 1 64 ? 10.421  5.861   -7.382  1.00 41.42 ? 295 ASP A H    1 
ATOM 1019 H HA   . ASP A 1 64 ? 7.861   7.041   -8.236  1.00 72.33 ? 295 ASP A HA   1 
ATOM 1020 H HB2  . ASP A 1 64 ? 9.053   9.097   -8.672  1.00 20.52 ? 295 ASP A HB2  1 
ATOM 1021 H HB3  . ASP A 1 64 ? 9.431   8.561   -7.037  1.00 20.41 ? 295 ASP A HB3  1 
ATOM 1022 N N    . GLN A 1 65 ? 9.290   5.288   -10.090 1.00 53.12 ? 296 GLN A N    1 
ATOM 1023 C CA   . GLN A 1 65 ? 9.545   4.787   -11.436 1.00 75.34 ? 296 GLN A CA   1 
ATOM 1024 C C    . GLN A 1 65 ? 10.661  5.580   -12.109 1.00 75.32 ? 296 GLN A C    1 
ATOM 1025 O O    . GLN A 1 65 ? 10.509  6.045   -13.238 1.00 35.21 ? 296 GLN A O    1 
ATOM 1026 C CB   . GLN A 1 65 ? 8.272   4.858   -12.279 1.00 14.14 ? 296 GLN A CB   1 
ATOM 1027 C CG   . GLN A 1 65 ? 7.717   6.266   -12.424 1.00 11.23 ? 296 GLN A CG   1 
ATOM 1028 C CD   . GLN A 1 65 ? 6.584   6.346   -13.429 1.00 43.33 ? 296 GLN A CD   1 
ATOM 1029 O OE1  . GLN A 1 65 ? 6.623   5.705   -14.480 1.00 71.45 ? 296 GLN A OE1  1 
ATOM 1030 N NE2  . GLN A 1 65 ? 5.564   7.135   -13.110 1.00 63.04 ? 296 GLN A NE2  1 
ATOM 1031 H H    . GLN A 1 65 ? 9.187   4.650   -9.354  1.00 53.32 ? 296 GLN A H    1 
ATOM 1032 H HA   . GLN A 1 65 ? 9.854   3.756   -11.352 1.00 42.35 ? 296 GLN A HA   1 
ATOM 1033 H HB2  . GLN A 1 65 ? 8.486   4.475   -13.266 1.00 44.02 ? 296 GLN A HB2  1 
ATOM 1034 H HB3  . GLN A 1 65 ? 7.514   4.242   -11.819 1.00 53.03 ? 296 GLN A HB3  1 
ATOM 1035 H HG2  . GLN A 1 65 ? 7.349   6.596   -11.464 1.00 64.53 ? 296 GLN A HG2  1 
ATOM 1036 H HG3  . GLN A 1 65 ? 8.512   6.921   -12.748 1.00 0.03  ? 296 GLN A HG3  1 
ATOM 1037 H HE21 . GLN A 1 65 ? 5.601   7.616   -12.256 1.00 23.14 ? 296 GLN A HE21 1 
ATOM 1038 H HE22 . GLN A 1 65 ? 4.818   7.206   -13.741 1.00 60.31 ? 296 GLN A HE22 1 
ATOM 1039 N N    . GLN A 1 66 ? 11.780  5.729   -11.407 1.00 21.53 ? 297 GLN A N    1 
ATOM 1040 C CA   . GLN A 1 66 ? 12.921  6.466   -11.938 1.00 13.51 ? 297 GLN A CA   1 
ATOM 1041 C C    . GLN A 1 66 ? 14.234  5.819   -11.512 1.00 40.42 ? 297 GLN A C    1 
ATOM 1042 O O    . GLN A 1 66 ? 14.619  5.884   -10.346 1.00 32.22 ? 297 GLN A O    1 
ATOM 1043 C CB   . GLN A 1 66 ? 12.878  7.921   -11.466 1.00 23.03 ? 297 GLN A CB   1 
ATOM 1044 C CG   . GLN A 1 66 ? 11.992  8.813   -12.320 1.00 12.23 ? 297 GLN A CG   1 
ATOM 1045 C CD   . GLN A 1 66 ? 12.290  10.287  -12.129 1.00 72.34 ? 297 GLN A CD   1 
ATOM 1046 O OE1  . GLN A 1 66 ? 11.408  11.069  -11.774 1.00 0.52  ? 297 GLN A OE1  1 
ATOM 1047 N NE2  . GLN A 1 66 ? 13.537  10.674  -12.363 1.00 32.54 ? 297 GLN A NE2  1 
ATOM 1048 H H    . GLN A 1 66 ? 11.840  5.335   -10.513 1.00 21.23 ? 297 GLN A H    1 
ATOM 1049 H HA   . GLN A 1 66 ? 12.856  6.446   -13.016 1.00 74.41 ? 297 GLN A HA   1 
ATOM 1050 H HB2  . GLN A 1 66 ? 12.509  7.947   -10.452 1.00 51.23 ? 297 GLN A HB2  1 
ATOM 1051 H HB3  . GLN A 1 66 ? 13.881  8.323   -11.486 1.00 51.35 ? 297 GLN A HB3  1 
ATOM 1052 H HG2  . GLN A 1 66 ? 12.145  8.562   -13.359 1.00 0.14  ? 297 GLN A HG2  1 
ATOM 1053 H HG3  . GLN A 1 66 ? 10.960  8.632   -12.056 1.00 63.21 ? 297 GLN A HG3  1 
ATOM 1054 H HE21 . GLN A 1 66 ? 14.188  9.996   -12.644 1.00 62.11 ? 297 GLN A HE21 1 
ATOM 1055 H HE22 . GLN A 1 66 ? 13.758  11.621  -12.249 1.00 74.23 ? 297 GLN A HE22 1 
ATOM 1056 N N    . ASN A 1 67 ? 14.917  5.195   -12.466 1.00 10.42 ? 298 ASN A N    1 
ATOM 1057 C CA   . ASN A 1 67 ? 16.187  4.534   -12.189 1.00 11.53 ? 298 ASN A CA   1 
ATOM 1058 C C    . ASN A 1 67 ? 17.303  5.118   -13.050 1.00 34.45 ? 298 ASN A C    1 
ATOM 1059 O O    . ASN A 1 67 ? 17.336  4.913   -14.263 1.00 2.34  ? 298 ASN A O    1 
ATOM 1060 C CB   . ASN A 1 67 ? 16.069  3.029   -12.440 1.00 11.40 ? 298 ASN A CB   1 
ATOM 1061 C CG   . ASN A 1 67 ? 17.389  2.307   -12.252 1.00 44.22 ? 298 ASN A CG   1 
ATOM 1062 O OD1  . ASN A 1 67 ? 18.120  2.564   -11.295 1.00 5.03  ? 298 ASN A OD1  1 
ATOM 1063 N ND2  . ASN A 1 67 ? 17.699  1.396   -13.168 1.00 32.03 ? 298 ASN A ND2  1 
ATOM 1064 H H    . ASN A 1 67 ? 14.558  5.177   -13.378 1.00 10.22 ? 298 ASN A H    1 
ATOM 1065 H HA   . ASN A 1 67 ? 16.426  4.699   -11.150 1.00 74.31 ? 298 ASN A HA   1 
ATOM 1066 H HB2  . ASN A 1 67 ? 15.350  2.612   -11.750 1.00 71.54 ? 298 ASN A HB2  1 
ATOM 1067 H HB3  . ASN A 1 67 ? 15.729  2.864   -13.452 1.00 54.15 ? 298 ASN A HB3  1 
ATOM 1068 H HD21 . ASN A 1 67 ? 17.069  1.245   -13.903 1.00 65.41 ? 298 ASN A HD21 1 
ATOM 1069 H HD22 . ASN A 1 67 ? 18.547  0.913   -13.071 1.00 33.01 ? 298 ASN A HD22 1 
# 
